data_4QMG
#
_entry.id   4QMG
#
_cell.length_a   121.830
_cell.length_b   65.715
_cell.length_c   135.841
_cell.angle_alpha   90.00
_cell.angle_beta   96.31
_cell.angle_gamma   90.00
#
_symmetry.space_group_name_H-M   'P 1 21 1'
#
loop_
_entity.id
_entity.type
_entity.pdbx_description
1 polymer 'Staphylococcal nuclease domain-containing protein 1'
2 polymer 'Protein LYRIC'
3 non-polymer 'SULFATE ION'
4 non-polymer 'CESIUM ION'
5 non-polymer GLYCEROL
6 water water
#
loop_
_entity_poly.entity_id
_entity_poly.type
_entity_poly.pdbx_seq_one_letter_code
_entity_poly.pdbx_strand_id
1 'polypeptide(L)'
;(MSE)VPTVQRGIIK(MSE)VLSGCAIIVRGQPRGGPPPERQINLSNIRAGNLARRAAATQPDAKDTPDEPWAFPAREFL
RKKLIGKEVCFTIENKTPQGREYG(MSE)IYLGKDTNGENIAESLVAEGLATRREG(MSE)RANNPEQNRLSECEEQAKA
AKKG(MSE)WSEGNGSHTIRDLKYTIENPRHFVDSHHQKPVNAIIEHVRDGSVVRALLLPDYYLVTV(MSE)LSGIKCPT
FRREADGSETPEPFAAEAKFFTESRLLQRDVQIILESCHNQNILGTILHPNGNITELLLKEGFARCVDWSIAVYTRGAEK
LRAAERFAKERRLRIWRDYVAPTANLDQK
;
A,B,C,D,E
2 'polypeptide(L)' STGNASDSSSDSSSSEGDGTVSSADPNSDWNAPAEEWGNWVDE F,G,H,I,J
#
# COMPACT_ATOMS: atom_id res chain seq x y z
N PRO A 3 -4.12 -36.78 6.47
CA PRO A 3 -4.67 -35.74 7.34
C PRO A 3 -4.98 -36.25 8.75
N THR A 4 -4.09 -37.07 9.29
CA THR A 4 -4.26 -37.60 10.63
C THR A 4 -3.65 -36.64 11.66
N VAL A 5 -4.48 -36.01 12.47
CA VAL A 5 -3.99 -35.18 13.57
C VAL A 5 -3.27 -36.04 14.62
N GLN A 6 -2.00 -35.78 14.96
CA GLN A 6 -1.36 -36.57 16.01
C GLN A 6 -0.96 -35.48 17.03
N ARG A 7 -0.78 -35.84 18.29
CA ARG A 7 -0.33 -34.88 19.31
C ARG A 7 1.18 -34.94 19.59
N GLY A 8 1.65 -33.98 20.38
CA GLY A 8 3.05 -33.91 20.76
C GLY A 8 3.47 -32.68 21.56
N ILE A 9 4.74 -32.64 21.97
CA ILE A 9 5.28 -31.53 22.73
C ILE A 9 6.58 -30.98 22.12
N ILE A 10 6.59 -29.67 21.86
CA ILE A 10 7.75 -29.02 21.23
C ILE A 10 9.01 -29.17 22.07
N LYS A 11 10.02 -29.85 21.51
CA LYS A 11 11.28 -30.03 22.19
C LYS A 11 12.24 -28.88 21.90
N VAL A 13 13.36 -25.72 18.50
CA VAL A 13 13.19 -25.14 17.18
C VAL A 13 14.52 -25.12 16.42
N LEU A 14 14.52 -25.68 15.22
CA LEU A 14 15.75 -25.84 14.44
C LEU A 14 15.96 -24.71 13.43
N SER A 15 17.06 -24.79 12.70
CA SER A 15 17.34 -23.84 11.62
C SER A 15 16.32 -23.98 10.51
N GLY A 16 16.03 -22.87 9.84
CA GLY A 16 15.01 -22.86 8.80
C GLY A 16 13.63 -23.08 9.39
N CYS A 17 13.52 -22.86 10.69
CA CYS A 17 12.29 -23.08 11.45
C CYS A 17 11.73 -24.48 11.28
N ALA A 18 12.61 -25.47 11.43
CA ALA A 18 12.17 -26.86 11.53
C ALA A 18 11.89 -27.16 12.99
N ILE A 19 11.04 -28.15 13.26
CA ILE A 19 10.60 -28.41 14.63
C ILE A 19 10.78 -29.87 15.06
N ILE A 20 11.37 -30.06 16.24
CA ILE A 20 11.45 -31.39 16.83
C ILE A 20 10.35 -31.56 17.87
N VAL A 21 9.52 -32.59 17.68
CA VAL A 21 8.40 -32.86 18.57
C VAL A 21 8.59 -34.20 19.29
N ARG A 22 8.19 -34.26 20.55
CA ARG A 22 8.34 -35.49 21.32
C ARG A 22 7.06 -35.91 22.01
N GLY A 23 6.95 -37.21 22.30
CA GLY A 23 5.90 -37.73 23.13
C GLY A 23 6.37 -37.71 24.57
N GLN A 24 5.57 -38.26 25.48
CA GLN A 24 5.93 -38.26 26.89
C GLN A 24 6.53 -39.61 27.30
N PRO A 25 7.44 -39.60 28.30
CA PRO A 25 8.14 -40.80 28.78
C PRO A 25 7.20 -41.96 29.15
N ARG A 26 7.09 -42.92 28.24
CA ARG A 26 6.36 -44.15 28.52
C ARG A 26 7.31 -45.34 28.45
N GLY A 27 8.24 -45.38 29.40
CA GLY A 27 9.28 -46.39 29.43
C GLY A 27 10.64 -45.76 29.54
N GLY A 28 11.34 -45.66 28.42
CA GLY A 28 12.66 -45.05 28.38
C GLY A 28 12.62 -43.67 27.73
N PRO A 29 13.52 -43.45 26.76
CA PRO A 29 13.59 -42.17 26.03
C PRO A 29 12.32 -41.89 25.23
N PRO A 30 11.77 -40.68 25.37
CA PRO A 30 10.59 -40.29 24.59
C PRO A 30 10.91 -40.18 23.10
N PRO A 31 9.97 -40.59 22.24
CA PRO A 31 10.16 -40.58 20.79
C PRO A 31 10.33 -39.17 20.24
N GLU A 32 11.19 -39.00 19.24
CA GLU A 32 11.40 -37.70 18.63
C GLU A 32 10.95 -37.67 17.18
N ARG A 33 10.55 -36.49 16.72
CA ARG A 33 10.07 -36.30 15.36
C ARG A 33 10.49 -34.94 14.82
N GLN A 34 11.32 -34.94 13.78
CA GLN A 34 11.64 -33.69 13.11
C GLN A 34 10.58 -33.38 12.05
N ILE A 35 9.92 -32.24 12.21
CA ILE A 35 8.87 -31.84 11.29
C ILE A 35 9.21 -30.52 10.61
N ASN A 36 9.41 -30.58 9.30
CA ASN A 36 9.59 -29.38 8.51
C ASN A 36 8.24 -28.79 8.14
N LEU A 37 8.15 -27.47 8.16
CA LEU A 37 6.89 -26.79 7.86
C LEU A 37 6.64 -26.74 6.37
N SER A 38 5.48 -27.26 5.94
CA SER A 38 5.13 -27.31 4.54
C SER A 38 4.82 -25.92 3.98
N ASN A 39 5.04 -25.76 2.67
CA ASN A 39 4.62 -24.58 1.91
C ASN A 39 5.35 -23.27 2.24
N ILE A 40 6.25 -23.29 3.22
CA ILE A 40 7.00 -22.08 3.55
C ILE A 40 8.50 -22.31 3.56
N ARG A 41 9.26 -21.22 3.47
CA ARG A 41 10.72 -21.29 3.52
C ARG A 41 11.28 -20.17 4.40
N ALA A 42 11.84 -20.55 5.55
CA ALA A 42 12.44 -19.59 6.46
C ALA A 42 13.95 -19.55 6.26
N GLY A 43 14.57 -18.47 6.74
CA GLY A 43 16.01 -18.29 6.60
C GLY A 43 16.81 -19.34 7.36
N ASN A 44 18.05 -19.55 6.93
CA ASN A 44 18.92 -20.53 7.57
C ASN A 44 19.79 -19.92 8.66
N LEU A 45 19.85 -20.59 9.80
CA LEU A 45 20.67 -20.14 10.91
C LEU A 45 22.15 -20.30 10.60
N ALA A 46 22.99 -19.64 11.39
CA ALA A 46 24.43 -19.79 11.26
C ALA A 46 24.82 -21.23 11.55
N ARG A 47 25.80 -21.75 10.80
CA ARG A 47 26.27 -23.10 11.01
C ARG A 47 27.77 -23.11 11.21
N ARG A 48 28.25 -24.00 12.07
CA ARG A 48 29.68 -24.20 12.23
C ARG A 48 30.06 -25.51 11.54
N ALA A 49 31.10 -25.46 10.72
CA ALA A 49 31.53 -26.61 9.94
C ALA A 49 31.86 -27.80 10.83
N ALA A 50 31.36 -28.97 10.44
CA ALA A 50 31.61 -30.19 11.20
C ALA A 50 33.05 -30.65 11.01
N ALA A 51 33.60 -31.31 12.02
CA ALA A 51 34.94 -31.87 11.93
C ALA A 51 34.98 -33.00 10.91
N THR A 52 33.80 -33.57 10.64
CA THR A 52 33.65 -34.61 9.63
C THR A 52 33.99 -34.06 8.25
N GLN A 53 33.58 -32.82 8.00
CA GLN A 53 33.88 -32.15 6.73
C GLN A 53 34.85 -30.99 6.98
N PRO A 54 36.16 -31.27 6.89
CA PRO A 54 37.23 -30.33 7.24
C PRO A 54 37.44 -29.21 6.23
N ASP A 55 37.04 -29.43 4.98
CA ASP A 55 37.21 -28.41 3.95
C ASP A 55 36.05 -27.42 3.94
N ALA A 56 34.96 -27.77 4.62
CA ALA A 56 33.82 -26.88 4.75
C ALA A 56 34.11 -25.80 5.78
N LYS A 57 33.43 -24.66 5.67
CA LYS A 57 33.67 -23.54 6.56
C LYS A 57 32.36 -23.00 7.13
N ASP A 58 32.44 -22.30 8.25
CA ASP A 58 31.29 -21.73 8.94
C ASP A 58 30.56 -20.69 8.09
N THR A 59 29.27 -20.91 7.83
CA THR A 59 28.48 -19.89 7.13
C THR A 59 27.66 -19.12 8.17
N PRO A 60 27.42 -17.83 7.93
CA PRO A 60 26.70 -16.97 8.88
C PRO A 60 25.18 -17.14 8.81
N ASP A 61 24.47 -16.26 9.52
CA ASP A 61 23.01 -16.23 9.48
C ASP A 61 22.50 -15.61 8.20
N GLU A 62 21.44 -16.17 7.65
CA GLU A 62 20.68 -15.49 6.61
C GLU A 62 19.84 -14.42 7.31
N PRO A 63 19.56 -13.31 6.62
CA PRO A 63 18.73 -12.26 7.21
C PRO A 63 17.38 -12.78 7.71
N TRP A 64 17.01 -12.37 8.93
CA TRP A 64 15.75 -12.74 9.55
C TRP A 64 15.61 -14.23 9.82
N ALA A 65 16.74 -14.94 9.88
CA ALA A 65 16.72 -16.36 10.22
C ALA A 65 16.66 -16.54 11.73
N PHE A 66 17.48 -15.79 12.44
CA PHE A 66 17.50 -15.84 13.90
C PHE A 66 16.23 -15.25 14.54
N PRO A 67 15.73 -14.10 14.03
CA PRO A 67 14.44 -13.64 14.56
C PRO A 67 13.32 -14.66 14.32
N ALA A 68 13.41 -15.40 13.21
CA ALA A 68 12.43 -16.43 12.89
C ALA A 68 12.49 -17.56 13.92
N ARG A 69 13.70 -17.97 14.26
CA ARG A 69 13.90 -19.02 15.26
C ARG A 69 13.41 -18.55 16.63
N GLU A 70 13.77 -17.31 16.97
CA GLU A 70 13.40 -16.73 18.26
C GLU A 70 11.90 -16.54 18.39
N PHE A 71 11.24 -16.27 17.26
CA PHE A 71 9.80 -16.12 17.23
C PHE A 71 9.11 -17.39 17.68
N LEU A 72 9.49 -18.51 17.06
CA LEU A 72 8.90 -19.81 17.40
C LEU A 72 9.32 -20.27 18.78
N ARG A 73 10.56 -19.97 19.15
CA ARG A 73 11.09 -20.39 20.44
C ARG A 73 10.30 -19.79 21.60
N LYS A 74 9.91 -18.53 21.44
CA LYS A 74 9.15 -17.83 22.47
C LYS A 74 7.73 -18.35 22.57
N LYS A 75 7.21 -18.87 21.45
CA LYS A 75 5.80 -19.24 21.36
C LYS A 75 5.55 -20.74 21.48
N LEU A 76 6.56 -21.56 21.18
CA LEU A 76 6.35 -23.00 21.07
C LEU A 76 7.02 -23.82 22.18
N ILE A 77 8.17 -23.38 22.65
CA ILE A 77 8.98 -24.18 23.59
C ILE A 77 8.21 -24.59 24.84
N GLY A 78 8.08 -25.90 25.03
CA GLY A 78 7.41 -26.45 26.20
C GLY A 78 5.91 -26.60 26.01
N LYS A 79 5.40 -26.08 24.90
CA LYS A 79 3.96 -26.09 24.64
C LYS A 79 3.50 -27.37 23.98
N GLU A 80 2.24 -27.74 24.24
CA GLU A 80 1.62 -28.87 23.56
C GLU A 80 1.07 -28.43 22.20
N VAL A 81 1.39 -29.20 21.16
CA VAL A 81 0.91 -28.89 19.82
C VAL A 81 0.28 -30.12 19.17
N CYS A 82 -0.54 -29.88 18.16
CA CYS A 82 -1.03 -30.96 17.31
C CYS A 82 -0.50 -30.74 15.90
N PHE A 83 -0.31 -31.82 15.16
CA PHE A 83 0.29 -31.73 13.84
C PHE A 83 -0.19 -32.82 12.89
N THR A 84 -0.17 -32.52 11.60
CA THR A 84 -0.50 -33.49 10.57
C THR A 84 0.62 -33.55 9.55
N ILE A 85 0.99 -34.75 9.13
CA ILE A 85 2.04 -34.93 8.14
C ILE A 85 1.47 -34.94 6.73
N GLU A 86 1.98 -34.04 5.89
CA GLU A 86 1.51 -33.91 4.52
C GLU A 86 2.32 -34.76 3.56
N ASN A 87 3.64 -34.83 3.78
CA ASN A 87 4.53 -35.56 2.90
C ASN A 87 5.72 -36.12 3.66
N LYS A 88 6.27 -37.23 3.15
CA LYS A 88 7.42 -37.89 3.75
C LYS A 88 8.39 -38.36 2.66
N THR A 89 9.41 -37.57 2.39
CA THR A 89 10.40 -37.89 1.36
C THR A 89 11.05 -39.25 1.61
N PRO A 90 11.45 -39.95 0.54
CA PRO A 90 12.06 -41.28 0.65
C PRO A 90 13.32 -41.29 1.51
N GLN A 91 13.95 -40.14 1.72
CA GLN A 91 15.13 -40.07 2.58
C GLN A 91 14.75 -39.80 4.04
N GLY A 92 13.47 -40.00 4.36
CA GLY A 92 13.03 -39.96 5.75
C GLY A 92 12.52 -38.63 6.26
N ARG A 93 12.75 -37.56 5.50
CA ARG A 93 12.33 -36.23 5.93
C ARG A 93 10.82 -36.06 5.87
N GLU A 94 10.24 -35.57 6.97
CA GLU A 94 8.80 -35.37 7.04
C GLU A 94 8.43 -33.89 6.89
N TYR A 95 7.34 -33.65 6.18
CA TYR A 95 6.82 -32.30 6.00
C TYR A 95 5.36 -32.25 6.42
N GLY A 96 4.97 -31.21 7.15
CA GLY A 96 3.60 -31.10 7.63
C GLY A 96 3.21 -29.74 8.17
N ILE A 98 1.88 -27.54 11.72
CA ILE A 98 1.89 -27.55 13.18
C ILE A 98 0.91 -26.53 13.75
N TYR A 99 0.08 -26.97 14.69
CA TYR A 99 -0.94 -26.11 15.29
C TYR A 99 -0.76 -25.97 16.79
N LEU A 100 -0.92 -24.75 17.29
CA LEU A 100 -0.87 -24.49 18.73
C LEU A 100 -2.20 -24.83 19.40
N GLY A 101 -2.20 -25.89 20.20
CA GLY A 101 -3.41 -26.31 20.91
C GLY A 101 -3.66 -27.80 20.86
N LYS A 102 -4.94 -28.17 20.79
CA LYS A 102 -5.33 -29.58 20.77
C LYS A 102 -6.11 -29.94 19.51
N ASP A 103 -6.55 -28.93 18.77
CA ASP A 103 -7.28 -29.15 17.53
C ASP A 103 -6.62 -28.43 16.36
N THR A 104 -6.94 -28.85 15.15
CA THR A 104 -6.28 -28.34 13.95
C THR A 104 -6.77 -26.95 13.52
N ASN A 105 -7.72 -26.41 14.26
CA ASN A 105 -8.22 -25.07 13.98
C ASN A 105 -7.57 -24.02 14.86
N GLY A 106 -6.54 -24.43 15.59
CA GLY A 106 -5.77 -23.53 16.42
C GLY A 106 -4.84 -22.67 15.59
N GLU A 107 -3.86 -22.04 16.24
CA GLU A 107 -2.94 -21.17 15.54
C GLU A 107 -2.00 -21.95 14.63
N ASN A 108 -2.08 -21.67 13.33
CA ASN A 108 -1.20 -22.30 12.35
C ASN A 108 0.18 -21.64 12.38
N ILE A 109 1.18 -22.43 12.75
CA ILE A 109 2.55 -21.91 12.92
C ILE A 109 3.12 -21.33 11.64
N ALA A 110 2.93 -22.03 10.53
CA ALA A 110 3.40 -21.57 9.23
C ALA A 110 2.80 -20.23 8.87
N GLU A 111 1.51 -20.07 9.14
CA GLU A 111 0.81 -18.82 8.87
C GLU A 111 1.35 -17.69 9.74
N SER A 112 1.64 -17.99 11.00
CA SER A 112 2.15 -17.01 11.94
C SER A 112 3.51 -16.46 11.48
N LEU A 113 4.35 -17.34 10.96
CA LEU A 113 5.66 -16.94 10.44
C LEU A 113 5.52 -16.01 9.25
N VAL A 114 4.73 -16.44 8.26
CA VAL A 114 4.53 -15.66 7.05
C VAL A 114 3.84 -14.32 7.35
N ALA A 115 2.94 -14.33 8.33
CA ALA A 115 2.20 -13.12 8.68
C ALA A 115 3.10 -12.04 9.27
N GLU A 116 4.26 -12.44 9.78
CA GLU A 116 5.17 -11.49 10.41
C GLU A 116 6.45 -11.28 9.60
N GLY A 117 6.42 -11.72 8.34
CA GLY A 117 7.55 -11.55 7.45
C GLY A 117 8.81 -12.28 7.90
N LEU A 118 8.62 -13.47 8.45
CA LEU A 118 9.74 -14.26 8.95
C LEU A 118 9.92 -15.53 8.11
N ALA A 119 9.04 -15.70 7.13
CA ALA A 119 9.10 -16.83 6.21
C ALA A 119 8.29 -16.53 4.97
N THR A 120 8.78 -16.93 3.81
CA THR A 120 8.11 -16.65 2.55
C THR A 120 7.48 -17.91 1.96
N ARG A 121 6.50 -17.70 1.07
CA ARG A 121 5.86 -18.79 0.36
C ARG A 121 6.82 -19.48 -0.60
N ARG A 122 6.76 -20.81 -0.66
CA ARG A 122 7.50 -21.55 -1.66
C ARG A 122 6.82 -21.40 -3.01
N GLU A 123 7.61 -21.16 -4.05
CA GLU A 123 7.07 -20.98 -5.40
C GLU A 123 6.41 -22.25 -5.91
N GLY A 124 5.08 -22.25 -5.94
CA GLY A 124 4.33 -23.38 -6.47
C GLY A 124 4.03 -23.17 -7.94
N ARG A 126 1.72 -25.12 -9.57
CA ARG A 126 0.30 -25.40 -9.76
C ARG A 126 -0.55 -24.31 -9.10
N ALA A 127 -1.84 -24.58 -8.97
CA ALA A 127 -2.76 -23.64 -8.34
C ALA A 127 -2.79 -23.84 -6.83
N ASN A 128 -3.00 -22.75 -6.10
CA ASN A 128 -3.01 -22.81 -4.64
C ASN A 128 -4.20 -23.57 -4.08
N ASN A 129 -3.91 -24.48 -3.16
CA ASN A 129 -4.95 -25.17 -2.40
C ASN A 129 -5.53 -24.19 -1.37
N PRO A 130 -6.60 -24.61 -0.65
CA PRO A 130 -7.11 -23.72 0.41
C PRO A 130 -6.04 -23.23 1.40
N GLU A 131 -5.09 -24.10 1.73
CA GLU A 131 -4.05 -23.74 2.70
C GLU A 131 -3.03 -22.76 2.13
N GLN A 132 -2.65 -22.97 0.87
CA GLN A 132 -1.66 -22.10 0.22
C GLN A 132 -2.21 -20.71 -0.06
N ASN A 133 -3.53 -20.60 -0.10
CA ASN A 133 -4.17 -19.31 -0.35
C ASN A 133 -4.07 -18.34 0.83
N ARG A 134 -4.22 -18.85 2.04
CA ARG A 134 -4.13 -18.00 3.22
C ARG A 134 -2.70 -17.55 3.49
N LEU A 135 -1.74 -18.40 3.15
CA LEU A 135 -0.34 -18.04 3.23
C LEU A 135 -0.04 -16.85 2.33
N SER A 136 -0.78 -16.76 1.23
CA SER A 136 -0.67 -15.62 0.32
C SER A 136 -1.22 -14.37 0.96
N GLU A 137 -2.37 -14.51 1.63
CA GLU A 137 -2.99 -13.38 2.33
C GLU A 137 -2.10 -12.89 3.47
N CYS A 138 -1.55 -13.84 4.23
CA CYS A 138 -0.63 -13.50 5.32
C CYS A 138 0.60 -12.79 4.78
N GLU A 139 1.08 -13.23 3.62
CA GLU A 139 2.28 -12.66 3.01
C GLU A 139 2.03 -11.25 2.50
N GLU A 140 0.87 -11.02 1.90
CA GLU A 140 0.51 -9.70 1.39
C GLU A 140 0.28 -8.71 2.53
N GLN A 141 -0.35 -9.19 3.61
CA GLN A 141 -0.58 -8.36 4.78
C GLN A 141 0.75 -7.97 5.42
N ALA A 142 1.72 -8.88 5.36
CA ALA A 142 3.04 -8.63 5.91
C ALA A 142 3.83 -7.65 5.04
N LYS A 143 3.69 -7.79 3.72
CA LYS A 143 4.36 -6.88 2.80
C LYS A 143 3.78 -5.47 2.91
N ALA A 144 2.46 -5.39 3.08
CA ALA A 144 1.79 -4.11 3.23
C ALA A 144 2.23 -3.41 4.52
N ALA A 145 2.33 -4.19 5.59
CA ALA A 145 2.74 -3.66 6.89
C ALA A 145 4.26 -3.50 6.96
N LYS A 146 4.94 -4.04 5.96
CA LYS A 146 6.40 -3.97 5.86
C LYS A 146 7.06 -4.60 7.09
N LYS A 147 6.67 -5.83 7.40
CA LYS A 147 7.21 -6.57 8.53
C LYS A 147 8.39 -7.44 8.14
N GLY A 148 9.36 -7.54 9.04
CA GLY A 148 10.49 -8.46 8.87
C GLY A 148 11.26 -8.29 7.58
N TRP A 150 10.21 -7.84 4.75
CA TRP A 150 9.57 -6.86 3.89
C TRP A 150 9.83 -5.44 4.36
N SER A 151 10.70 -5.31 5.35
CA SER A 151 11.11 -3.99 5.83
C SER A 151 12.07 -3.37 4.82
N GLU A 152 12.38 -2.09 5.02
CA GLU A 152 13.26 -1.38 4.11
C GLU A 152 14.73 -1.62 4.45
N GLY A 153 15.45 -2.26 3.53
CA GLY A 153 16.88 -2.46 3.70
C GLY A 153 17.33 -3.90 3.65
N ASN A 154 18.57 -4.13 4.08
CA ASN A 154 19.19 -5.45 4.06
C ASN A 154 18.50 -6.45 4.99
N GLY A 155 18.36 -6.06 6.24
CA GLY A 155 17.97 -6.98 7.29
C GLY A 155 19.23 -7.63 7.82
N SER A 156 20.36 -7.02 7.50
CA SER A 156 21.67 -7.52 7.91
C SER A 156 21.90 -7.29 9.40
N HIS A 157 21.08 -6.43 9.99
CA HIS A 157 21.16 -6.16 11.43
C HIS A 157 20.59 -7.33 12.23
N THR A 158 19.91 -8.24 11.54
CA THR A 158 19.36 -9.44 12.17
C THR A 158 20.35 -10.60 12.10
N ILE A 159 21.49 -10.35 11.49
CA ILE A 159 22.55 -11.36 11.40
C ILE A 159 23.49 -11.25 12.59
N ARG A 160 23.50 -12.26 13.44
CA ARG A 160 24.34 -12.27 14.63
C ARG A 160 25.83 -12.32 14.30
N ASP A 161 26.62 -11.54 15.03
CA ASP A 161 28.07 -11.68 14.97
C ASP A 161 28.46 -12.82 15.90
N LEU A 162 28.16 -14.04 15.49
CA LEU A 162 28.37 -15.22 16.34
C LEU A 162 29.85 -15.42 16.68
N LYS A 163 30.09 -15.67 17.97
CA LYS A 163 31.44 -15.87 18.46
C LYS A 163 31.53 -17.21 19.18
N TYR A 164 32.26 -18.16 18.59
CA TYR A 164 32.34 -19.51 19.13
C TYR A 164 33.46 -19.65 20.15
N THR A 165 34.27 -18.60 20.30
CA THR A 165 35.33 -18.58 21.30
C THR A 165 35.39 -17.24 22.02
N ILE A 166 36.13 -17.19 23.12
CA ILE A 166 36.34 -15.95 23.85
C ILE A 166 37.84 -15.63 23.92
N GLU A 167 38.19 -14.37 23.70
CA GLU A 167 39.58 -13.92 23.75
C GLU A 167 40.25 -14.30 25.06
N ASN A 168 39.69 -13.80 26.17
CA ASN A 168 40.22 -14.08 27.49
C ASN A 168 39.08 -14.41 28.45
N PRO A 169 38.82 -15.70 28.66
CA PRO A 169 37.73 -16.20 29.50
C PRO A 169 37.74 -15.63 30.91
N ARG A 170 38.92 -15.56 31.53
CA ARG A 170 39.04 -15.07 32.90
C ARG A 170 38.57 -13.62 33.00
N HIS A 171 39.00 -12.79 32.05
CA HIS A 171 38.61 -11.38 32.04
C HIS A 171 37.13 -11.22 31.74
N PHE A 172 36.62 -12.00 30.79
CA PHE A 172 35.23 -11.92 30.40
C PHE A 172 34.30 -12.27 31.56
N VAL A 173 34.69 -13.26 32.35
CA VAL A 173 33.89 -13.68 33.50
C VAL A 173 34.00 -12.67 34.64
N ASP A 174 35.22 -12.22 34.92
CA ASP A 174 35.47 -11.28 36.00
C ASP A 174 34.84 -9.91 35.72
N SER A 175 34.71 -9.56 34.46
CA SER A 175 34.16 -8.26 34.07
C SER A 175 32.67 -8.14 34.35
N HIS A 176 32.01 -9.28 34.55
CA HIS A 176 30.58 -9.29 34.81
C HIS A 176 30.29 -9.24 36.31
N HIS A 177 31.31 -9.49 37.12
CA HIS A 177 31.22 -9.40 38.57
C HIS A 177 30.07 -10.22 39.15
N GLN A 178 29.88 -11.42 38.58
CA GLN A 178 28.86 -12.36 39.02
C GLN A 178 27.44 -11.80 38.91
N LYS A 179 27.26 -10.79 38.08
CA LYS A 179 25.92 -10.30 37.75
C LYS A 179 25.31 -11.22 36.69
N PRO A 180 24.07 -11.66 36.92
CA PRO A 180 23.37 -12.59 36.02
C PRO A 180 23.37 -12.12 34.57
N VAL A 181 23.65 -13.04 33.65
CA VAL A 181 23.71 -12.72 32.23
C VAL A 181 22.55 -13.38 31.48
N ASN A 182 21.85 -12.59 30.67
CA ASN A 182 20.79 -13.12 29.82
C ASN A 182 21.36 -14.10 28.81
N ALA A 183 20.75 -15.29 28.74
CA ALA A 183 21.28 -16.34 27.87
C ALA A 183 20.20 -17.28 27.38
N ILE A 184 20.54 -18.06 26.35
CA ILE A 184 19.66 -19.11 25.84
C ILE A 184 20.40 -20.44 25.84
N ILE A 185 19.79 -21.45 26.45
CA ILE A 185 20.39 -22.78 26.48
C ILE A 185 20.13 -23.51 25.16
N GLU A 186 21.15 -23.52 24.29
CA GLU A 186 20.99 -24.05 22.94
C GLU A 186 21.07 -25.57 22.88
N HIS A 187 21.94 -26.15 23.71
N HIS A 187 21.93 -26.15 23.71
CA HIS A 187 22.13 -27.60 23.71
CA HIS A 187 22.16 -27.59 23.69
C HIS A 187 22.41 -28.12 25.11
C HIS A 187 22.48 -28.14 25.09
N VAL A 188 22.19 -29.42 25.29
CA VAL A 188 22.48 -30.08 26.56
C VAL A 188 23.37 -31.30 26.32
N ARG A 189 24.65 -31.18 26.67
CA ARG A 189 25.59 -32.27 26.49
C ARG A 189 25.26 -33.41 27.45
N ASP A 190 25.28 -33.10 28.74
CA ASP A 190 24.68 -33.98 29.74
C ASP A 190 23.99 -33.12 30.79
N GLY A 191 23.60 -33.74 31.90
CA GLY A 191 22.80 -33.07 32.92
C GLY A 191 23.36 -31.77 33.48
N SER A 192 24.68 -31.67 33.56
CA SER A 192 25.30 -30.52 34.22
C SER A 192 26.17 -29.67 33.30
N VAL A 193 26.25 -30.03 32.02
CA VAL A 193 26.98 -29.20 31.06
C VAL A 193 26.13 -28.88 29.85
N VAL A 194 26.01 -27.60 29.53
CA VAL A 194 25.17 -27.13 28.45
C VAL A 194 25.92 -26.18 27.52
N ARG A 195 25.34 -25.95 26.34
CA ARG A 195 25.83 -24.93 25.43
C ARG A 195 24.88 -23.73 25.48
N ALA A 196 25.42 -22.58 25.88
CA ALA A 196 24.59 -21.40 26.06
C ALA A 196 24.96 -20.28 25.09
N LEU A 197 23.93 -19.56 24.63
CA LEU A 197 24.13 -18.38 23.81
C LEU A 197 24.01 -17.13 24.68
N LEU A 198 25.13 -16.46 24.89
CA LEU A 198 25.18 -15.30 25.78
C LEU A 198 24.75 -14.01 25.08
N LEU A 199 23.92 -13.24 25.76
CA LEU A 199 23.49 -11.94 25.25
C LEU A 199 24.26 -10.84 26.00
N PRO A 200 24.42 -9.66 25.38
CA PRO A 200 23.88 -9.21 24.08
C PRO A 200 24.84 -9.36 22.89
N ASP A 201 26.02 -9.92 23.08
CA ASP A 201 27.00 -9.98 21.99
C ASP A 201 27.12 -11.37 21.36
N TYR A 202 26.16 -12.24 21.66
CA TYR A 202 26.02 -13.54 21.01
C TYR A 202 27.27 -14.41 21.12
N TYR A 203 27.67 -14.70 22.35
CA TYR A 203 28.73 -15.66 22.62
C TYR A 203 28.16 -17.06 22.80
N LEU A 204 28.62 -18.00 21.97
CA LEU A 204 28.21 -19.39 22.13
C LEU A 204 29.26 -20.13 22.94
N VAL A 205 28.93 -20.39 24.21
CA VAL A 205 29.91 -20.95 25.14
C VAL A 205 29.43 -22.25 25.79
N THR A 206 30.38 -22.98 26.36
CA THR A 206 30.08 -24.18 27.12
C THR A 206 30.01 -23.84 28.61
N VAL A 207 28.88 -24.15 29.24
CA VAL A 207 28.69 -23.86 30.66
C VAL A 207 28.53 -25.12 31.48
N LEU A 209 27.79 -26.61 35.33
CA LEU A 209 27.21 -26.25 36.61
C LEU A 209 28.23 -26.35 37.73
N SER A 210 28.31 -25.32 38.56
CA SER A 210 29.27 -25.26 39.63
C SER A 210 28.89 -26.18 40.79
N GLY A 211 29.87 -26.89 41.32
CA GLY A 211 29.70 -27.67 42.53
C GLY A 211 29.11 -29.06 42.35
N ILE A 212 28.68 -29.39 41.14
CA ILE A 212 28.08 -30.69 40.89
C ILE A 212 28.62 -31.36 39.63
N LYS A 213 28.25 -32.62 39.45
CA LYS A 213 28.59 -33.38 38.24
C LYS A 213 27.55 -34.46 37.98
N CYS A 214 27.00 -34.48 36.77
CA CYS A 214 26.06 -35.51 36.37
C CYS A 214 26.81 -36.64 35.69
N PRO A 215 26.22 -37.85 35.66
CA PRO A 215 26.80 -38.94 34.88
C PRO A 215 26.90 -38.55 33.41
N THR A 216 28.02 -38.85 32.78
CA THR A 216 28.27 -38.39 31.43
C THR A 216 28.44 -39.54 30.44
N PHE A 217 28.71 -39.16 29.20
CA PHE A 217 29.01 -40.10 28.13
C PHE A 217 30.49 -39.96 27.79
N ARG A 218 31.16 -41.05 27.47
CA ARG A 218 32.52 -40.94 26.95
C ARG A 218 32.76 -41.92 25.79
N ARG A 219 32.68 -41.36 24.59
CA ARG A 219 32.72 -42.08 23.31
C ARG A 219 31.75 -43.23 23.40
N THR A 226 28.45 -46.68 26.07
CA THR A 226 29.06 -45.38 26.36
C THR A 226 28.39 -44.50 27.42
N PRO A 227 27.07 -44.66 27.66
CA PRO A 227 26.58 -43.81 28.74
C PRO A 227 26.80 -44.43 30.11
N GLU A 228 27.02 -43.60 31.12
CA GLU A 228 27.12 -44.06 32.50
C GLU A 228 25.70 -44.23 33.07
N PRO A 229 25.58 -44.92 34.22
CA PRO A 229 24.26 -45.04 34.85
C PRO A 229 23.57 -43.70 35.09
N PHE A 230 22.33 -43.59 34.62
CA PHE A 230 21.50 -42.39 34.78
C PHE A 230 22.08 -41.16 34.08
N ALA A 231 22.85 -41.39 33.03
CA ALA A 231 23.39 -40.29 32.23
C ALA A 231 22.33 -39.75 31.28
N ALA A 232 21.69 -40.65 30.55
CA ALA A 232 20.66 -40.29 29.58
C ALA A 232 19.43 -39.70 30.27
N GLU A 233 19.14 -40.20 31.47
CA GLU A 233 18.00 -39.71 32.24
C GLU A 233 18.25 -38.30 32.75
N ALA A 234 19.44 -38.07 33.29
CA ALA A 234 19.82 -36.76 33.82
C ALA A 234 19.87 -35.72 32.71
N LYS A 235 20.35 -36.13 31.54
CA LYS A 235 20.39 -35.24 30.38
C LYS A 235 18.98 -34.82 29.99
N PHE A 236 18.05 -35.77 30.02
CA PHE A 236 16.66 -35.49 29.70
C PHE A 236 16.01 -34.60 30.77
N PHE A 237 16.44 -34.80 32.01
CA PHE A 237 15.92 -34.01 33.12
C PHE A 237 16.25 -32.53 32.93
N THR A 238 17.45 -32.25 32.46
CA THR A 238 17.88 -30.88 32.20
C THR A 238 17.29 -30.38 30.88
N GLU A 239 17.25 -31.27 29.89
CA GLU A 239 16.72 -30.93 28.57
C GLU A 239 15.24 -30.55 28.61
N SER A 240 14.46 -31.31 29.38
CA SER A 240 13.02 -31.11 29.42
C SER A 240 12.61 -29.86 30.21
N ARG A 241 13.60 -29.14 30.73
CA ARG A 241 13.33 -27.96 31.55
C ARG A 241 14.02 -26.70 31.04
N LEU A 242 15.17 -26.87 30.39
CA LEU A 242 16.00 -25.72 30.06
C LEU A 242 16.37 -25.58 28.58
N LEU A 243 16.16 -26.64 27.79
CA LEU A 243 16.54 -26.60 26.37
C LEU A 243 15.78 -25.52 25.61
N GLN A 244 16.54 -24.61 25.02
CA GLN A 244 16.00 -23.45 24.30
C GLN A 244 15.08 -22.59 25.18
N ARG A 245 15.36 -22.58 26.48
CA ARG A 245 14.66 -21.70 27.39
C ARG A 245 15.45 -20.42 27.65
N ASP A 246 14.74 -19.32 27.83
CA ASP A 246 15.38 -18.09 28.29
C ASP A 246 15.78 -18.25 29.75
N VAL A 247 17.06 -18.04 30.03
CA VAL A 247 17.56 -18.16 31.39
C VAL A 247 18.50 -17.03 31.72
N GLN A 248 18.90 -16.96 32.99
CA GLN A 248 19.98 -16.06 33.40
C GLN A 248 21.12 -16.90 33.97
N ILE A 249 22.34 -16.59 33.56
CA ILE A 249 23.51 -17.36 34.00
C ILE A 249 24.48 -16.49 34.77
N ILE A 250 24.84 -16.96 35.97
CA ILE A 250 25.89 -16.31 36.74
C ILE A 250 27.24 -16.85 36.31
N LEU A 251 28.04 -16.01 35.67
CA LEU A 251 29.39 -16.42 35.27
C LEU A 251 30.30 -16.39 36.48
N GLU A 252 30.54 -17.56 37.06
CA GLU A 252 31.24 -17.67 38.34
C GLU A 252 32.73 -17.92 38.18
N SER A 253 33.10 -18.72 37.19
CA SER A 253 34.51 -18.99 36.91
C SER A 253 34.70 -19.61 35.53
N CYS A 254 35.89 -20.14 35.28
CA CYS A 254 36.19 -20.76 34.01
C CYS A 254 37.43 -21.65 34.08
N HIS A 255 37.45 -22.69 33.25
CA HIS A 255 38.66 -23.47 33.03
C HIS A 255 38.85 -23.62 31.53
N ASN A 256 39.86 -22.93 31.00
CA ASN A 256 40.05 -22.77 29.56
C ASN A 256 38.82 -22.10 28.94
N GLN A 257 38.25 -22.73 27.93
CA GLN A 257 37.07 -22.16 27.26
C GLN A 257 35.78 -22.52 27.99
N ASN A 258 35.82 -23.57 28.81
CA ASN A 258 34.66 -23.96 29.61
C ASN A 258 34.39 -22.96 30.73
N ILE A 259 33.13 -22.57 30.85
CA ILE A 259 32.75 -21.59 31.88
C ILE A 259 31.95 -22.25 33.01
N LEU A 260 32.43 -22.10 34.23
CA LEU A 260 31.72 -22.59 35.40
C LEU A 260 30.69 -21.56 35.85
N GLY A 261 29.45 -21.99 36.02
CA GLY A 261 28.39 -21.06 36.39
C GLY A 261 27.15 -21.69 36.99
N THR A 262 26.12 -20.87 37.12
CA THR A 262 24.84 -21.30 37.69
C THR A 262 23.69 -20.76 36.85
N ILE A 263 22.73 -21.63 36.54
CA ILE A 263 21.61 -21.24 35.68
C ILE A 263 20.39 -20.89 36.50
N LEU A 264 19.86 -19.68 36.28
CA LEU A 264 18.71 -19.19 37.02
C LEU A 264 17.44 -19.22 36.17
N HIS A 265 16.35 -19.70 36.76
CA HIS A 265 15.06 -19.76 36.09
C HIS A 265 13.94 -19.68 37.12
N PRO A 266 12.87 -18.93 36.80
CA PRO A 266 11.72 -18.71 37.70
C PRO A 266 11.14 -20.00 38.29
N ASN A 267 11.28 -21.12 37.60
CA ASN A 267 10.73 -22.38 38.07
C ASN A 267 11.67 -23.11 39.04
N GLY A 268 12.91 -22.65 39.15
CA GLY A 268 13.83 -23.21 40.12
C GLY A 268 15.27 -23.32 39.68
N ASN A 269 16.12 -23.75 40.62
CA ASN A 269 17.54 -23.96 40.36
C ASN A 269 17.80 -25.40 39.91
N ILE A 270 18.27 -25.55 38.67
CA ILE A 270 18.49 -26.88 38.11
C ILE A 270 19.61 -27.63 38.86
N THR A 271 20.52 -26.88 39.46
CA THR A 271 21.63 -27.46 40.21
C THR A 271 21.11 -28.16 41.47
N GLU A 272 20.22 -27.49 42.20
CA GLU A 272 19.61 -28.09 43.38
C GLU A 272 18.68 -29.24 43.00
N LEU A 273 17.93 -29.05 41.91
CA LEU A 273 16.97 -30.04 41.45
C LEU A 273 17.67 -31.34 41.06
N LEU A 274 18.75 -31.24 40.30
CA LEU A 274 19.52 -32.41 39.90
C LEU A 274 20.02 -33.20 41.10
N LEU A 275 20.51 -32.48 42.11
CA LEU A 275 21.00 -33.10 43.33
C LEU A 275 19.89 -33.79 44.10
N LYS A 276 18.75 -33.09 44.22
CA LYS A 276 17.62 -33.60 45.00
C LYS A 276 16.97 -34.80 44.33
N GLU A 277 17.09 -34.87 43.01
CA GLU A 277 16.54 -36.00 42.26
C GLU A 277 17.52 -37.16 42.26
N GLY A 278 18.75 -36.90 42.67
CA GLY A 278 19.79 -37.91 42.68
C GLY A 278 20.40 -38.11 41.30
N PHE A 279 20.25 -37.10 40.45
CA PHE A 279 20.81 -37.16 39.10
C PHE A 279 22.23 -36.58 39.08
N ALA A 280 22.69 -36.10 40.22
CA ALA A 280 24.02 -35.51 40.32
C ALA A 280 24.54 -35.57 41.76
N ARG A 281 25.85 -35.44 41.90
CA ARG A 281 26.48 -35.41 43.22
C ARG A 281 27.32 -34.15 43.38
N CYS A 282 27.57 -33.77 44.62
CA CYS A 282 28.42 -32.62 44.90
C CYS A 282 29.88 -32.96 44.63
N VAL A 283 30.59 -32.03 43.99
CA VAL A 283 32.02 -32.19 43.77
C VAL A 283 32.77 -31.03 44.42
N ASP A 284 33.86 -31.36 45.10
CA ASP A 284 34.55 -30.38 45.95
C ASP A 284 35.55 -29.49 45.22
N TRP A 285 35.90 -29.86 43.99
CA TRP A 285 36.91 -29.09 43.25
C TRP A 285 36.34 -27.76 42.77
N SER A 286 35.02 -27.69 42.62
CA SER A 286 34.38 -26.49 42.06
C SER A 286 33.28 -25.92 42.96
N ILE A 287 33.06 -26.54 44.11
CA ILE A 287 31.96 -26.14 44.98
C ILE A 287 32.20 -24.75 45.59
N ALA A 288 33.45 -24.30 45.58
CA ALA A 288 33.80 -23.02 46.16
C ALA A 288 33.34 -21.85 45.27
N VAL A 289 33.14 -22.12 44.00
CA VAL A 289 32.76 -21.07 43.06
C VAL A 289 31.24 -20.94 42.94
N TYR A 290 30.51 -21.86 43.58
CA TYR A 290 29.06 -21.76 43.63
C TYR A 290 28.66 -20.61 44.57
N THR A 291 28.07 -19.57 44.00
CA THR A 291 27.83 -18.33 44.72
C THR A 291 26.47 -18.26 45.41
N ARG A 292 25.64 -19.28 45.21
CA ARG A 292 24.29 -19.27 45.77
C ARG A 292 24.17 -20.14 47.02
N GLY A 293 25.25 -20.24 47.78
CA GLY A 293 25.24 -20.99 49.03
C GLY A 293 25.48 -22.48 48.83
N ALA A 294 26.71 -22.91 49.06
CA ALA A 294 27.10 -24.30 48.84
C ALA A 294 26.42 -25.25 49.82
N GLU A 295 26.02 -24.73 50.98
CA GLU A 295 25.41 -25.55 52.02
C GLU A 295 24.06 -26.12 51.59
N LYS A 296 23.39 -25.43 50.69
CA LYS A 296 22.10 -25.88 50.18
C LYS A 296 22.27 -27.04 49.19
N LEU A 297 23.42 -27.04 48.51
CA LEU A 297 23.74 -28.15 47.61
C LEU A 297 24.00 -29.42 48.41
N ARG A 298 24.61 -29.24 49.57
CA ARG A 298 24.87 -30.35 50.48
C ARG A 298 23.56 -30.94 50.98
N ALA A 299 22.60 -30.08 51.30
CA ALA A 299 21.31 -30.50 51.81
C ALA A 299 20.50 -31.23 50.74
N ALA A 300 20.58 -30.75 49.51
CA ALA A 300 19.88 -31.36 48.39
C ALA A 300 20.43 -32.74 48.10
N GLU A 301 21.76 -32.86 48.14
CA GLU A 301 22.41 -34.14 47.92
C GLU A 301 22.13 -35.11 49.06
N ARG A 302 22.21 -34.60 50.28
CA ARG A 302 21.94 -35.40 51.48
C ARG A 302 20.52 -35.93 51.47
N PHE A 303 19.59 -35.12 50.95
CA PHE A 303 18.20 -35.50 50.82
C PHE A 303 18.05 -36.75 49.94
N ALA A 304 18.76 -36.77 48.83
CA ALA A 304 18.67 -37.85 47.86
C ALA A 304 19.38 -39.11 48.35
N LYS A 305 20.54 -38.94 48.98
CA LYS A 305 21.33 -40.06 49.48
C LYS A 305 20.58 -40.85 50.57
N GLU A 306 19.89 -40.13 51.44
CA GLU A 306 19.10 -40.77 52.49
C GLU A 306 17.99 -41.64 51.90
N ARG A 307 17.53 -41.28 50.71
CA ARG A 307 16.45 -41.99 50.06
C ARG A 307 16.93 -42.90 48.93
N ARG A 308 18.25 -43.07 48.85
CA ARG A 308 18.87 -43.99 47.90
C ARG A 308 18.44 -43.76 46.46
N LEU A 309 18.25 -42.50 46.09
CA LEU A 309 17.71 -42.14 44.78
C LEU A 309 18.73 -42.25 43.65
N ARG A 310 18.30 -42.85 42.55
CA ARG A 310 19.08 -42.93 41.30
C ARG A 310 20.53 -43.36 41.49
N ILE A 311 21.45 -42.40 41.47
CA ILE A 311 22.87 -42.71 41.57
C ILE A 311 23.25 -43.25 42.95
N TRP A 312 22.32 -43.09 43.90
CA TRP A 312 22.57 -43.55 45.27
C TRP A 312 21.82 -44.85 45.56
N ARG A 313 21.42 -45.55 44.52
CA ARG A 313 20.68 -46.80 44.67
C ARG A 313 21.53 -47.86 45.36
N ASP A 314 22.81 -47.88 45.06
CA ASP A 314 23.73 -48.86 45.63
C ASP A 314 24.59 -48.23 46.71
N TYR A 315 24.06 -47.20 47.36
CA TYR A 315 24.78 -46.53 48.43
C TYR A 315 24.70 -47.32 49.73
N VAL A 316 25.86 -47.50 50.36
CA VAL A 316 25.92 -48.22 51.63
C VAL A 316 26.22 -47.27 52.78
N ALA A 317 25.23 -47.06 53.64
CA ALA A 317 25.38 -46.19 54.80
C ALA A 317 26.41 -46.77 55.78
N PRO A 318 27.22 -45.89 56.41
CA PRO A 318 28.28 -46.30 57.33
C PRO A 318 27.78 -47.04 58.57
N THR A 319 28.11 -48.33 58.66
CA THR A 319 27.84 -49.13 59.85
C THR A 319 28.49 -50.52 59.73
N SER B 28 10.44 -44.62 36.45
CA SER B 28 10.07 -43.23 36.73
C SER B 28 11.28 -42.31 36.69
N ASP B 29 12.42 -42.83 36.25
CA ASP B 29 13.65 -42.06 36.22
C ASP B 29 13.73 -41.18 34.98
N TRP B 30 12.71 -41.24 34.14
CA TRP B 30 12.56 -40.30 33.04
C TRP B 30 11.55 -39.23 33.43
N ASN B 31 12.01 -38.26 34.21
CA ASN B 31 11.13 -37.28 34.83
C ASN B 31 10.93 -36.02 33.98
N ALA B 32 9.77 -35.94 33.34
CA ALA B 32 9.36 -34.74 32.64
C ALA B 32 8.61 -33.84 33.61
N PRO B 33 8.86 -32.53 33.55
CA PRO B 33 8.28 -31.59 34.53
C PRO B 33 6.76 -31.50 34.44
N ALA B 34 6.10 -31.45 35.59
CA ALA B 34 4.66 -31.28 35.65
C ALA B 34 4.29 -29.89 35.13
N GLU B 35 4.78 -28.86 35.82
CA GLU B 35 4.64 -27.50 35.33
C GLU B 35 5.56 -27.31 34.14
N GLU B 36 5.11 -26.55 33.14
CA GLU B 36 5.92 -26.33 31.96
C GLU B 36 6.88 -25.17 32.18
N TRP B 37 8.13 -25.35 31.75
CA TRP B 37 9.12 -24.29 31.84
C TRP B 37 9.15 -23.52 30.54
N GLY B 38 8.30 -22.50 30.44
CA GLY B 38 8.16 -21.74 29.21
C GLY B 38 8.90 -20.43 29.22
N ASN B 39 9.00 -19.81 28.04
CA ASN B 39 9.68 -18.53 27.90
C ASN B 39 8.72 -17.37 28.09
N TRP B 40 7.47 -17.68 28.38
CA TRP B 40 6.45 -16.66 28.59
C TRP B 40 5.76 -16.86 29.93
N PRO C 3 -5.06 26.34 54.29
CA PRO C 3 -4.71 27.75 54.04
C PRO C 3 -3.54 27.84 53.06
N THR C 4 -2.66 26.85 53.08
CA THR C 4 -1.40 26.92 52.32
C THR C 4 -1.52 26.43 50.88
N VAL C 5 -1.04 27.26 49.95
CA VAL C 5 -1.05 26.94 48.53
C VAL C 5 0.12 26.03 48.15
N GLN C 6 -0.17 25.00 47.37
CA GLN C 6 0.86 24.13 46.84
C GLN C 6 0.76 24.04 45.32
N ARG C 7 1.83 23.59 44.69
CA ARG C 7 1.82 23.35 43.25
C ARG C 7 2.32 21.93 42.95
N GLY C 8 1.88 21.40 41.82
CA GLY C 8 2.30 20.08 41.39
C GLY C 8 1.98 19.83 39.94
N ILE C 9 2.37 18.66 39.45
CA ILE C 9 2.10 18.29 38.07
C ILE C 9 1.14 17.11 38.03
N ILE C 10 0.03 17.28 37.30
CA ILE C 10 -0.98 16.23 37.17
C ILE C 10 -0.39 14.93 36.63
N LYS C 11 -0.50 13.86 37.41
CA LYS C 11 -0.04 12.56 36.96
C LYS C 11 -1.17 11.82 36.24
N VAL C 13 -5.91 11.24 36.25
CA VAL C 13 -7.24 11.57 36.74
C VAL C 13 -7.99 10.28 37.12
N LEU C 14 -8.48 10.22 38.35
CA LEU C 14 -9.10 9.01 38.87
C LEU C 14 -10.62 9.04 38.82
N SER C 15 -11.24 7.96 39.29
CA SER C 15 -12.70 7.87 39.39
C SER C 15 -13.22 8.86 40.42
N GLY C 16 -14.46 9.32 40.21
CA GLY C 16 -15.06 10.29 41.10
C GLY C 16 -14.35 11.64 41.03
N CYS C 17 -13.56 11.81 39.98
CA CYS C 17 -12.77 13.03 39.77
C CYS C 17 -11.86 13.34 40.95
N ALA C 18 -11.09 12.34 41.36
CA ALA C 18 -9.96 12.56 42.27
C ALA C 18 -8.71 12.74 41.42
N ILE C 19 -7.77 13.53 41.89
CA ILE C 19 -6.59 13.84 41.11
C ILE C 19 -5.32 13.40 41.82
N ILE C 20 -4.35 12.89 41.06
CA ILE C 20 -3.04 12.61 41.59
C ILE C 20 -2.01 13.57 40.98
N VAL C 21 -1.37 14.36 41.85
CA VAL C 21 -0.32 15.26 41.41
C VAL C 21 1.03 14.73 41.85
N ARG C 22 2.08 15.09 41.12
CA ARG C 22 3.43 14.70 41.50
C ARG C 22 4.35 15.91 41.50
N GLY C 23 5.44 15.81 42.26
CA GLY C 23 6.46 16.83 42.21
C GLY C 23 7.42 16.50 41.09
N GLN C 24 8.45 17.32 40.92
CA GLN C 24 9.48 17.03 39.94
C GLN C 24 10.51 16.08 40.54
N PRO C 25 11.07 15.18 39.71
CA PRO C 25 12.06 14.22 40.22
C PRO C 25 13.36 14.88 40.62
N ARG C 26 13.83 14.61 41.83
CA ARG C 26 15.11 15.14 42.30
C ARG C 26 15.99 14.04 42.85
N GLY C 27 16.67 13.33 41.97
CA GLY C 27 17.58 12.27 42.36
C GLY C 27 16.92 10.90 42.35
N GLY C 28 15.63 10.86 42.62
CA GLY C 28 14.88 9.61 42.65
C GLY C 28 13.42 9.77 42.30
N PRO C 29 12.58 8.87 42.81
CA PRO C 29 11.13 8.90 42.57
C PRO C 29 10.48 10.18 43.09
N PRO C 30 9.66 10.83 42.26
CA PRO C 30 8.95 12.05 42.66
C PRO C 30 7.83 11.75 43.65
N PRO C 31 7.59 12.65 44.60
CA PRO C 31 6.50 12.47 45.57
C PRO C 31 5.14 12.56 44.88
N GLU C 32 4.19 11.75 45.32
CA GLU C 32 2.85 11.75 44.74
C GLU C 32 1.81 12.09 45.81
N ARG C 33 0.68 12.62 45.38
CA ARG C 33 -0.34 13.08 46.32
C ARG C 33 -1.73 13.07 45.69
N GLN C 34 -2.62 12.25 46.25
CA GLN C 34 -4.00 12.18 45.76
C GLN C 34 -4.85 13.26 46.40
N ILE C 35 -5.44 14.12 45.56
CA ILE C 35 -6.30 15.19 46.03
C ILE C 35 -7.74 14.96 45.60
N ASN C 36 -8.62 14.77 46.57
CA ASN C 36 -10.05 14.65 46.28
C ASN C 36 -10.71 16.01 46.26
N LEU C 37 -11.64 16.21 45.33
CA LEU C 37 -12.27 17.50 45.15
C LEU C 37 -13.33 17.77 46.21
N SER C 38 -13.21 18.91 46.87
CA SER C 38 -14.12 19.28 47.95
C SER C 38 -15.48 19.74 47.42
N ASN C 39 -16.50 19.59 48.25
CA ASN C 39 -17.82 20.17 48.03
C ASN C 39 -18.60 19.64 46.83
N ILE C 40 -18.04 18.68 46.11
CA ILE C 40 -18.72 18.15 44.92
C ILE C 40 -18.73 16.62 44.87
N ARG C 41 -19.57 16.08 43.99
CA ARG C 41 -19.63 14.64 43.80
C ARG C 41 -19.78 14.25 42.33
N ALA C 42 -18.75 13.58 41.80
CA ALA C 42 -18.80 13.07 40.44
C ALA C 42 -19.20 11.60 40.46
N GLY C 43 -19.56 11.07 39.30
CA GLY C 43 -19.97 9.68 39.19
C GLY C 43 -18.81 8.72 39.36
N ASN C 44 -19.13 7.45 39.62
CA ASN C 44 -18.09 6.43 39.79
C ASN C 44 -17.79 5.71 38.49
N LEU C 45 -16.50 5.62 38.16
CA LEU C 45 -16.07 4.90 36.96
C LEU C 45 -16.30 3.40 37.11
N ALA C 46 -16.30 2.70 35.99
CA ALA C 46 -16.39 1.25 36.00
C ALA C 46 -15.14 0.69 36.67
N ARG C 47 -15.29 -0.48 37.29
CA ARG C 47 -14.19 -1.08 38.03
C ARG C 47 -14.09 -2.58 37.74
N ARG C 48 -12.91 -3.02 37.36
CA ARG C 48 -12.69 -4.45 37.15
C ARG C 48 -12.22 -5.11 38.45
N ALA C 49 -12.92 -6.15 38.86
CA ALA C 49 -12.60 -6.85 40.09
C ALA C 49 -11.24 -7.54 40.01
N ALA C 50 -10.32 -7.10 40.87
CA ALA C 50 -8.97 -7.66 40.87
C ALA C 50 -8.81 -8.70 41.98
N ALA C 51 -7.61 -9.27 42.08
CA ALA C 51 -7.32 -10.25 43.12
C ALA C 51 -6.55 -9.60 44.26
N THR C 52 -6.25 -8.31 44.11
CA THR C 52 -5.53 -7.56 45.13
C THR C 52 -6.49 -6.71 45.97
N GLN C 53 -7.77 -6.74 45.59
CA GLN C 53 -8.79 -5.95 46.26
C GLN C 53 -10.07 -6.76 46.49
N PRO C 54 -10.75 -6.52 47.62
CA PRO C 54 -12.07 -7.11 47.85
C PRO C 54 -13.17 -6.38 47.08
N ASP C 55 -13.18 -6.55 45.76
CA ASP C 55 -14.16 -5.87 44.91
C ASP C 55 -15.32 -6.79 44.55
N ALA C 56 -15.11 -8.09 44.71
CA ALA C 56 -16.14 -9.13 44.52
C ALA C 56 -16.66 -9.26 43.09
N LYS C 57 -16.88 -8.13 42.42
CA LYS C 57 -17.53 -8.16 41.11
C LYS C 57 -17.22 -6.92 40.27
N ASP C 58 -17.18 -7.10 38.96
CA ASP C 58 -17.04 -5.96 38.04
C ASP C 58 -18.25 -5.05 38.15
N THR C 59 -18.00 -3.75 38.21
CA THR C 59 -19.07 -2.76 38.28
C THR C 59 -18.99 -1.82 37.09
N PRO C 60 -20.15 -1.39 36.57
CA PRO C 60 -20.19 -0.53 35.38
C PRO C 60 -20.07 0.95 35.71
N ASP C 61 -19.90 1.77 34.68
CA ASP C 61 -19.91 3.22 34.83
C ASP C 61 -21.23 3.71 35.39
N GLU C 62 -21.18 4.76 36.21
CA GLU C 62 -22.37 5.53 36.50
C GLU C 62 -22.55 6.52 35.36
N PRO C 63 -23.80 6.96 35.13
CA PRO C 63 -24.03 7.99 34.10
C PRO C 63 -23.13 9.20 34.28
N TRP C 64 -22.47 9.61 33.20
CA TRP C 64 -21.63 10.81 33.15
C TRP C 64 -20.34 10.72 33.97
N ALA C 65 -20.00 9.51 34.40
CA ALA C 65 -18.75 9.31 35.13
C ALA C 65 -17.55 9.39 34.19
N PHE C 66 -17.63 8.70 33.06
CA PHE C 66 -16.55 8.69 32.08
C PHE C 66 -16.39 10.04 31.35
N PRO C 67 -17.50 10.69 30.96
CA PRO C 67 -17.30 12.04 30.42
C PRO C 67 -16.64 13.00 31.41
N ALA C 68 -16.95 12.84 32.69
CA ALA C 68 -16.33 13.67 33.73
C ALA C 68 -14.83 13.40 33.79
N ARG C 69 -14.46 12.13 33.74
CA ARG C 69 -13.06 11.74 33.74
C ARG C 69 -12.35 12.31 32.51
N GLU C 70 -12.98 12.15 31.35
CA GLU C 70 -12.41 12.61 30.09
C GLU C 70 -12.29 14.13 30.04
N PHE C 71 -13.21 14.80 30.72
CA PHE C 71 -13.19 16.26 30.78
C PHE C 71 -11.93 16.76 31.47
N LEU C 72 -11.60 16.14 32.60
CA LEU C 72 -10.41 16.52 33.35
C LEU C 72 -9.14 16.05 32.65
N ARG C 73 -9.18 14.84 32.12
CA ARG C 73 -8.03 14.28 31.40
C ARG C 73 -7.64 15.15 30.22
N LYS C 74 -8.64 15.77 29.60
CA LYS C 74 -8.42 16.66 28.47
C LYS C 74 -7.75 17.96 28.90
N LYS C 75 -8.15 18.47 30.06
CA LYS C 75 -7.72 19.79 30.52
C LYS C 75 -6.50 19.74 31.45
N LEU C 76 -6.33 18.64 32.17
CA LEU C 76 -5.34 18.60 33.26
C LEU C 76 -4.07 17.81 32.96
N ILE C 77 -4.16 16.80 32.11
CA ILE C 77 -3.01 15.90 31.89
C ILE C 77 -1.80 16.61 31.30
N GLY C 78 -0.67 16.50 31.99
CA GLY C 78 0.57 17.12 31.55
C GLY C 78 0.66 18.57 31.96
N LYS C 79 -0.30 19.03 32.76
CA LYS C 79 -0.35 20.41 33.19
C LYS C 79 0.16 20.60 34.61
N GLU C 80 0.69 21.79 34.88
CA GLU C 80 1.08 22.18 36.23
C GLU C 80 -0.11 22.88 36.90
N VAL C 81 -0.53 22.36 38.05
CA VAL C 81 -1.69 22.94 38.73
C VAL C 81 -1.34 23.55 40.07
N CYS C 82 -2.36 24.15 40.68
CA CYS C 82 -2.23 24.81 41.97
C CYS C 82 -3.36 24.34 42.88
N PHE C 83 -3.05 24.03 44.13
CA PHE C 83 -4.08 23.50 45.01
C PHE C 83 -3.91 23.87 46.48
N THR C 84 -5.02 23.84 47.20
CA THR C 84 -5.03 24.02 48.65
C THR C 84 -5.79 22.87 49.31
N ILE C 85 -5.31 22.41 50.46
CA ILE C 85 -5.99 21.34 51.18
C ILE C 85 -6.90 21.92 52.25
N GLU C 86 -8.16 21.48 52.26
CA GLU C 86 -9.12 21.99 53.24
C GLU C 86 -9.40 20.98 54.35
N ASN C 87 -9.45 19.70 54.01
CA ASN C 87 -9.72 18.66 55.00
C ASN C 87 -8.87 17.41 54.82
N LYS C 88 -8.67 16.68 55.90
CA LYS C 88 -7.92 15.43 55.87
C LYS C 88 -8.56 14.39 56.77
N THR C 89 -9.25 13.43 56.15
CA THR C 89 -9.92 12.36 56.89
C THR C 89 -8.92 11.52 57.68
N PRO C 90 -9.38 10.86 58.75
CA PRO C 90 -8.50 9.99 59.55
C PRO C 90 -7.83 8.90 58.72
N GLN C 91 -8.51 8.46 57.66
CA GLN C 91 -7.94 7.45 56.76
C GLN C 91 -6.74 8.02 56.00
N GLY C 92 -6.72 9.34 55.82
CA GLY C 92 -5.63 9.99 55.15
C GLY C 92 -6.05 10.67 53.86
N ARG C 93 -7.32 10.55 53.51
CA ARG C 93 -7.85 11.18 52.29
C ARG C 93 -7.88 12.70 52.41
N GLU C 94 -7.11 13.37 51.56
CA GLU C 94 -7.06 14.82 51.55
C GLU C 94 -8.08 15.41 50.59
N TYR C 95 -8.82 16.41 51.05
CA TYR C 95 -9.79 17.10 50.21
C TYR C 95 -9.38 18.56 50.03
N GLY C 96 -9.57 19.07 48.81
CA GLY C 96 -9.19 20.44 48.52
C GLY C 96 -9.67 20.98 47.19
N ILE C 98 -8.60 22.47 43.31
CA ILE C 98 -7.57 22.46 42.27
C ILE C 98 -7.73 23.65 41.32
N TYR C 99 -6.61 24.29 40.97
CA TYR C 99 -6.63 25.42 40.06
C TYR C 99 -5.65 25.25 38.91
N LEU C 100 -6.11 25.52 37.69
CA LEU C 100 -5.23 25.57 36.53
C LEU C 100 -4.46 26.89 36.54
N GLY C 101 -3.14 26.80 36.58
CA GLY C 101 -2.30 27.97 36.66
C GLY C 101 -1.25 27.85 37.75
N LYS C 102 -0.83 28.97 38.30
CA LYS C 102 0.20 28.95 39.33
C LYS C 102 -0.31 29.55 40.64
N ASP C 103 -1.38 30.32 40.56
CA ASP C 103 -2.01 30.87 41.76
C ASP C 103 -3.46 30.42 41.86
N THR C 104 -4.13 30.80 42.95
CA THR C 104 -5.49 30.35 43.21
C THR C 104 -6.55 31.18 42.47
N ASN C 105 -6.10 32.07 41.60
CA ASN C 105 -7.02 32.88 40.81
C ASN C 105 -7.34 32.23 39.46
N GLY C 106 -6.70 31.09 39.21
CA GLY C 106 -6.91 30.37 37.97
C GLY C 106 -8.27 29.68 37.92
N GLU C 107 -8.44 28.79 36.94
CA GLU C 107 -9.70 28.08 36.77
C GLU C 107 -9.94 27.06 37.87
N ASN C 108 -11.05 27.20 38.57
CA ASN C 108 -11.42 26.25 39.62
C ASN C 108 -12.02 24.99 39.00
N ILE C 109 -11.31 23.88 39.15
CA ILE C 109 -11.68 22.61 38.53
C ILE C 109 -13.06 22.12 38.95
N ALA C 110 -13.35 22.18 40.25
CA ALA C 110 -14.64 21.74 40.77
C ALA C 110 -15.78 22.55 40.16
N GLU C 111 -15.57 23.86 40.02
CA GLU C 111 -16.56 24.73 39.42
C GLU C 111 -16.79 24.36 37.96
N SER C 112 -15.71 24.05 37.25
CA SER C 112 -15.80 23.68 35.84
C SER C 112 -16.60 22.41 35.64
N LEU C 113 -16.45 21.46 36.57
CA LEU C 113 -17.18 20.20 36.52
C LEU C 113 -18.67 20.43 36.73
N VAL C 114 -19.02 21.20 37.75
CA VAL C 114 -20.41 21.46 38.09
C VAL C 114 -21.07 22.34 37.04
N ALA C 115 -20.30 23.24 36.44
CA ALA C 115 -20.81 24.15 35.42
C ALA C 115 -21.24 23.43 34.15
N GLU C 116 -20.73 22.22 33.95
CA GLU C 116 -21.05 21.46 32.75
C GLU C 116 -21.89 20.23 33.06
N GLY C 117 -22.40 20.15 34.27
CA GLY C 117 -23.26 19.04 34.68
C GLY C 117 -22.52 17.71 34.74
N LEU C 118 -21.24 17.77 35.10
CA LEU C 118 -20.43 16.56 35.22
C LEU C 118 -20.24 16.17 36.68
N ALA C 119 -20.57 17.10 37.56
CA ALA C 119 -20.53 16.86 38.99
C ALA C 119 -21.57 17.71 39.69
N THR C 120 -22.14 17.19 40.77
CA THR C 120 -23.12 17.94 41.54
C THR C 120 -22.53 18.42 42.85
N ARG C 121 -23.19 19.39 43.47
CA ARG C 121 -22.76 19.90 44.76
C ARG C 121 -23.22 18.93 45.85
N ARG C 122 -22.48 18.88 46.95
CA ARG C 122 -22.81 17.98 48.06
C ARG C 122 -24.21 18.23 48.60
N ASN C 128 -24.24 30.49 53.18
CA ASN C 128 -23.67 31.63 52.50
C ASN C 128 -22.17 31.49 52.73
N ASN C 129 -21.61 30.42 52.17
CA ASN C 129 -20.16 30.27 52.02
C ASN C 129 -19.78 30.75 50.65
N PRO C 130 -18.90 31.74 50.59
CA PRO C 130 -18.54 32.49 49.37
C PRO C 130 -18.22 31.62 48.15
N GLU C 131 -17.70 30.43 48.36
CA GLU C 131 -17.26 29.59 47.26
C GLU C 131 -18.23 28.47 46.98
N GLN C 132 -19.01 28.10 47.99
CA GLN C 132 -20.04 27.11 47.71
C GLN C 132 -21.30 27.76 47.16
N ASN C 133 -21.38 29.10 47.08
CA ASN C 133 -22.57 29.60 46.33
C ASN C 133 -22.16 29.79 44.90
N ARG C 134 -20.86 29.90 44.69
CA ARG C 134 -20.39 30.02 43.32
C ARG C 134 -20.68 28.70 42.62
N LEU C 135 -20.55 27.63 43.39
CA LEU C 135 -20.89 26.29 42.91
C LEU C 135 -22.38 26.18 42.62
N SER C 136 -23.20 26.86 43.41
CA SER C 136 -24.64 26.85 43.19
C SER C 136 -24.98 27.62 41.92
N GLU C 137 -24.26 28.72 41.70
CA GLU C 137 -24.42 29.49 40.47
C GLU C 137 -24.05 28.61 39.27
N CYS C 138 -23.01 27.81 39.43
CA CYS C 138 -22.57 26.90 38.38
C CYS C 138 -23.59 25.78 38.15
N GLU C 139 -24.11 25.23 39.24
CA GLU C 139 -25.04 24.10 39.16
C GLU C 139 -26.36 24.51 38.51
N GLU C 140 -26.90 25.65 38.93
CA GLU C 140 -28.14 26.16 38.36
C GLU C 140 -27.96 26.52 36.89
N GLN C 141 -26.79 27.08 36.56
CA GLN C 141 -26.46 27.44 35.19
C GLN C 141 -26.44 26.20 34.30
N ALA C 142 -26.02 25.07 34.87
CA ALA C 142 -25.95 23.82 34.13
C ALA C 142 -27.32 23.17 34.00
N LYS C 143 -28.15 23.30 35.03
CA LYS C 143 -29.50 22.78 35.00
C LYS C 143 -30.33 23.48 33.93
N ALA C 144 -30.23 24.81 33.90
CA ALA C 144 -30.97 25.62 32.95
C ALA C 144 -30.52 25.35 31.52
N ALA C 145 -29.25 24.99 31.36
CA ALA C 145 -28.69 24.75 30.03
C ALA C 145 -28.90 23.30 29.58
N LYS C 146 -29.48 22.50 30.47
CA LYS C 146 -29.71 21.07 30.21
C LYS C 146 -28.39 20.37 29.87
N LYS C 147 -27.36 20.65 30.66
CA LYS C 147 -26.03 20.09 30.43
C LYS C 147 -25.79 18.81 31.24
N GLY C 148 -25.09 17.86 30.61
CA GLY C 148 -24.66 16.65 31.29
C GLY C 148 -25.77 15.87 31.97
N TRP C 150 -28.00 16.92 33.74
CA TRP C 150 -29.23 17.71 33.79
C TRP C 150 -30.00 17.62 32.48
N SER C 151 -29.36 17.06 31.46
CA SER C 151 -30.03 16.82 30.18
C SER C 151 -31.09 15.72 30.36
N GLU C 152 -32.10 15.73 29.50
CA GLU C 152 -33.18 14.76 29.61
C GLU C 152 -32.74 13.37 29.18
N GLY C 153 -33.17 12.36 29.94
CA GLY C 153 -32.72 11.00 29.74
C GLY C 153 -31.93 10.54 30.95
N ASN C 154 -31.71 9.23 31.06
CA ASN C 154 -30.98 8.69 32.21
C ASN C 154 -29.48 8.79 32.03
N GLY C 155 -29.03 8.89 30.78
CA GLY C 155 -27.61 9.01 30.49
C GLY C 155 -26.96 7.67 30.21
N SER C 156 -27.77 6.72 29.71
CA SER C 156 -27.31 5.37 29.44
C SER C 156 -26.19 5.33 28.39
N HIS C 157 -26.20 6.30 27.49
CA HIS C 157 -25.23 6.32 26.39
C HIS C 157 -23.83 6.70 26.87
N THR C 158 -23.74 7.28 28.06
CA THR C 158 -22.45 7.67 28.62
C THR C 158 -21.81 6.49 29.36
N ILE C 159 -22.54 5.40 29.48
CA ILE C 159 -22.02 4.20 30.14
C ILE C 159 -21.29 3.31 29.15
N ARG C 160 -19.97 3.24 29.29
CA ARG C 160 -19.14 2.43 28.40
C ARG C 160 -19.48 0.95 28.48
N ASP C 161 -19.66 0.33 27.33
CA ASP C 161 -19.77 -1.12 27.26
C ASP C 161 -18.37 -1.70 27.24
N LEU C 162 -17.70 -1.65 28.38
CA LEU C 162 -16.30 -2.07 28.49
C LEU C 162 -16.10 -3.55 28.17
N LYS C 163 -15.09 -3.82 27.36
CA LYS C 163 -14.74 -5.18 26.99
C LYS C 163 -13.34 -5.52 27.47
N TYR C 164 -13.25 -6.23 28.59
CA TYR C 164 -11.97 -6.58 29.19
C TYR C 164 -11.33 -7.78 28.48
N THR C 165 -12.03 -8.34 27.50
CA THR C 165 -11.57 -9.55 26.83
C THR C 165 -11.91 -9.55 25.34
N ILE C 166 -10.91 -9.89 24.52
CA ILE C 166 -11.14 -10.11 23.10
C ILE C 166 -11.21 -11.60 22.81
N GLU C 167 -12.34 -12.04 22.26
CA GLU C 167 -12.59 -13.45 22.00
C GLU C 167 -11.61 -14.04 20.99
N ASN C 168 -11.31 -13.26 19.95
CA ASN C 168 -10.42 -13.71 18.89
C ASN C 168 -9.35 -12.67 18.59
N PRO C 169 -8.28 -12.64 19.41
CA PRO C 169 -7.21 -11.63 19.31
C PRO C 169 -6.54 -11.58 17.94
N ARG C 170 -6.25 -12.74 17.35
CA ARG C 170 -5.58 -12.78 16.06
C ARG C 170 -6.46 -12.19 14.96
N HIS C 171 -7.76 -12.45 15.05
CA HIS C 171 -8.71 -11.91 14.09
C HIS C 171 -8.91 -10.42 14.30
N PHE C 172 -8.96 -10.02 15.58
CA PHE C 172 -9.14 -8.62 15.95
C PHE C 172 -8.00 -7.75 15.42
N VAL C 173 -6.77 -8.22 15.62
CA VAL C 173 -5.58 -7.50 15.17
C VAL C 173 -5.51 -7.42 13.65
N ASP C 174 -5.78 -8.54 12.98
CA ASP C 174 -5.72 -8.61 11.52
C ASP C 174 -6.78 -7.75 10.85
N SER C 175 -7.94 -7.63 11.50
CA SER C 175 -9.06 -6.87 10.93
C SER C 175 -8.74 -5.38 10.80
N HIS C 176 -7.77 -4.90 11.57
CA HIS C 176 -7.39 -3.49 11.54
C HIS C 176 -6.31 -3.24 10.49
N HIS C 177 -5.70 -4.32 9.99
CA HIS C 177 -4.71 -4.25 8.91
C HIS C 177 -3.59 -3.26 9.20
N GLN C 178 -3.15 -3.23 10.45
CA GLN C 178 -2.03 -2.40 10.90
C GLN C 178 -2.28 -0.91 10.66
N LYS C 179 -3.55 -0.52 10.67
CA LYS C 179 -3.92 0.89 10.60
C LYS C 179 -4.12 1.42 12.01
N PRO C 180 -3.62 2.63 12.28
CA PRO C 180 -3.61 3.24 13.61
C PRO C 180 -4.97 3.25 14.30
N VAL C 181 -4.98 2.92 15.58
CA VAL C 181 -6.21 2.90 16.37
C VAL C 181 -6.14 3.91 17.50
N ASN C 182 -7.13 4.79 17.58
CA ASN C 182 -7.21 5.75 18.67
C ASN C 182 -7.36 5.06 20.01
N ALA C 183 -6.53 5.46 20.97
CA ALA C 183 -6.53 4.81 22.28
C ALA C 183 -6.13 5.77 23.40
N ILE C 184 -6.40 5.34 24.63
CA ILE C 184 -5.96 6.06 25.81
C ILE C 184 -5.09 5.13 26.67
N ILE C 185 -3.88 5.58 26.99
CA ILE C 185 -3.03 4.83 27.89
C ILE C 185 -3.54 4.95 29.32
N GLU C 186 -4.16 3.89 29.81
CA GLU C 186 -4.81 3.94 31.12
C GLU C 186 -3.85 3.62 32.27
N HIS C 187 -2.92 2.70 32.02
N HIS C 187 -2.91 2.72 32.01
CA HIS C 187 -1.96 2.31 33.05
CA HIS C 187 -1.99 2.25 33.04
C HIS C 187 -0.63 1.91 32.44
C HIS C 187 -0.64 1.85 32.45
N VAL C 188 0.42 1.99 33.24
CA VAL C 188 1.76 1.58 32.81
C VAL C 188 2.32 0.54 33.77
N ARG C 189 2.41 -0.71 33.32
CA ARG C 189 2.93 -1.77 34.17
C ARG C 189 4.46 -1.71 34.24
N ASP C 190 5.09 -1.62 33.08
CA ASP C 190 6.51 -1.27 33.01
C ASP C 190 6.77 -0.43 31.76
N GLY C 191 8.01 -0.04 31.56
CA GLY C 191 8.38 0.89 30.49
C GLY C 191 7.88 0.53 29.10
N SER C 192 7.78 -0.77 28.82
CA SER C 192 7.39 -1.21 27.48
C SER C 192 6.04 -1.95 27.48
N VAL C 193 5.39 -2.03 28.64
CA VAL C 193 4.11 -2.70 28.74
C VAL C 193 3.06 -1.77 29.35
N VAL C 194 1.98 -1.55 28.61
CA VAL C 194 0.93 -0.63 29.05
C VAL C 194 -0.47 -1.22 28.94
N ARG C 195 -1.42 -0.57 29.61
CA ARG C 195 -2.83 -0.90 29.47
C ARG C 195 -3.53 0.20 28.68
N ALA C 196 -4.13 -0.15 27.55
CA ALA C 196 -4.72 0.85 26.67
C ALA C 196 -6.21 0.62 26.46
N LEU C 197 -6.98 1.70 26.52
CA LEU C 197 -8.40 1.66 26.19
C LEU C 197 -8.58 1.94 24.70
N LEU C 198 -9.02 0.94 23.95
CA LEU C 198 -9.13 1.07 22.50
C LEU C 198 -10.48 1.64 22.07
N LEU C 199 -10.43 2.69 21.28
CA LEU C 199 -11.63 3.33 20.75
C LEU C 199 -12.01 2.74 19.39
N PRO C 200 -13.29 2.78 19.02
CA PRO C 200 -14.42 3.37 19.73
C PRO C 200 -15.26 2.39 20.56
N ASP C 201 -14.89 1.12 20.59
CA ASP C 201 -15.70 0.11 21.26
C ASP C 201 -15.25 -0.18 22.69
N TYR C 202 -14.28 0.60 23.17
CA TYR C 202 -13.81 0.53 24.54
C TYR C 202 -13.27 -0.84 24.94
N TYR C 203 -12.26 -1.29 24.20
CA TYR C 203 -11.51 -2.49 24.57
C TYR C 203 -10.37 -2.11 25.51
N LEU C 204 -10.38 -2.68 26.72
CA LEU C 204 -9.27 -2.48 27.64
C LEU C 204 -8.28 -3.63 27.47
N VAL C 205 -7.17 -3.34 26.80
CA VAL C 205 -6.21 -4.39 26.44
C VAL C 205 -4.81 -4.12 26.98
N THR C 206 -3.98 -5.15 26.95
CA THR C 206 -2.57 -5.01 27.32
C THR C 206 -1.72 -4.90 26.06
N VAL C 207 -0.98 -3.80 25.94
CA VAL C 207 -0.10 -3.60 24.80
C VAL C 207 1.36 -3.58 25.24
N LEU C 209 5.33 -3.16 23.71
CA LEU C 209 6.01 -2.57 22.57
C LEU C 209 6.80 -3.59 21.76
N SER C 210 6.63 -3.55 20.44
CA SER C 210 7.29 -4.48 19.54
C SER C 210 8.80 -4.23 19.46
N GLY C 211 9.57 -5.32 19.43
CA GLY C 211 11.00 -5.24 19.18
C GLY C 211 11.87 -4.88 20.36
N ILE C 212 11.25 -4.40 21.44
CA ILE C 212 12.03 -4.01 22.62
C ILE C 212 11.49 -4.63 23.90
N LYS C 213 12.23 -4.44 24.99
CA LYS C 213 11.78 -4.85 26.32
C LYS C 213 12.48 -4.03 27.40
N CYS C 214 11.69 -3.50 28.32
CA CYS C 214 12.23 -2.75 29.46
C CYS C 214 12.43 -3.70 30.64
N PRO C 215 13.29 -3.30 31.59
CA PRO C 215 13.41 -4.07 32.84
C PRO C 215 12.07 -4.19 33.55
N THR C 216 11.79 -5.37 34.10
CA THR C 216 10.46 -5.65 34.64
C THR C 216 10.46 -5.81 36.16
N PHE C 217 9.25 -5.99 36.71
CA PHE C 217 9.07 -6.29 38.12
C PHE C 217 8.73 -7.77 38.27
N ARG C 218 9.27 -8.41 39.29
CA ARG C 218 9.09 -9.85 39.44
C ARG C 218 8.51 -10.26 40.79
N ASP C 222 8.65 -16.11 45.25
CA ASP C 222 9.32 -14.87 45.64
C ASP C 222 9.08 -13.76 44.62
N GLY C 223 8.05 -13.92 43.80
CA GLY C 223 7.76 -12.97 42.74
C GLY C 223 6.65 -11.98 43.08
N SER C 224 6.96 -10.99 43.92
CA SER C 224 5.99 -9.95 44.25
C SER C 224 6.64 -8.56 44.17
N GLU C 225 6.83 -8.09 42.94
CA GLU C 225 7.23 -6.71 42.63
C GLU C 225 8.54 -6.26 43.27
N THR C 226 9.58 -7.06 43.06
CA THR C 226 10.97 -6.62 43.29
C THR C 226 11.58 -6.25 41.94
N PRO C 227 11.90 -4.97 41.74
CA PRO C 227 12.30 -4.47 40.42
C PRO C 227 13.73 -4.78 40.00
N GLU C 228 13.90 -5.13 38.73
CA GLU C 228 15.22 -5.23 38.11
C GLU C 228 15.82 -3.82 38.04
N PRO C 229 17.13 -3.72 37.78
CA PRO C 229 17.72 -2.38 37.60
C PRO C 229 17.02 -1.57 36.52
N PHE C 230 16.70 -0.31 36.84
CA PHE C 230 16.08 0.64 35.91
C PHE C 230 14.66 0.27 35.51
N ALA C 231 14.04 -0.65 36.23
CA ALA C 231 12.65 -1.02 35.97
C ALA C 231 11.72 0.13 36.34
N ALA C 232 11.92 0.69 37.53
CA ALA C 232 11.12 1.82 38.00
C ALA C 232 11.42 3.08 37.21
N GLU C 233 12.68 3.27 36.85
CA GLU C 233 13.10 4.44 36.10
C GLU C 233 12.54 4.44 34.68
N ALA C 234 12.57 3.26 34.04
CA ALA C 234 12.00 3.12 32.70
C ALA C 234 10.50 3.30 32.73
N LYS C 235 9.88 2.79 33.79
CA LYS C 235 8.43 2.93 33.98
C LYS C 235 8.03 4.39 34.06
N PHE C 236 8.80 5.17 34.82
CA PHE C 236 8.53 6.60 34.99
C PHE C 236 8.73 7.35 33.67
N PHE C 237 9.67 6.88 32.86
CA PHE C 237 9.97 7.51 31.59
C PHE C 237 8.77 7.47 30.65
N THR C 238 8.18 6.28 30.51
CA THR C 238 7.00 6.10 29.68
C THR C 238 5.81 6.81 30.32
N GLU C 239 5.69 6.66 31.63
CA GLU C 239 4.56 7.17 32.39
C GLU C 239 4.41 8.68 32.30
N SER C 240 5.52 9.39 32.50
CA SER C 240 5.50 10.84 32.52
C SER C 240 5.30 11.44 31.12
N ARG C 241 5.15 10.56 30.12
CA ARG C 241 4.95 11.00 28.75
C ARG C 241 3.63 10.53 28.16
N LEU C 242 3.21 9.32 28.50
CA LEU C 242 2.06 8.71 27.83
C LEU C 242 0.86 8.38 28.72
N LEU C 243 1.04 8.40 30.03
CA LEU C 243 -0.05 8.02 30.93
C LEU C 243 -1.25 8.96 30.79
N GLN C 244 -2.41 8.35 30.50
CA GLN C 244 -3.66 9.08 30.25
C GLN C 244 -3.51 10.10 29.13
N ARG C 245 -2.64 9.80 28.17
CA ARG C 245 -2.50 10.59 26.96
C ARG C 245 -3.35 10.01 25.84
N ASP C 246 -3.79 10.86 24.92
CA ASP C 246 -4.41 10.40 23.70
C ASP C 246 -3.33 9.97 22.73
N VAL C 247 -3.38 8.70 22.31
CA VAL C 247 -2.39 8.17 21.39
C VAL C 247 -3.05 7.42 20.24
N GLN C 248 -2.23 7.00 19.29
CA GLN C 248 -2.67 6.05 18.27
C GLN C 248 -1.78 4.81 18.35
N ILE C 249 -2.41 3.63 18.35
CA ILE C 249 -1.66 2.39 18.49
C ILE C 249 -1.81 1.49 17.29
N ILE C 250 -0.68 1.12 16.69
CA ILE C 250 -0.67 0.16 15.60
C ILE C 250 -0.69 -1.26 16.15
N LEU C 251 -1.83 -1.93 16.02
CA LEU C 251 -1.95 -3.32 16.47
C LEU C 251 -1.22 -4.23 15.49
N GLU C 252 0.02 -4.57 15.82
CA GLU C 252 0.91 -5.25 14.88
C GLU C 252 0.80 -6.77 14.95
N SER C 253 0.76 -7.32 16.17
CA SER C 253 0.61 -8.75 16.36
C SER C 253 0.05 -9.04 17.74
N CYS C 254 0.06 -10.30 18.14
CA CYS C 254 -0.48 -10.67 19.45
C CYS C 254 -0.05 -12.03 19.97
N HIS C 255 -0.33 -12.24 21.24
CA HIS C 255 -0.17 -13.51 21.94
C HIS C 255 -0.96 -13.36 23.23
N ASN C 256 -1.74 -14.37 23.62
CA ASN C 256 -2.62 -14.25 24.78
C ASN C 256 -3.68 -13.18 24.46
N GLN C 257 -3.97 -12.30 25.40
CA GLN C 257 -4.80 -11.13 25.20
C GLN C 257 -3.86 -9.94 25.09
N ASN C 258 -2.57 -10.25 25.06
CA ASN C 258 -1.53 -9.24 24.92
C ASN C 258 -1.31 -8.89 23.45
N ILE C 259 -1.44 -7.61 23.14
CA ILE C 259 -1.28 -7.16 21.76
C ILE C 259 0.09 -6.51 21.56
N LEU C 260 0.84 -7.04 20.60
CA LEU C 260 2.13 -6.46 20.21
C LEU C 260 1.87 -5.25 19.32
N GLY C 261 2.38 -4.10 19.73
CA GLY C 261 2.13 -2.89 18.97
C GLY C 261 3.11 -1.75 19.14
N THR C 262 2.80 -0.64 18.49
CA THR C 262 3.62 0.57 18.56
C THR C 262 2.73 1.77 18.86
N ILE C 263 3.15 2.57 19.84
CA ILE C 263 2.36 3.73 20.27
C ILE C 263 2.82 5.00 19.56
N LEU C 264 1.87 5.69 18.93
CA LEU C 264 2.18 6.89 18.16
C LEU C 264 1.73 8.16 18.88
N HIS C 265 2.63 9.14 18.94
CA HIS C 265 2.35 10.42 19.56
C HIS C 265 3.11 11.53 18.85
N PRO C 266 2.49 12.72 18.71
CA PRO C 266 3.11 13.88 18.07
C PRO C 266 4.49 14.23 18.61
N ASN C 267 4.72 14.01 19.90
CA ASN C 267 5.99 14.38 20.52
C ASN C 267 7.08 13.33 20.31
N GLY C 268 6.72 12.16 19.81
CA GLY C 268 7.71 11.16 19.48
C GLY C 268 7.28 9.70 19.63
N ASN C 269 8.17 8.80 19.20
CA ASN C 269 7.96 7.37 19.33
C ASN C 269 8.58 6.86 20.62
N ILE C 270 7.74 6.34 21.51
CA ILE C 270 8.21 5.91 22.83
C ILE C 270 9.17 4.72 22.73
N THR C 271 8.99 3.90 21.69
CA THR C 271 9.87 2.74 21.49
C THR C 271 11.29 3.18 21.20
N GLU C 272 11.44 4.15 20.30
CA GLU C 272 12.74 4.71 19.95
C GLU C 272 13.38 5.43 21.14
N LEU C 273 12.58 6.23 21.83
CA LEU C 273 13.06 7.05 22.93
C LEU C 273 13.58 6.21 24.10
N LEU C 274 12.93 5.08 24.36
CA LEU C 274 13.36 4.17 25.41
C LEU C 274 14.71 3.55 25.07
N LEU C 275 14.91 3.26 23.78
CA LEU C 275 16.16 2.68 23.31
C LEU C 275 17.30 3.70 23.35
N LYS C 276 17.03 4.90 22.87
CA LYS C 276 18.03 5.97 22.82
C LYS C 276 18.52 6.35 24.22
N GLU C 277 17.60 6.34 25.18
CA GLU C 277 17.93 6.68 26.55
C GLU C 277 18.62 5.53 27.27
N GLY C 278 18.32 4.31 26.85
CA GLY C 278 18.92 3.13 27.45
C GLY C 278 18.04 2.52 28.53
N PHE C 279 16.73 2.63 28.36
CA PHE C 279 15.78 2.04 29.30
C PHE C 279 15.22 0.73 28.76
N ALA C 280 15.70 0.31 27.60
CA ALA C 280 15.21 -0.91 26.98
C ALA C 280 16.24 -1.48 26.00
N ARG C 281 16.17 -2.79 25.79
CA ARG C 281 17.05 -3.45 24.84
C ARG C 281 16.24 -4.00 23.68
N CYS C 282 16.84 -4.05 22.50
CA CYS C 282 16.18 -4.66 21.35
C CYS C 282 15.96 -6.15 21.59
N VAL C 283 14.83 -6.65 21.12
CA VAL C 283 14.47 -8.03 21.33
C VAL C 283 14.16 -8.70 19.99
N ASP C 284 14.78 -9.84 19.75
CA ASP C 284 14.82 -10.43 18.42
C ASP C 284 13.57 -11.23 18.01
N TRP C 285 12.80 -11.71 18.98
CA TRP C 285 11.65 -12.54 18.64
C TRP C 285 10.48 -11.70 18.14
N SER C 286 10.47 -10.42 18.48
CA SER C 286 9.34 -9.56 18.14
C SER C 286 9.76 -8.35 17.29
N ILE C 287 11.01 -8.31 16.88
CA ILE C 287 11.51 -7.17 16.12
C ILE C 287 10.98 -7.17 14.69
N ALA C 288 10.42 -8.30 14.27
CA ALA C 288 9.87 -8.43 12.93
C ALA C 288 8.49 -7.79 12.82
N VAL C 289 7.70 -7.93 13.88
CA VAL C 289 6.33 -7.41 13.87
C VAL C 289 6.30 -5.90 13.97
N TYR C 290 7.46 -5.29 14.25
CA TYR C 290 7.59 -3.85 14.28
C TYR C 290 7.48 -3.27 12.87
N THR C 291 6.51 -2.39 12.66
CA THR C 291 6.19 -1.92 11.31
C THR C 291 6.67 -0.49 11.03
N ARG C 292 7.62 0.01 11.81
CA ARG C 292 8.07 1.38 11.64
C ARG C 292 9.59 1.49 11.47
N GLY C 293 10.18 0.52 10.76
CA GLY C 293 11.61 0.53 10.51
C GLY C 293 12.40 -0.19 11.60
N ALA C 294 12.57 -1.49 11.42
CA ALA C 294 13.19 -2.34 12.44
C ALA C 294 14.65 -1.97 12.70
N GLU C 295 15.35 -1.51 11.68
CA GLU C 295 16.77 -1.18 11.84
C GLU C 295 16.98 0.21 12.42
N LYS C 296 15.90 0.99 12.49
CA LYS C 296 15.95 2.28 13.15
C LYS C 296 15.99 2.06 14.66
N LEU C 297 15.44 0.94 15.09
CA LEU C 297 15.48 0.55 16.50
C LEU C 297 16.90 0.12 16.89
N ARG C 298 17.54 -0.62 15.99
CA ARG C 298 18.91 -1.08 16.23
C ARG C 298 19.87 0.09 16.40
N ALA C 299 19.68 1.12 15.58
CA ALA C 299 20.51 2.32 15.65
C ALA C 299 20.29 3.06 16.96
N ALA C 300 19.03 3.12 17.39
CA ALA C 300 18.68 3.79 18.65
C ALA C 300 19.30 3.08 19.84
N GLU C 301 19.24 1.74 19.83
CA GLU C 301 19.85 0.94 20.88
C GLU C 301 21.37 1.08 20.83
N ARG C 302 21.91 1.08 19.63
CA ARG C 302 23.34 1.21 19.41
C ARG C 302 23.86 2.53 19.95
N PHE C 303 23.02 3.57 19.85
CA PHE C 303 23.33 4.89 20.37
C PHE C 303 23.63 4.84 21.86
N ALA C 304 22.74 4.21 22.61
CA ALA C 304 22.88 4.09 24.06
C ALA C 304 23.95 3.08 24.43
N LYS C 305 24.10 2.06 23.60
CA LYS C 305 25.05 0.98 23.82
C LYS C 305 26.49 1.49 23.77
N GLU C 306 26.76 2.39 22.83
CA GLU C 306 28.11 2.93 22.64
C GLU C 306 28.39 4.09 23.59
N ARG C 307 27.43 4.41 24.44
CA ARG C 307 27.58 5.50 25.40
C ARG C 307 27.43 5.02 26.83
N ARG C 308 27.32 3.70 27.00
CA ARG C 308 27.21 3.07 28.32
C ARG C 308 26.08 3.67 29.15
N LEU C 309 24.92 3.89 28.53
CA LEU C 309 23.81 4.54 29.21
C LEU C 309 22.92 3.57 29.98
N ARG C 310 22.67 3.91 31.24
CA ARG C 310 21.79 3.15 32.13
C ARG C 310 22.05 1.64 32.14
N ILE C 311 21.29 0.90 31.34
CA ILE C 311 21.41 -0.55 31.31
C ILE C 311 22.71 -0.99 30.65
N TRP C 312 23.40 -0.07 29.99
CA TRP C 312 24.66 -0.37 29.33
C TRP C 312 25.86 0.12 30.14
N ARG C 313 25.61 0.60 31.36
CA ARG C 313 26.68 1.14 32.21
C ARG C 313 27.74 0.08 32.54
N ASP C 314 27.31 -1.16 32.71
CA ASP C 314 28.23 -2.25 33.02
C ASP C 314 28.44 -3.16 31.82
N TYR C 315 28.30 -2.60 30.62
CA TYR C 315 28.44 -3.39 29.41
C TYR C 315 29.88 -3.82 29.16
N VAL C 316 30.09 -5.13 29.04
CA VAL C 316 31.41 -5.68 28.83
C VAL C 316 31.76 -5.75 27.34
N ALA C 317 32.67 -4.88 26.91
CA ALA C 317 33.11 -4.84 25.51
C ALA C 317 33.82 -6.14 25.12
N PRO C 318 33.77 -6.49 23.82
CA PRO C 318 34.42 -7.71 23.31
C PRO C 318 35.92 -7.78 23.59
N THR C 319 36.27 -8.38 24.74
CA THR C 319 37.66 -8.64 25.10
C THR C 319 37.72 -9.54 26.33
N PRO D 26 22.58 14.13 31.81
CA PRO D 26 22.17 15.02 32.89
C PRO D 26 22.37 14.44 34.29
N ASN D 27 23.05 13.29 34.37
CA ASN D 27 23.41 12.65 35.63
C ASN D 27 22.22 12.26 36.49
N SER D 28 21.10 11.92 35.86
CA SER D 28 19.92 11.45 36.58
C SER D 28 19.12 10.47 35.72
N ASP D 29 18.67 9.38 36.35
CA ASP D 29 18.00 8.31 35.64
C ASP D 29 16.48 8.45 35.68
N TRP D 30 15.99 9.45 36.41
CA TRP D 30 14.56 9.74 36.47
C TRP D 30 14.21 10.92 35.59
N ASN D 31 14.04 10.66 34.29
CA ASN D 31 13.84 11.75 33.35
C ASN D 31 12.38 12.09 33.09
N ALA D 32 12.00 13.32 33.44
CA ALA D 32 10.72 13.87 33.08
C ALA D 32 10.88 14.68 31.81
N PRO D 33 9.85 14.66 30.94
CA PRO D 33 9.94 15.36 29.66
C PRO D 33 10.04 16.87 29.81
N ALA D 34 10.94 17.49 29.05
CA ALA D 34 11.10 18.94 29.05
C ALA D 34 9.82 19.60 28.54
N GLU D 35 9.42 19.23 27.33
CA GLU D 35 8.15 19.66 26.79
C GLU D 35 7.04 18.78 27.34
N GLU D 36 5.89 19.38 27.64
CA GLU D 36 4.76 18.61 28.15
C GLU D 36 4.12 17.79 27.04
N TRP D 37 3.69 16.58 27.37
CA TRP D 37 2.98 15.74 26.42
C TRP D 37 1.49 15.81 26.71
N GLY D 38 0.91 16.99 26.53
CA GLY D 38 -0.49 17.22 26.86
C GLY D 38 -1.44 16.70 25.81
N ASN D 39 -2.73 16.91 26.03
CA ASN D 39 -3.75 16.41 25.11
C ASN D 39 -4.41 17.52 24.28
N TRP D 40 -3.83 18.71 24.31
CA TRP D 40 -4.25 19.78 23.40
C TRP D 40 -3.05 20.37 22.68
N PRO E 3 -15.21 36.54 -25.26
CA PRO E 3 -15.60 36.54 -23.84
C PRO E 3 -16.48 35.35 -23.50
N THR E 4 -15.88 34.26 -23.06
CA THR E 4 -16.62 33.06 -22.72
C THR E 4 -17.38 33.23 -21.40
N VAL E 5 -18.69 33.04 -21.46
CA VAL E 5 -19.52 33.09 -20.25
C VAL E 5 -19.41 31.79 -19.48
N GLN E 6 -18.87 31.86 -18.26
CA GLN E 6 -18.64 30.68 -17.45
C GLN E 6 -19.51 30.69 -16.21
N ARG E 7 -19.92 29.52 -15.76
CA ARG E 7 -20.84 29.40 -14.63
C ARG E 7 -20.12 28.93 -13.36
N GLY E 8 -20.77 29.10 -12.21
CA GLY E 8 -20.18 28.69 -10.95
C GLY E 8 -20.99 29.03 -9.73
N ILE E 9 -20.47 28.67 -8.55
CA ILE E 9 -21.13 28.93 -7.29
C ILE E 9 -20.26 29.81 -6.39
N ILE E 10 -20.88 30.80 -5.75
CA ILE E 10 -20.15 31.71 -4.88
C ILE E 10 -19.72 31.02 -3.58
N LYS E 11 -18.41 30.94 -3.37
CA LYS E 11 -17.88 30.32 -2.16
C LYS E 11 -17.85 31.31 -1.01
N VAL E 13 -17.27 35.97 -0.08
CA VAL E 13 -17.02 37.35 -0.51
C VAL E 13 -15.82 37.92 0.23
N LEU E 14 -14.89 38.52 -0.52
CA LEU E 14 -13.65 39.01 0.06
C LEU E 14 -13.64 40.54 0.21
N SER E 15 -12.59 41.04 0.86
CA SER E 15 -12.40 42.48 1.03
C SER E 15 -12.21 43.15 -0.33
N GLY E 16 -12.62 44.40 -0.44
CA GLY E 16 -12.59 45.11 -1.71
C GLY E 16 -13.64 44.57 -2.65
N CYS E 17 -14.57 43.80 -2.08
CA CYS E 17 -15.65 43.15 -2.83
C CYS E 17 -15.15 42.31 -3.99
N ALA E 18 -14.10 41.52 -3.73
CA ALA E 18 -13.68 40.49 -4.66
C ALA E 18 -14.43 39.21 -4.32
N ILE E 19 -14.63 38.34 -5.31
CA ILE E 19 -15.44 37.15 -5.10
C ILE E 19 -14.70 35.87 -5.51
N ILE E 20 -14.82 34.85 -4.67
CA ILE E 20 -14.30 33.52 -5.00
C ILE E 20 -15.43 32.62 -5.50
N VAL E 21 -15.27 32.10 -6.71
CA VAL E 21 -16.26 31.20 -7.29
C VAL E 21 -15.70 29.79 -7.39
N ARG E 22 -16.49 28.81 -6.97
CA ARG E 22 -16.08 27.41 -7.07
C ARG E 22 -16.95 26.64 -8.05
N GLY E 23 -16.44 25.52 -8.54
CA GLY E 23 -17.24 24.61 -9.32
C GLY E 23 -17.91 23.63 -8.38
N GLN E 24 -18.57 22.62 -8.92
CA GLN E 24 -19.19 21.59 -8.10
C GLN E 24 -18.29 20.37 -8.03
N PRO E 25 -18.07 19.84 -6.81
CA PRO E 25 -17.22 18.66 -6.65
C PRO E 25 -17.83 17.41 -7.28
N ARG E 26 -17.21 16.95 -8.36
CA ARG E 26 -17.70 15.77 -9.07
C ARG E 26 -16.56 14.80 -9.32
N GLY E 27 -16.08 14.19 -8.24
CA GLY E 27 -14.95 13.28 -8.30
C GLY E 27 -13.94 13.59 -7.22
N GLY E 28 -13.41 14.80 -7.25
CA GLY E 28 -12.47 15.27 -6.23
C GLY E 28 -12.83 16.65 -5.74
N PRO E 29 -11.83 17.40 -5.24
CA PRO E 29 -12.04 18.77 -4.78
C PRO E 29 -12.46 19.71 -5.91
N PRO E 30 -13.43 20.59 -5.65
CA PRO E 30 -13.92 21.53 -6.66
C PRO E 30 -12.92 22.64 -6.96
N PRO E 31 -12.79 23.03 -8.24
CA PRO E 31 -11.89 24.12 -8.65
C PRO E 31 -12.32 25.46 -8.06
N GLU E 32 -11.36 26.31 -7.72
CA GLU E 32 -11.65 27.64 -7.20
C GLU E 32 -11.09 28.71 -8.11
N ARG E 33 -11.52 29.95 -7.88
CA ARG E 33 -11.11 31.08 -8.71
C ARG E 33 -11.53 32.40 -8.10
N GLN E 34 -10.58 33.30 -7.93
CA GLN E 34 -10.87 34.62 -7.38
C GLN E 34 -11.10 35.64 -8.49
N ILE E 35 -12.31 36.17 -8.56
CA ILE E 35 -12.67 37.16 -9.57
C ILE E 35 -12.86 38.54 -8.94
N ASN E 36 -12.09 39.51 -9.42
CA ASN E 36 -12.24 40.89 -8.98
C ASN E 36 -13.20 41.63 -9.91
N LEU E 37 -13.96 42.56 -9.35
CA LEU E 37 -14.96 43.28 -10.12
C LEU E 37 -14.34 44.45 -10.87
N SER E 38 -14.48 44.44 -12.19
CA SER E 38 -13.91 45.48 -13.04
C SER E 38 -14.65 46.80 -12.90
N ASN E 39 -13.95 47.89 -13.22
CA ASN E 39 -14.54 49.22 -13.36
C ASN E 39 -15.13 49.81 -12.09
N ILE E 40 -14.97 49.13 -10.96
CA ILE E 40 -15.44 49.67 -9.68
C ILE E 40 -14.38 49.51 -8.59
N ARG E 41 -14.56 50.24 -7.50
CA ARG E 41 -13.75 50.07 -6.31
C ARG E 41 -14.60 50.13 -5.05
N ALA E 42 -14.48 49.10 -4.21
CA ALA E 42 -15.13 49.09 -2.91
C ALA E 42 -14.10 49.27 -1.81
N GLY E 43 -14.57 49.71 -0.64
CA GLY E 43 -13.68 49.95 0.48
C GLY E 43 -13.00 48.68 0.97
N ASN E 44 -11.87 48.85 1.63
CA ASN E 44 -11.13 47.71 2.18
C ASN E 44 -11.59 47.35 3.58
N LEU E 45 -11.70 46.04 3.84
CA LEU E 45 -12.08 45.56 5.16
C LEU E 45 -10.94 45.75 6.14
N ALA E 46 -11.26 45.71 7.44
CA ALA E 46 -10.26 45.82 8.49
C ALA E 46 -9.33 44.61 8.46
N ARG E 47 -8.02 44.86 8.42
CA ARG E 47 -7.07 43.76 8.47
C ARG E 47 -6.20 43.94 9.71
N ARG E 48 -5.89 42.83 10.36
CA ARG E 48 -5.07 42.81 11.56
C ARG E 48 -3.69 42.25 11.23
N ALA E 49 -2.69 42.60 12.03
CA ALA E 49 -1.33 42.11 11.82
C ALA E 49 -0.86 41.20 12.97
N ASP E 58 -2.79 47.15 13.22
CA ASP E 58 -4.20 46.86 13.02
C ASP E 58 -4.87 47.99 12.26
N THR E 59 -5.24 47.73 11.01
CA THR E 59 -5.96 48.71 10.20
C THR E 59 -7.46 48.46 10.28
N PRO E 60 -8.24 49.54 10.47
CA PRO E 60 -9.70 49.43 10.61
C PRO E 60 -10.43 49.37 9.27
N ASP E 61 -11.74 49.21 9.32
CA ASP E 61 -12.58 49.26 8.12
C ASP E 61 -12.64 50.67 7.56
N GLU E 62 -12.50 50.78 6.25
CA GLU E 62 -12.86 52.02 5.57
C GLU E 62 -14.38 52.13 5.63
N PRO E 63 -14.90 53.37 5.59
CA PRO E 63 -16.35 53.54 5.62
C PRO E 63 -17.06 52.77 4.49
N TRP E 64 -18.16 52.11 4.84
CA TRP E 64 -19.00 51.38 3.89
C TRP E 64 -18.32 50.17 3.25
N ALA E 65 -17.18 49.77 3.81
CA ALA E 65 -16.48 48.60 3.30
C ALA E 65 -17.18 47.31 3.75
N PHE E 66 -17.52 47.25 5.03
CA PHE E 66 -18.21 46.09 5.59
C PHE E 66 -19.67 45.99 5.13
N PRO E 67 -20.41 47.12 5.07
CA PRO E 67 -21.75 47.01 4.48
C PRO E 67 -21.72 46.51 3.03
N ALA E 68 -20.66 46.82 2.29
CA ALA E 68 -20.51 46.34 0.93
C ALA E 68 -20.31 44.83 0.90
N ARG E 69 -19.46 44.33 1.81
CA ARG E 69 -19.24 42.90 1.97
C ARG E 69 -20.56 42.22 2.31
N GLU E 70 -21.28 42.79 3.26
CA GLU E 70 -22.55 42.22 3.72
C GLU E 70 -23.59 42.19 2.62
N PHE E 71 -23.63 43.25 1.82
CA PHE E 71 -24.57 43.33 0.70
C PHE E 71 -24.37 42.18 -0.28
N LEU E 72 -23.12 41.91 -0.61
CA LEU E 72 -22.80 40.81 -1.51
C LEU E 72 -23.00 39.47 -0.84
N ARG E 73 -22.63 39.38 0.44
CA ARG E 73 -22.73 38.14 1.19
C ARG E 73 -24.20 37.71 1.35
N LYS E 74 -25.11 38.67 1.33
CA LYS E 74 -26.53 38.39 1.48
C LYS E 74 -27.14 37.86 0.18
N LYS E 75 -26.64 38.35 -0.94
CA LYS E 75 -27.24 38.06 -2.25
C LYS E 75 -26.52 36.96 -3.03
N LEU E 76 -25.26 36.72 -2.71
CA LEU E 76 -24.43 35.84 -3.53
C LEU E 76 -24.12 34.47 -2.93
N ILE E 77 -23.94 34.41 -1.61
CA ILE E 77 -23.46 33.20 -0.97
C ILE E 77 -24.33 31.97 -1.24
N GLY E 78 -23.72 30.97 -1.88
CA GLY E 78 -24.40 29.73 -2.19
C GLY E 78 -25.19 29.78 -3.49
N LYS E 79 -25.23 30.96 -4.11
CA LYS E 79 -26.03 31.16 -5.31
C LYS E 79 -25.27 30.77 -6.58
N GLU E 80 -26.02 30.28 -7.56
CA GLU E 80 -25.47 29.97 -8.87
C GLU E 80 -25.31 31.25 -9.68
N VAL E 81 -24.10 31.48 -10.20
CA VAL E 81 -23.82 32.67 -10.99
C VAL E 81 -23.15 32.33 -12.31
N CYS E 82 -23.05 33.32 -13.18
CA CYS E 82 -22.24 33.20 -14.40
C CYS E 82 -21.36 34.43 -14.49
N PHE E 83 -20.25 34.32 -15.23
CA PHE E 83 -19.29 35.42 -15.28
C PHE E 83 -18.44 35.42 -16.54
N THR E 84 -17.80 36.56 -16.80
CA THR E 84 -16.85 36.70 -17.90
C THR E 84 -15.56 37.34 -17.39
N ILE E 85 -14.43 36.98 -18.00
CA ILE E 85 -13.15 37.55 -17.61
C ILE E 85 -12.67 38.56 -18.65
N GLU E 86 -12.62 39.83 -18.24
CA GLU E 86 -12.21 40.90 -19.14
C GLU E 86 -10.71 41.13 -19.10
N ASN E 87 -10.13 41.05 -17.91
CA ASN E 87 -8.71 41.30 -17.73
C ASN E 87 -8.00 40.20 -16.94
N LYS E 88 -6.71 40.07 -17.18
CA LYS E 88 -5.87 39.10 -16.50
C LYS E 88 -4.47 39.69 -16.33
N THR E 89 -4.24 40.32 -15.19
CA THR E 89 -2.96 40.98 -14.91
C THR E 89 -1.82 39.96 -14.95
N PRO E 90 -0.62 40.40 -15.32
CA PRO E 90 0.55 39.50 -15.40
C PRO E 90 1.01 38.97 -14.04
N GLN E 91 0.07 38.70 -13.15
CA GLN E 91 0.36 38.09 -11.85
C GLN E 91 -0.56 36.90 -11.62
N GLY E 92 -1.76 36.97 -12.21
CA GLY E 92 -2.76 35.95 -12.03
C GLY E 92 -4.08 36.53 -11.56
N ARG E 93 -4.04 37.79 -11.15
CA ARG E 93 -5.22 38.48 -10.64
C ARG E 93 -6.23 38.75 -11.75
N GLU E 94 -7.36 38.06 -11.70
CA GLU E 94 -8.36 38.14 -12.76
C GLU E 94 -9.49 39.12 -12.44
N TYR E 95 -9.83 39.95 -13.42
CA TYR E 95 -10.93 40.89 -13.29
C TYR E 95 -12.05 40.52 -14.26
N GLY E 96 -13.29 40.85 -13.90
CA GLY E 96 -14.42 40.55 -14.76
C GLY E 96 -15.78 40.98 -14.23
N ILE E 98 -19.76 39.73 -12.90
CA ILE E 98 -20.48 38.62 -12.28
C ILE E 98 -21.99 38.86 -12.35
N TYR E 99 -22.73 37.84 -12.79
CA TYR E 99 -24.17 37.95 -12.95
C TYR E 99 -24.92 36.88 -12.14
N LEU E 100 -25.99 37.31 -11.46
CA LEU E 100 -26.84 36.37 -10.74
C LEU E 100 -27.80 35.66 -11.68
N GLY E 101 -27.63 34.35 -11.80
CA GLY E 101 -28.52 33.56 -12.65
C GLY E 101 -27.77 32.68 -13.64
N LYS E 102 -28.40 32.42 -14.77
CA LYS E 102 -27.84 31.55 -15.78
C LYS E 102 -27.28 32.32 -16.97
N ASP E 103 -27.93 33.44 -17.30
CA ASP E 103 -27.53 34.25 -18.45
C ASP E 103 -26.89 35.57 -18.03
N THR E 104 -26.23 36.23 -18.97
CA THR E 104 -25.54 37.49 -18.69
C THR E 104 -26.48 38.68 -18.74
N ASN E 105 -27.78 38.41 -18.85
CA ASN E 105 -28.79 39.47 -18.79
C ASN E 105 -29.42 39.54 -17.40
N GLY E 106 -28.88 38.75 -16.49
CA GLY E 106 -29.32 38.78 -15.10
C GLY E 106 -28.74 39.97 -14.37
N GLU E 107 -28.89 39.99 -13.05
CA GLU E 107 -28.42 41.10 -12.24
C GLU E 107 -26.90 41.25 -12.28
N ASN E 108 -26.42 42.41 -12.72
CA ASN E 108 -25.00 42.70 -12.73
C ASN E 108 -24.54 43.10 -11.32
N ILE E 109 -23.63 42.32 -10.77
CA ILE E 109 -23.17 42.52 -9.39
C ILE E 109 -22.48 43.86 -9.19
N ALA E 110 -21.66 44.26 -10.15
CA ALA E 110 -20.95 45.54 -10.07
C ALA E 110 -21.93 46.71 -10.10
N GLU E 111 -22.92 46.62 -10.98
CA GLU E 111 -23.94 47.67 -11.10
C GLU E 111 -24.77 47.78 -9.82
N SER E 112 -25.08 46.65 -9.22
CA SER E 112 -25.85 46.62 -7.98
C SER E 112 -25.12 47.33 -6.85
N LEU E 113 -23.81 47.14 -6.79
CA LEU E 113 -22.98 47.77 -5.77
C LEU E 113 -22.97 49.30 -5.93
N VAL E 114 -22.72 49.74 -7.15
CA VAL E 114 -22.64 51.17 -7.44
C VAL E 114 -23.99 51.86 -7.24
N ALA E 115 -25.07 51.14 -7.54
CA ALA E 115 -26.42 51.69 -7.44
C ALA E 115 -26.82 52.04 -6.01
N GLU E 116 -26.13 51.44 -5.04
CA GLU E 116 -26.49 51.63 -3.64
C GLU E 116 -25.41 52.37 -2.85
N GLY E 117 -24.44 52.94 -3.57
CA GLY E 117 -23.38 53.71 -2.93
C GLY E 117 -22.44 52.86 -2.10
N LEU E 118 -22.13 51.67 -2.60
CA LEU E 118 -21.20 50.78 -1.92
C LEU E 118 -19.91 50.65 -2.71
N ALA E 119 -19.87 51.30 -3.87
CA ALA E 119 -18.68 51.29 -4.72
C ALA E 119 -18.71 52.44 -5.72
N THR E 120 -17.58 53.11 -5.87
CA THR E 120 -17.43 54.11 -6.92
C THR E 120 -16.98 53.45 -8.20
N ARG E 121 -17.44 53.97 -9.34
CA ARG E 121 -17.01 53.43 -10.62
C ARG E 121 -15.58 53.88 -10.89
N ARG E 122 -14.79 53.01 -11.50
CA ARG E 122 -13.41 53.33 -11.83
C ARG E 122 -13.30 53.71 -13.30
N GLU E 123 -13.42 55.00 -13.59
CA GLU E 123 -13.33 55.50 -14.95
C GLU E 123 -11.88 55.54 -15.41
N GLY E 124 -11.44 54.47 -16.07
CA GLY E 124 -10.07 54.37 -16.54
C GLY E 124 -9.86 55.11 -17.85
N ARG E 126 -10.00 53.69 -20.62
CA ARG E 126 -10.85 53.01 -21.58
C ARG E 126 -12.05 53.87 -21.95
N ALA E 127 -12.31 54.00 -23.25
CA ALA E 127 -13.34 54.90 -23.76
C ALA E 127 -14.73 54.51 -23.28
N ASN E 128 -15.69 55.40 -23.50
CA ASN E 128 -17.05 55.24 -22.98
C ASN E 128 -17.72 53.96 -23.43
N ASN E 129 -18.14 53.15 -22.47
CA ASN E 129 -18.76 51.87 -22.80
C ASN E 129 -20.25 51.88 -22.50
N PRO E 130 -20.98 50.90 -23.05
CA PRO E 130 -22.35 50.71 -22.56
C PRO E 130 -22.31 50.26 -21.10
N GLU E 131 -21.28 49.49 -20.76
CA GLU E 131 -21.10 49.04 -19.37
C GLU E 131 -20.71 50.20 -18.45
N GLN E 132 -19.77 51.02 -18.90
CA GLN E 132 -19.30 52.15 -18.10
C GLN E 132 -20.38 53.21 -17.95
N ASN E 133 -21.20 53.37 -18.99
CA ASN E 133 -22.30 54.33 -18.95
C ASN E 133 -23.39 53.89 -17.99
N ARG E 134 -23.67 52.58 -17.98
CA ARG E 134 -24.64 52.02 -17.05
C ARG E 134 -24.16 52.20 -15.62
N LEU E 135 -22.86 51.99 -15.41
CA LEU E 135 -22.24 52.23 -14.11
C LEU E 135 -22.28 53.71 -13.75
N SER E 136 -22.17 54.55 -14.77
CA SER E 136 -22.27 55.98 -14.56
C SER E 136 -23.66 56.28 -14.01
N GLU E 137 -24.69 55.90 -14.76
CA GLU E 137 -26.08 56.10 -14.38
C GLU E 137 -26.38 55.63 -12.96
N CYS E 138 -25.91 54.43 -12.62
CA CYS E 138 -26.12 53.89 -11.29
C CYS E 138 -25.52 54.77 -10.20
N GLU E 139 -24.36 55.35 -10.49
CA GLU E 139 -23.70 56.21 -9.52
C GLU E 139 -24.42 57.55 -9.35
N GLU E 140 -24.84 58.16 -10.45
CA GLU E 140 -25.60 59.41 -10.37
C GLU E 140 -26.94 59.20 -9.69
N GLN E 141 -27.55 58.05 -9.91
CA GLN E 141 -28.82 57.74 -9.25
C GLN E 141 -28.59 57.51 -7.76
N ALA E 142 -27.44 56.95 -7.43
CA ALA E 142 -27.06 56.72 -6.03
C ALA E 142 -26.74 58.04 -5.34
N LYS E 143 -26.08 58.94 -6.06
CA LYS E 143 -25.76 60.26 -5.52
C LYS E 143 -27.02 61.09 -5.32
N ALA E 144 -27.97 60.92 -6.23
CA ALA E 144 -29.23 61.65 -6.17
C ALA E 144 -30.08 61.17 -5.00
N ALA E 145 -29.99 59.88 -4.68
CA ALA E 145 -30.75 59.30 -3.58
C ALA E 145 -29.98 59.41 -2.28
N LYS E 146 -28.73 59.84 -2.37
CA LYS E 146 -27.84 59.97 -1.22
C LYS E 146 -27.69 58.64 -0.48
N LYS E 147 -27.44 57.57 -1.24
CA LYS E 147 -27.26 56.25 -0.65
C LYS E 147 -25.81 56.00 -0.26
N GLY E 148 -25.62 55.20 0.78
CA GLY E 148 -24.30 54.75 1.18
C GLY E 148 -23.25 55.83 1.37
N TRP E 150 -22.66 58.28 -0.38
CA TRP E 150 -23.10 59.58 -0.87
C TRP E 150 -24.00 60.26 0.14
N SER E 151 -24.46 59.51 1.14
CA SER E 151 -25.19 60.12 2.26
C SER E 151 -24.27 61.09 2.99
N GLU E 152 -24.84 62.03 3.74
CA GLU E 152 -24.01 63.01 4.44
C GLU E 152 -23.55 62.48 5.79
N GLY E 153 -22.28 62.75 6.07
CA GLY E 153 -21.59 62.18 7.21
C GLY E 153 -20.34 61.51 6.70
N ASN E 154 -19.41 61.26 7.62
CA ASN E 154 -18.18 60.58 7.26
C ASN E 154 -18.41 59.09 7.03
N GLY E 155 -19.46 58.57 7.66
CA GLY E 155 -19.79 57.16 7.54
C GLY E 155 -19.03 56.34 8.56
N SER E 156 -18.71 56.95 9.70
CA SER E 156 -17.95 56.27 10.75
C SER E 156 -18.76 55.15 11.39
N HIS E 157 -20.09 55.27 11.33
CA HIS E 157 -20.98 54.28 11.94
C HIS E 157 -20.93 52.94 11.20
N THR E 158 -20.34 52.94 10.01
CA THR E 158 -20.20 51.72 9.23
C THR E 158 -18.90 51.00 9.57
N ILE E 159 -17.98 51.72 10.22
CA ILE E 159 -16.74 51.12 10.69
C ILE E 159 -17.01 50.34 11.97
N ARG E 160 -16.87 49.02 11.91
CA ARG E 160 -17.18 48.19 13.06
C ARG E 160 -16.00 48.07 14.01
N ASP E 161 -16.30 48.12 15.31
CA ASP E 161 -15.27 48.03 16.34
C ASP E 161 -14.85 46.59 16.54
N LEU E 162 -13.98 46.10 15.66
CA LEU E 162 -13.55 44.71 15.70
C LEU E 162 -12.71 44.39 16.94
N LYS E 163 -13.18 43.42 17.71
CA LYS E 163 -12.45 42.94 18.87
C LYS E 163 -11.96 41.51 18.61
N TYR E 164 -10.65 41.36 18.47
CA TYR E 164 -10.07 40.07 18.11
C TYR E 164 -9.87 39.17 19.32
N THR E 165 -10.02 39.74 20.52
CA THR E 165 -9.88 38.96 21.74
C THR E 165 -10.99 39.27 22.74
N ILE E 166 -11.29 38.29 23.59
CA ILE E 166 -12.22 38.49 24.70
C ILE E 166 -11.42 38.40 26.01
N GLU E 167 -11.60 39.37 26.87
CA GLU E 167 -10.79 39.45 28.10
C GLU E 167 -11.09 38.29 29.04
N ASN E 168 -12.36 38.07 29.35
CA ASN E 168 -12.74 36.91 30.15
C ASN E 168 -13.83 36.10 29.45
N PRO E 169 -13.41 35.09 28.66
CA PRO E 169 -14.29 34.23 27.87
C PRO E 169 -15.39 33.56 28.68
N ARG E 170 -15.07 33.11 29.89
CA ARG E 170 -16.03 32.37 30.69
C ARG E 170 -17.23 33.25 31.05
N HIS E 171 -16.96 34.46 31.54
CA HIS E 171 -18.05 35.39 31.86
C HIS E 171 -18.84 35.73 30.60
N PHE E 172 -18.14 35.88 29.48
CA PHE E 172 -18.77 36.17 28.20
C PHE E 172 -19.73 35.05 27.80
N VAL E 173 -19.25 33.81 27.90
CA VAL E 173 -20.05 32.65 27.55
C VAL E 173 -21.23 32.48 28.51
N ASP E 174 -20.96 32.60 29.80
CA ASP E 174 -22.00 32.40 30.81
C ASP E 174 -23.06 33.50 30.81
N SER E 175 -22.67 34.73 30.49
CA SER E 175 -23.60 35.86 30.53
C SER E 175 -24.66 35.79 29.44
N HIS E 176 -24.40 35.02 28.39
CA HIS E 176 -25.37 34.84 27.32
C HIS E 176 -26.36 33.73 27.67
N HIS E 177 -26.02 32.97 28.69
CA HIS E 177 -26.91 31.94 29.25
C HIS E 177 -27.41 30.94 28.22
N GLN E 178 -26.50 30.50 27.35
CA GLN E 178 -26.79 29.49 26.33
C GLN E 178 -27.96 29.89 25.41
N LYS E 179 -28.19 31.19 25.28
CA LYS E 179 -29.18 31.70 24.35
C LYS E 179 -28.52 32.00 23.01
N PRO E 180 -29.13 31.53 21.92
CA PRO E 180 -28.58 31.61 20.56
C PRO E 180 -28.11 33.01 20.17
N VAL E 181 -26.86 33.11 19.71
CA VAL E 181 -26.28 34.38 19.31
C VAL E 181 -26.19 34.48 17.80
N ASN E 182 -26.67 35.60 17.25
CA ASN E 182 -26.53 35.86 15.82
C ASN E 182 -25.06 35.97 15.44
N ALA E 183 -24.66 35.28 14.39
CA ALA E 183 -23.26 35.25 14.00
C ALA E 183 -23.05 34.95 12.52
N ILE E 184 -21.87 35.33 12.02
CA ILE E 184 -21.46 35.02 10.66
C ILE E 184 -20.23 34.13 10.68
N ILE E 185 -20.30 33.01 9.97
CA ILE E 185 -19.15 32.11 9.86
C ILE E 185 -18.15 32.69 8.86
N GLU E 186 -17.04 33.22 9.37
CA GLU E 186 -16.08 33.91 8.52
C GLU E 186 -15.04 32.98 7.89
N HIS E 187 -14.63 31.96 8.65
N HIS E 187 -14.65 31.94 8.63
CA HIS E 187 -13.65 30.99 8.15
CA HIS E 187 -13.62 31.01 8.17
C HIS E 187 -13.91 29.60 8.69
C HIS E 187 -13.84 29.61 8.74
N VAL E 188 -13.37 28.60 8.01
CA VAL E 188 -13.47 27.21 8.45
C VAL E 188 -12.09 26.57 8.51
N ARG E 189 -11.56 26.41 9.72
CA ARG E 189 -10.24 25.81 9.90
C ARG E 189 -10.28 24.30 9.61
N ASP E 190 -11.32 23.65 10.10
CA ASP E 190 -11.62 22.28 9.72
C ASP E 190 -13.10 22.01 9.96
N GLY E 191 -13.53 20.77 9.71
CA GLY E 191 -14.93 20.42 9.83
C GLY E 191 -15.62 20.77 11.14
N SER E 192 -14.84 20.82 12.22
CA SER E 192 -15.40 21.04 13.55
C SER E 192 -15.04 22.39 14.15
N VAL E 193 -14.06 23.08 13.56
CA VAL E 193 -13.61 24.36 14.10
C VAL E 193 -13.77 25.49 13.08
N VAL E 194 -14.49 26.53 13.47
CA VAL E 194 -14.75 27.66 12.59
C VAL E 194 -14.39 29.00 13.24
N ARG E 195 -14.19 30.01 12.40
CA ARG E 195 -14.04 31.39 12.88
C ARG E 195 -15.36 32.11 12.67
N ALA E 196 -15.86 32.77 13.71
CA ALA E 196 -17.18 33.37 13.67
C ALA E 196 -17.20 34.80 14.15
N LEU E 197 -17.91 35.65 13.42
CA LEU E 197 -18.13 37.03 13.83
C LEU E 197 -19.43 37.12 14.63
N LEU E 198 -19.32 37.50 15.90
CA LEU E 198 -20.47 37.52 16.79
C LEU E 198 -21.16 38.88 16.81
N LEU E 199 -22.48 38.89 16.63
CA LEU E 199 -23.24 40.12 16.60
C LEU E 199 -23.90 40.39 17.95
N PRO E 200 -24.16 41.67 18.27
CA PRO E 200 -23.93 42.87 17.44
C PRO E 200 -22.67 43.65 17.76
N ASP E 201 -21.77 43.10 18.56
CA ASP E 201 -20.57 43.84 18.98
C ASP E 201 -19.32 43.41 18.22
N TYR E 202 -19.50 42.53 17.25
CA TYR E 202 -18.43 42.13 16.32
C TYR E 202 -17.21 41.51 17.02
N TYR E 203 -17.43 40.39 17.69
CA TYR E 203 -16.34 39.59 18.24
C TYR E 203 -15.90 38.52 17.24
N LEU E 204 -14.65 38.56 16.82
CA LEU E 204 -14.12 37.53 15.93
C LEU E 204 -13.49 36.42 16.76
N VAL E 205 -14.25 35.36 17.00
CA VAL E 205 -13.81 34.29 17.90
C VAL E 205 -13.71 32.94 17.21
N THR E 206 -12.98 32.02 17.84
CA THR E 206 -12.86 30.66 17.34
C THR E 206 -13.89 29.75 18.02
N VAL E 207 -14.63 29.00 17.23
CA VAL E 207 -15.68 28.13 17.76
C VAL E 207 -15.47 26.68 17.33
N LEU E 209 -17.02 22.76 17.63
CA LEU E 209 -18.29 22.09 17.88
C LEU E 209 -18.23 21.18 19.09
N SER E 210 -19.22 21.32 19.97
CA SER E 210 -19.30 20.54 21.19
C SER E 210 -19.66 19.08 20.91
N GLY E 211 -19.02 18.17 21.64
CA GLY E 211 -19.37 16.77 21.59
C GLY E 211 -18.76 15.95 20.47
N ILE E 212 -18.22 16.63 19.46
CA ILE E 212 -17.66 15.92 18.31
C ILE E 212 -16.25 16.39 17.94
N LYS E 213 -15.64 15.68 17.00
CA LYS E 213 -14.35 16.05 16.46
C LYS E 213 -14.18 15.54 15.03
N CYS E 214 -13.74 16.43 14.14
CA CYS E 214 -13.44 16.04 12.77
C CYS E 214 -11.95 15.81 12.61
N PRO E 215 -11.55 15.03 11.59
CA PRO E 215 -10.12 14.91 11.26
C PRO E 215 -9.52 16.28 10.99
N THR E 216 -8.28 16.50 11.42
CA THR E 216 -7.68 17.83 11.38
C THR E 216 -6.44 17.93 10.50
N PHE E 217 -5.83 19.11 10.51
CA PHE E 217 -4.58 19.35 9.81
C PHE E 217 -3.47 19.60 10.82
N ARG E 218 -2.33 18.95 10.63
CA ARG E 218 -1.21 19.12 11.55
C ARG E 218 -0.05 19.91 10.93
N ARG E 219 0.48 20.85 11.70
CA ARG E 219 1.52 21.76 11.25
C ARG E 219 2.84 21.08 10.94
N GLU E 220 3.22 21.05 9.66
CA GLU E 220 4.52 20.57 9.25
C GLU E 220 5.14 21.51 8.23
N ALA E 221 6.03 22.39 8.71
CA ALA E 221 6.67 23.37 7.85
C ALA E 221 8.12 23.61 8.27
N GLU E 225 1.76 21.74 6.01
CA GLU E 225 0.82 20.96 6.78
C GLU E 225 0.67 19.55 6.23
N THR E 226 -0.15 18.76 6.90
CA THR E 226 -0.53 17.44 6.40
C THR E 226 -1.85 17.02 7.06
N PRO E 227 -2.83 16.62 6.24
CA PRO E 227 -4.16 16.31 6.77
C PRO E 227 -4.27 14.88 7.28
N GLU E 228 -5.27 14.64 8.12
CA GLU E 228 -5.67 13.29 8.48
C GLU E 228 -6.64 12.81 7.42
N PRO E 229 -6.91 11.49 7.36
CA PRO E 229 -7.93 11.02 6.41
C PRO E 229 -9.27 11.74 6.56
N PHE E 230 -9.82 12.19 5.44
CA PHE E 230 -11.11 12.88 5.39
C PHE E 230 -11.11 14.23 6.09
N ALA E 231 -9.94 14.82 6.29
CA ALA E 231 -9.85 16.14 6.90
C ALA E 231 -10.39 17.21 5.95
N ALA E 232 -9.77 17.30 4.78
CA ALA E 232 -10.18 18.27 3.76
C ALA E 232 -11.62 18.01 3.30
N GLU E 233 -11.99 16.74 3.20
CA GLU E 233 -13.35 16.36 2.83
C GLU E 233 -14.36 16.89 3.84
N ALA E 234 -14.05 16.72 5.13
CA ALA E 234 -14.95 17.18 6.19
C ALA E 234 -14.98 18.70 6.25
N LYS E 235 -13.84 19.33 5.94
CA LYS E 235 -13.76 20.78 5.93
C LYS E 235 -14.67 21.37 4.86
N PHE E 236 -14.65 20.77 3.67
CA PHE E 236 -15.50 21.21 2.58
C PHE E 236 -16.98 21.04 2.89
N PHE E 237 -17.29 19.94 3.57
CA PHE E 237 -18.68 19.63 3.93
C PHE E 237 -19.31 20.75 4.76
N THR E 238 -18.54 21.27 5.71
CA THR E 238 -19.00 22.38 6.54
C THR E 238 -18.89 23.69 5.79
N GLU E 239 -17.79 23.84 5.05
CA GLU E 239 -17.51 25.06 4.29
C GLU E 239 -18.59 25.35 3.26
N SER E 240 -19.00 24.33 2.51
CA SER E 240 -19.96 24.51 1.43
C SER E 240 -21.38 24.75 1.95
N ARG E 241 -21.57 24.60 3.25
CA ARG E 241 -22.89 24.77 3.85
C ARG E 241 -22.99 25.96 4.80
N LEU E 242 -21.87 26.36 5.38
CA LEU E 242 -21.93 27.37 6.45
C LEU E 242 -21.02 28.59 6.24
N LEU E 243 -20.07 28.51 5.31
CA LEU E 243 -19.14 29.62 5.11
C LEU E 243 -19.85 30.91 4.68
N GLN E 244 -19.66 31.95 5.48
CA GLN E 244 -20.29 33.25 5.27
C GLN E 244 -21.81 33.16 5.24
N ARG E 245 -22.36 32.18 5.95
CA ARG E 245 -23.79 32.07 6.15
C ARG E 245 -24.21 32.78 7.45
N ASP E 246 -25.39 33.37 7.44
CA ASP E 246 -25.99 33.87 8.66
C ASP E 246 -26.39 32.69 9.52
N VAL E 247 -25.82 32.60 10.73
CA VAL E 247 -26.11 31.49 11.62
C VAL E 247 -26.42 31.96 13.03
N GLN E 248 -26.88 31.03 13.85
CA GLN E 248 -27.02 31.27 15.27
C GLN E 248 -26.15 30.28 16.04
N ILE E 249 -25.36 30.78 16.98
CA ILE E 249 -24.45 29.94 17.74
C ILE E 249 -24.79 29.93 19.22
N ILE E 250 -24.94 28.73 19.77
CA ILE E 250 -25.13 28.59 21.21
C ILE E 250 -23.78 28.50 21.91
N LEU E 251 -23.37 29.60 22.53
CA LEU E 251 -22.11 29.61 23.28
C LEU E 251 -22.26 28.77 24.54
N GLU E 252 -21.76 27.54 24.48
CA GLU E 252 -22.02 26.55 25.52
C GLU E 252 -20.93 26.48 26.59
N SER E 253 -19.68 26.62 26.17
CA SER E 253 -18.56 26.57 27.11
C SER E 253 -17.34 27.25 26.52
N CYS E 254 -16.24 27.20 27.25
CA CYS E 254 -15.00 27.77 26.76
C CYS E 254 -13.81 26.88 27.08
N HIS E 255 -12.89 26.81 26.11
CA HIS E 255 -11.63 26.10 26.26
C HIS E 255 -10.57 27.03 25.69
N ASN E 256 -9.74 27.63 26.56
CA ASN E 256 -8.75 28.66 26.21
C ASN E 256 -9.46 29.96 25.82
N GLN E 257 -9.08 30.48 24.66
CA GLN E 257 -9.78 31.59 24.04
C GLN E 257 -10.79 31.05 23.04
N ASN E 258 -10.86 29.72 22.96
CA ASN E 258 -11.80 29.06 22.06
C ASN E 258 -13.14 28.82 22.74
N ILE E 259 -14.21 28.86 21.95
CA ILE E 259 -15.56 28.68 22.48
C ILE E 259 -16.18 27.38 21.97
N LEU E 260 -16.56 26.51 22.90
CA LEU E 260 -17.30 25.30 22.56
C LEU E 260 -18.77 25.64 22.38
N GLY E 261 -19.33 25.28 21.23
CA GLY E 261 -20.71 25.63 20.95
C GLY E 261 -21.40 24.79 19.90
N THR E 262 -22.62 25.20 19.56
CA THR E 262 -23.42 24.54 18.54
C THR E 262 -23.91 25.56 17.53
N ILE E 263 -23.70 25.28 16.24
CA ILE E 263 -24.14 26.18 15.19
C ILE E 263 -25.54 25.82 14.72
N LEU E 264 -26.43 26.81 14.71
CA LEU E 264 -27.82 26.59 14.32
C LEU E 264 -28.13 27.19 12.96
N HIS E 265 -28.75 26.40 12.09
CA HIS E 265 -29.11 26.85 10.75
C HIS E 265 -30.42 26.18 10.33
N PRO E 266 -31.28 26.94 9.63
CA PRO E 266 -32.58 26.45 9.15
C PRO E 266 -32.51 25.11 8.41
N ASN E 267 -31.43 24.88 7.66
CA ASN E 267 -31.29 23.64 6.90
C ASN E 267 -30.91 22.45 7.76
N GLY E 268 -30.42 22.70 8.98
CA GLY E 268 -30.12 21.62 9.89
C GLY E 268 -28.94 21.86 10.82
N ASN E 269 -28.68 20.88 11.68
CA ASN E 269 -27.58 20.92 12.64
C ASN E 269 -26.33 20.31 12.04
N ILE E 270 -25.30 21.14 11.85
CA ILE E 270 -24.07 20.69 11.21
C ILE E 270 -23.33 19.65 12.07
N THR E 271 -23.56 19.68 13.37
CA THR E 271 -22.96 18.72 14.28
C THR E 271 -23.56 17.33 14.04
N GLU E 272 -24.87 17.29 13.84
CA GLU E 272 -25.56 16.04 13.52
C GLU E 272 -25.16 15.51 12.15
N LEU E 273 -25.05 16.43 11.19
CA LEU E 273 -24.77 16.05 9.80
C LEU E 273 -23.37 15.48 9.63
N LEU E 274 -22.38 16.12 10.23
CA LEU E 274 -21.00 15.63 10.19
C LEU E 274 -20.91 14.21 10.71
N LEU E 275 -21.68 13.93 11.78
CA LEU E 275 -21.70 12.61 12.38
C LEU E 275 -22.30 11.56 11.47
N LYS E 276 -23.54 11.79 11.04
CA LYS E 276 -24.27 10.80 10.24
C LYS E 276 -23.73 10.67 8.81
N GLU E 277 -22.81 11.55 8.43
CA GLU E 277 -22.13 11.44 7.15
C GLU E 277 -20.77 10.76 7.31
N GLY E 278 -20.38 10.54 8.57
CA GLY E 278 -19.12 9.89 8.87
C GLY E 278 -17.93 10.80 8.72
N PHE E 279 -18.14 12.10 8.94
CA PHE E 279 -17.06 13.07 8.87
C PHE E 279 -16.56 13.43 10.26
N ALA E 280 -17.24 12.92 11.28
CA ALA E 280 -16.87 13.23 12.66
C ALA E 280 -17.24 12.08 13.60
N ARG E 281 -16.50 11.98 14.69
CA ARG E 281 -16.80 11.00 15.73
C ARG E 281 -17.21 11.70 17.01
N CYS E 282 -18.05 11.04 17.80
CA CYS E 282 -18.44 11.58 19.09
C CYS E 282 -17.23 11.66 20.01
N VAL E 283 -17.21 12.69 20.85
CA VAL E 283 -16.11 12.89 21.79
C VAL E 283 -16.71 13.08 23.18
N ASP E 284 -16.16 12.37 24.16
CA ASP E 284 -16.81 12.26 25.47
C ASP E 284 -16.36 13.32 26.47
N TRP E 285 -15.28 14.05 26.18
CA TRP E 285 -14.80 15.04 27.13
C TRP E 285 -15.64 16.31 27.06
N SER E 286 -16.33 16.52 25.95
CA SER E 286 -17.11 17.74 25.76
C SER E 286 -18.58 17.49 25.47
N ILE E 287 -18.98 16.22 25.40
CA ILE E 287 -20.34 15.87 25.03
C ILE E 287 -21.36 16.30 26.10
N ALA E 288 -20.87 16.63 27.29
CA ALA E 288 -21.73 17.07 28.37
C ALA E 288 -22.17 18.53 28.18
N VAL E 289 -21.38 19.29 27.43
CA VAL E 289 -21.69 20.70 27.22
C VAL E 289 -22.61 20.90 26.02
N TYR E 290 -22.93 19.79 25.33
CA TYR E 290 -23.87 19.83 24.22
C TYR E 290 -25.29 19.99 24.74
N THR E 291 -25.91 21.14 24.44
CA THR E 291 -27.19 21.50 25.04
C THR E 291 -28.42 21.01 24.27
N ARG E 292 -28.20 20.38 23.12
CA ARG E 292 -29.31 20.00 22.26
C ARG E 292 -29.54 18.50 22.17
N GLY E 293 -29.29 17.79 23.26
CA GLY E 293 -29.54 16.36 23.32
C GLY E 293 -28.40 15.52 22.78
N ALA E 294 -27.61 14.96 23.70
CA ALA E 294 -26.44 14.17 23.34
C ALA E 294 -26.84 12.85 22.68
N GLU E 295 -28.02 12.34 23.03
CA GLU E 295 -28.49 11.06 22.50
C GLU E 295 -28.70 11.12 20.99
N LYS E 296 -29.04 12.29 20.49
CA LYS E 296 -29.19 12.48 19.05
C LYS E 296 -27.85 12.32 18.36
N LEU E 297 -26.78 12.81 19.00
CA LEU E 297 -25.44 12.71 18.46
C LEU E 297 -24.98 11.26 18.42
N ARG E 298 -25.31 10.52 19.48
CA ARG E 298 -24.98 9.10 19.55
C ARG E 298 -25.65 8.33 18.41
N ALA E 299 -26.94 8.57 18.22
CA ALA E 299 -27.71 7.91 17.18
C ALA E 299 -27.15 8.25 15.81
N ALA E 300 -26.74 9.50 15.63
CA ALA E 300 -26.16 9.95 14.37
C ALA E 300 -24.85 9.25 14.09
N GLU E 301 -24.09 8.99 15.14
CA GLU E 301 -22.79 8.35 15.00
C GLU E 301 -22.95 6.86 14.69
N ARG E 302 -23.92 6.21 15.30
CA ARG E 302 -24.19 4.79 15.05
C ARG E 302 -24.54 4.56 13.59
N PHE E 303 -25.33 5.48 13.03
CA PHE E 303 -25.76 5.43 11.64
C PHE E 303 -24.56 5.29 10.69
N ALA E 304 -23.63 6.23 10.77
CA ALA E 304 -22.43 6.19 9.93
C ALA E 304 -21.56 4.99 10.30
N LYS E 305 -21.58 4.63 11.58
CA LYS E 305 -20.84 3.48 12.08
C LYS E 305 -21.30 2.19 11.43
N GLU E 306 -22.60 1.90 11.57
CA GLU E 306 -23.18 0.66 11.08
C GLU E 306 -23.07 0.51 9.57
N ARG E 307 -22.99 1.64 8.86
CA ARG E 307 -22.93 1.61 7.40
C ARG E 307 -21.53 1.90 6.90
N ARG E 308 -20.55 1.80 7.81
CA ARG E 308 -19.13 1.89 7.48
C ARG E 308 -18.78 3.13 6.65
N LEU E 309 -19.28 4.29 7.06
CA LEU E 309 -19.13 5.50 6.27
C LEU E 309 -17.85 6.27 6.56
N ARG E 310 -17.02 6.40 5.52
CA ARG E 310 -15.89 7.32 5.49
C ARG E 310 -14.84 7.09 6.59
N ILE E 311 -15.05 7.62 7.79
CA ILE E 311 -14.07 7.39 8.86
C ILE E 311 -14.31 6.03 9.51
N TRP E 312 -15.51 5.50 9.34
CA TRP E 312 -15.82 4.16 9.83
C TRP E 312 -15.62 3.15 8.70
N ARG E 313 -14.82 3.52 7.71
CA ARG E 313 -14.53 2.67 6.57
C ARG E 313 -13.85 1.36 7.00
N ASP E 314 -12.86 1.47 7.86
CA ASP E 314 -12.10 0.32 8.32
C ASP E 314 -12.48 0.01 9.76
N TYR E 315 -13.75 0.23 10.08
CA TYR E 315 -14.25 -0.04 11.43
C TYR E 315 -14.50 -1.53 11.63
N VAL E 316 -13.99 -2.06 12.73
CA VAL E 316 -14.12 -3.47 13.04
C VAL E 316 -15.26 -3.71 14.04
N ALA E 317 -16.36 -4.25 13.55
CA ALA E 317 -17.53 -4.51 14.40
C ALA E 317 -17.33 -5.79 15.22
N PRO E 318 -17.71 -5.74 16.50
CA PRO E 318 -17.56 -6.88 17.42
C PRO E 318 -18.64 -7.94 17.22
N THR E 319 -18.24 -9.21 17.31
CA THR E 319 -19.19 -10.32 17.24
C THR E 319 -18.57 -11.59 17.84
N ALA F 24 -20.38 11.90 -10.16
CA ALA F 24 -21.83 12.03 -10.24
C ALA F 24 -22.50 11.31 -9.06
N ASP F 25 -21.69 10.76 -8.17
CA ASP F 25 -22.20 10.03 -7.01
C ASP F 25 -22.60 10.98 -5.90
N PRO F 26 -23.87 10.92 -5.48
CA PRO F 26 -24.40 11.76 -4.40
C PRO F 26 -23.73 11.47 -3.07
N ASN F 27 -23.35 10.21 -2.86
CA ASN F 27 -22.73 9.78 -1.62
C ASN F 27 -21.20 9.75 -1.71
N SER F 28 -20.63 10.75 -2.38
CA SER F 28 -19.18 10.82 -2.56
C SER F 28 -18.52 11.51 -1.36
N ASP F 29 -17.21 11.32 -1.23
CA ASP F 29 -16.46 11.89 -0.11
C ASP F 29 -16.40 13.42 -0.20
N TRP F 30 -16.64 13.96 -1.39
CA TRP F 30 -16.76 15.40 -1.56
C TRP F 30 -18.24 15.76 -1.70
N ASN F 31 -18.85 16.10 -0.57
CA ASN F 31 -20.29 16.24 -0.48
C ASN F 31 -20.76 17.69 -0.43
N ALA F 32 -21.04 18.26 -1.61
CA ALA F 32 -21.67 19.57 -1.69
C ALA F 32 -23.17 19.40 -1.46
N PRO F 33 -23.80 20.39 -0.82
CA PRO F 33 -25.24 20.27 -0.56
C PRO F 33 -26.08 20.43 -1.82
N ALA F 34 -26.96 19.46 -2.07
CA ALA F 34 -27.90 19.56 -3.18
C ALA F 34 -28.81 20.76 -2.95
N GLU F 35 -29.36 20.83 -1.75
CA GLU F 35 -30.18 21.97 -1.34
C GLU F 35 -29.28 23.19 -1.15
N GLU F 36 -29.87 24.37 -1.25
CA GLU F 36 -29.12 25.62 -1.18
C GLU F 36 -29.09 26.19 0.23
N TRP F 37 -27.90 26.31 0.79
CA TRP F 37 -27.73 26.92 2.11
C TRP F 37 -27.48 28.42 1.96
N GLY F 38 -28.53 29.15 1.59
CA GLY F 38 -28.43 30.57 1.35
C GLY F 38 -28.89 31.41 2.52
N ASN F 39 -28.59 32.71 2.47
CA ASN F 39 -28.92 33.62 3.55
C ASN F 39 -30.31 34.23 3.41
N TRP F 40 -30.92 34.04 2.24
CA TRP F 40 -32.30 34.49 2.02
C TRP F 40 -33.30 33.41 2.39
N PRO G 3 1.96 -5.95 -47.64
CA PRO G 3 1.08 -5.79 -48.81
C PRO G 3 1.62 -4.78 -49.81
N THR G 4 0.97 -3.62 -49.90
CA THR G 4 1.36 -2.59 -50.84
C THR G 4 2.37 -1.62 -50.21
N VAL G 5 3.54 -1.51 -50.82
CA VAL G 5 4.58 -0.62 -50.33
C VAL G 5 4.45 0.79 -50.89
N GLN G 6 4.27 1.75 -50.00
CA GLN G 6 4.23 3.16 -50.39
C GLN G 6 5.51 3.85 -49.92
N ARG G 7 5.74 5.07 -50.39
CA ARG G 7 6.91 5.84 -49.98
C ARG G 7 6.54 7.30 -49.75
N GLY G 8 7.18 7.91 -48.76
CA GLY G 8 6.91 9.31 -48.44
C GLY G 8 8.05 10.01 -47.72
N ILE G 9 7.83 11.27 -47.38
CA ILE G 9 8.81 12.07 -46.65
C ILE G 9 8.29 12.43 -45.27
N ILE G 10 9.07 12.13 -44.23
CA ILE G 10 8.68 12.43 -42.86
C ILE G 10 8.46 13.94 -42.65
N LYS G 11 7.24 14.30 -42.29
CA LYS G 11 6.93 15.69 -41.97
C LYS G 11 7.23 15.96 -40.50
N VAL G 13 7.11 13.92 -36.19
CA VAL G 13 6.85 12.79 -35.30
C VAL G 13 5.88 13.21 -34.20
N LEU G 14 4.85 12.41 -33.96
CA LEU G 14 3.81 12.77 -33.01
C LEU G 14 3.89 11.97 -31.71
N SER G 15 3.00 12.30 -30.78
CA SER G 15 2.89 11.58 -29.52
C SER G 15 2.46 10.14 -29.77
N GLY G 16 2.93 9.23 -28.91
CA GLY G 16 2.66 7.82 -29.11
C GLY G 16 3.46 7.26 -30.27
N CYS G 17 4.43 8.07 -30.72
CA CYS G 17 5.29 7.74 -31.85
C CYS G 17 4.50 7.40 -33.11
N ALA G 18 3.45 8.17 -33.36
CA ALA G 18 2.80 8.17 -34.66
C ALA G 18 3.52 9.20 -35.52
N ILE G 19 3.59 8.95 -36.82
CA ILE G 19 4.31 9.88 -37.70
C ILE G 19 3.43 10.35 -38.85
N ILE G 20 3.80 11.50 -39.40
CA ILE G 20 3.11 12.04 -40.56
C ILE G 20 4.08 12.15 -41.73
N VAL G 21 3.80 11.41 -42.81
CA VAL G 21 4.57 11.58 -44.03
C VAL G 21 3.84 12.48 -45.01
N ARG G 22 4.62 13.12 -45.89
CA ARG G 22 4.06 13.91 -46.96
C ARG G 22 4.65 13.45 -48.29
N GLY G 23 3.96 13.74 -49.37
CA GLY G 23 4.49 13.50 -50.70
C GLY G 23 5.20 14.75 -51.17
N GLN G 24 5.73 14.70 -52.40
CA GLN G 24 6.37 15.88 -52.99
C GLN G 24 5.29 16.84 -53.48
N PRO G 25 5.53 18.16 -53.33
CA PRO G 25 4.58 19.16 -53.82
C PRO G 25 4.54 19.24 -55.33
N ARG G 26 3.33 19.31 -55.90
CA ARG G 26 3.18 19.39 -57.35
C ARG G 26 2.23 20.52 -57.75
N GLY G 27 2.66 21.75 -57.47
CA GLY G 27 1.87 22.91 -57.82
C GLY G 27 0.97 23.40 -56.70
N GLY G 28 0.94 22.63 -55.61
CA GLY G 28 0.12 22.99 -54.46
C GLY G 28 0.54 22.28 -53.20
N PRO G 29 -0.33 22.27 -52.18
CA PRO G 29 -0.06 21.60 -50.91
C PRO G 29 0.17 20.10 -51.10
N PRO G 30 1.33 19.59 -50.64
CA PRO G 30 1.64 18.16 -50.76
C PRO G 30 0.68 17.30 -49.95
N PRO G 31 0.42 16.08 -50.42
CA PRO G 31 -0.46 15.14 -49.70
C PRO G 31 0.12 14.80 -48.33
N GLU G 32 -0.74 14.53 -47.36
CA GLU G 32 -0.26 14.13 -46.04
C GLU G 32 -0.97 12.89 -45.55
N ARG G 33 -0.34 12.17 -44.62
CA ARG G 33 -0.84 10.89 -44.18
C ARG G 33 -0.26 10.52 -42.82
N GLN G 34 -1.12 10.25 -41.85
CA GLN G 34 -0.67 9.82 -40.53
C GLN G 34 -0.58 8.30 -40.45
N ILE G 35 0.55 7.81 -39.98
CA ILE G 35 0.77 6.38 -39.83
C ILE G 35 1.10 6.03 -38.39
N ASN G 36 0.35 5.09 -37.82
CA ASN G 36 0.63 4.61 -36.47
C ASN G 36 1.40 3.29 -36.53
N LEU G 37 2.36 3.14 -35.63
CA LEU G 37 3.20 1.95 -35.60
C LEU G 37 2.45 0.75 -35.03
N SER G 38 2.34 -0.30 -35.84
CA SER G 38 1.63 -1.51 -35.44
C SER G 38 2.42 -2.33 -34.42
N ASN G 39 1.73 -3.22 -33.74
CA ASN G 39 2.32 -4.21 -32.83
C ASN G 39 3.02 -3.63 -31.59
N ILE G 40 3.20 -2.32 -31.55
CA ILE G 40 3.88 -1.70 -30.42
C ILE G 40 3.09 -0.55 -29.81
N ARG G 41 3.57 -0.05 -28.67
CA ARG G 41 3.00 1.12 -28.04
C ARG G 41 4.05 1.93 -27.29
N ALA G 42 4.13 3.22 -27.59
CA ALA G 42 5.02 4.13 -26.89
C ALA G 42 4.23 5.02 -25.94
N GLY G 43 4.93 5.70 -25.04
CA GLY G 43 4.29 6.56 -24.06
C GLY G 43 3.67 7.80 -24.67
N ASN G 44 2.65 8.35 -23.99
CA ASN G 44 1.98 9.56 -24.46
C ASN G 44 2.70 10.82 -23.98
N LEU G 45 2.82 11.79 -24.88
CA LEU G 45 3.48 13.05 -24.55
C LEU G 45 2.60 13.91 -23.65
N ALA G 46 3.18 14.97 -23.11
CA ALA G 46 2.42 15.95 -22.35
C ALA G 46 1.45 16.67 -23.27
N ARG G 47 0.25 16.95 -22.79
CA ARG G 47 -0.70 17.73 -23.57
C ARG G 47 -1.29 18.86 -22.74
N ARG G 48 -1.19 20.07 -23.28
CA ARG G 48 -1.69 21.28 -22.65
C ARG G 48 -3.21 21.28 -22.59
N ALA G 49 -3.77 21.79 -21.50
CA ALA G 49 -5.22 21.85 -21.34
C ALA G 49 -5.84 22.78 -22.37
N ALA G 50 -7.07 22.47 -22.78
CA ALA G 50 -7.77 23.28 -23.77
C ALA G 50 -8.25 24.58 -23.15
N ALA G 51 -8.41 25.60 -23.98
CA ALA G 51 -8.97 26.87 -23.53
C ALA G 51 -10.47 26.74 -23.34
N THR G 52 -11.03 25.64 -23.85
CA THR G 52 -12.44 25.33 -23.70
C THR G 52 -12.80 25.18 -22.23
N GLN G 53 -11.92 24.53 -21.48
CA GLN G 53 -12.12 24.35 -20.04
C GLN G 53 -10.91 24.89 -19.28
N PRO G 54 -11.05 26.07 -18.66
CA PRO G 54 -9.96 26.73 -17.93
C PRO G 54 -9.64 26.05 -16.61
N ASP G 55 -10.54 25.21 -16.13
CA ASP G 55 -10.32 24.50 -14.87
C ASP G 55 -9.64 23.15 -15.13
N ALA G 56 -9.48 22.81 -16.40
CA ALA G 56 -8.78 21.60 -16.78
C ALA G 56 -7.29 21.76 -16.54
N LYS G 57 -6.61 20.66 -16.20
CA LYS G 57 -5.18 20.71 -15.91
C LYS G 57 -4.35 20.10 -17.03
N ASP G 58 -3.13 20.59 -17.18
CA ASP G 58 -2.20 20.08 -18.18
C ASP G 58 -1.72 18.68 -17.81
N THR G 59 -1.85 17.74 -18.75
CA THR G 59 -1.37 16.39 -18.53
C THR G 59 0.11 16.30 -18.87
N PRO G 60 0.90 15.62 -18.02
CA PRO G 60 2.36 15.54 -18.17
C PRO G 60 2.80 14.38 -19.07
N ASP G 61 4.08 14.36 -19.41
CA ASP G 61 4.67 13.25 -20.14
C ASP G 61 4.58 11.96 -19.34
N GLU G 62 4.31 10.86 -20.04
CA GLU G 62 4.51 9.54 -19.45
C GLU G 62 6.01 9.26 -19.49
N PRO G 63 6.49 8.43 -18.55
CA PRO G 63 7.92 8.06 -18.57
C PRO G 63 8.33 7.46 -19.91
N TRP G 64 9.43 7.97 -20.48
CA TRP G 64 9.99 7.49 -21.74
C TRP G 64 9.09 7.76 -22.94
N ALA G 65 8.25 8.79 -22.84
CA ALA G 65 7.43 9.22 -23.96
C ALA G 65 8.21 10.20 -24.83
N PHE G 66 8.79 11.21 -24.17
CA PHE G 66 9.56 12.23 -24.87
C PHE G 66 10.89 11.72 -25.45
N PRO G 67 11.64 10.87 -24.71
CA PRO G 67 12.83 10.30 -25.35
C PRO G 67 12.48 9.46 -26.58
N ALA G 68 11.32 8.81 -26.57
CA ALA G 68 10.86 8.04 -27.71
C ALA G 68 10.58 8.94 -28.90
N ARG G 69 10.02 10.12 -28.60
CA ARG G 69 9.76 11.12 -29.64
C ARG G 69 11.06 11.62 -30.22
N GLU G 70 11.99 11.96 -29.34
CA GLU G 70 13.29 12.50 -29.75
C GLU G 70 14.11 11.47 -30.52
N PHE G 71 13.92 10.20 -30.19
CA PHE G 71 14.62 9.12 -30.87
C PHE G 71 14.20 9.04 -32.33
N LEU G 72 12.90 9.08 -32.57
CA LEU G 72 12.38 9.03 -33.93
C LEU G 72 12.62 10.34 -34.69
N ARG G 73 12.56 11.45 -33.96
CA ARG G 73 12.76 12.76 -34.56
C ARG G 73 14.20 12.92 -35.04
N LYS G 74 15.12 12.31 -34.30
CA LYS G 74 16.53 12.38 -34.61
C LYS G 74 16.85 11.54 -35.85
N LYS G 75 16.13 10.44 -36.01
CA LYS G 75 16.38 9.49 -37.11
C LYS G 75 15.58 9.76 -38.38
N LEU G 76 14.35 10.25 -38.24
CA LEU G 76 13.41 10.27 -39.36
C LEU G 76 13.20 11.63 -40.02
N ILE G 77 13.38 12.71 -39.26
CA ILE G 77 13.09 14.05 -39.77
C ILE G 77 13.94 14.40 -40.99
N GLY G 78 13.27 14.70 -42.10
CA GLY G 78 13.94 15.07 -43.33
C GLY G 78 14.33 13.86 -44.16
N LYS G 79 14.02 12.68 -43.65
CA LYS G 79 14.39 11.44 -44.33
C LYS G 79 13.25 10.86 -45.16
N GLU G 80 13.60 10.23 -46.27
CA GLU G 80 12.62 9.54 -47.11
C GLU G 80 12.44 8.11 -46.60
N VAL G 81 11.21 7.76 -46.25
CA VAL G 81 10.91 6.43 -45.74
C VAL G 81 9.89 5.71 -46.61
N CYS G 82 9.85 4.40 -46.50
CA CYS G 82 8.81 3.60 -47.14
C CYS G 82 7.96 2.94 -46.07
N PHE G 83 6.73 2.57 -46.42
CA PHE G 83 5.80 2.05 -45.43
C PHE G 83 4.71 1.19 -46.04
N THR G 84 4.17 0.27 -45.23
CA THR G 84 3.04 -0.56 -45.64
C THR G 84 1.92 -0.46 -44.60
N ILE G 85 0.71 -0.21 -45.06
CA ILE G 85 -0.43 -0.11 -44.17
C ILE G 85 -1.02 -1.49 -43.89
N GLU G 86 -1.04 -1.87 -42.62
CA GLU G 86 -1.51 -3.19 -42.21
C GLU G 86 -3.01 -3.19 -41.93
N ASN G 87 -3.45 -2.25 -41.09
CA ASN G 87 -4.83 -2.21 -40.62
C ASN G 87 -5.33 -0.78 -40.53
N LYS G 88 -6.60 -0.60 -40.84
CA LYS G 88 -7.22 0.70 -40.72
C LYS G 88 -8.45 0.61 -39.83
N THR G 89 -8.42 1.36 -38.73
CA THR G 89 -9.52 1.38 -37.78
C THR G 89 -10.82 1.79 -38.47
N PRO G 90 -11.97 1.39 -37.90
CA PRO G 90 -13.27 1.84 -38.44
C PRO G 90 -13.41 3.36 -38.34
N GLN G 91 -12.44 4.00 -37.71
CA GLN G 91 -12.46 5.44 -37.49
C GLN G 91 -11.51 6.21 -38.41
N GLY G 92 -10.90 5.52 -39.37
CA GLY G 92 -10.05 6.17 -40.35
C GLY G 92 -8.57 6.17 -40.02
N ARG G 93 -8.21 5.76 -38.81
CA ARG G 93 -6.81 5.73 -38.41
C ARG G 93 -6.09 4.50 -38.98
N GLU G 94 -4.93 4.73 -39.59
CA GLU G 94 -4.18 3.67 -40.27
C GLU G 94 -2.96 3.21 -39.47
N TYR G 95 -2.82 1.90 -39.33
CA TYR G 95 -1.66 1.32 -38.66
C TYR G 95 -0.79 0.58 -39.69
N GLY G 96 0.52 0.54 -39.45
CA GLY G 96 1.42 -0.13 -40.36
C GLY G 96 2.88 -0.13 -39.95
N ILE G 98 7.00 0.89 -40.78
CA ILE G 98 7.78 1.95 -41.39
C ILE G 98 9.26 1.60 -41.47
N TYR G 99 9.85 1.81 -42.63
CA TYR G 99 11.24 1.42 -42.87
C TYR G 99 12.09 2.60 -43.28
N LEU G 100 13.26 2.73 -42.64
CA LEU G 100 14.20 3.79 -42.98
C LEU G 100 15.08 3.36 -44.15
N GLY G 101 14.59 3.61 -45.36
CA GLY G 101 15.26 3.21 -46.58
C GLY G 101 14.29 3.37 -47.73
N LYS G 102 14.63 2.80 -48.88
CA LYS G 102 13.75 2.91 -50.04
C LYS G 102 13.03 1.60 -50.34
N ASP G 103 13.41 0.53 -49.65
CA ASP G 103 12.67 -0.73 -49.75
C ASP G 103 12.31 -1.26 -48.37
N THR G 104 11.51 -2.31 -48.33
CA THR G 104 10.98 -2.83 -47.08
C THR G 104 11.99 -3.66 -46.27
N ASN G 105 13.25 -3.65 -46.72
CA ASN G 105 14.30 -4.36 -46.00
C ASN G 105 15.25 -3.41 -45.29
N GLY G 106 14.78 -2.19 -45.02
CA GLY G 106 15.57 -1.21 -44.29
C GLY G 106 15.36 -1.33 -42.81
N GLU G 107 15.80 -0.33 -42.07
CA GLU G 107 15.65 -0.32 -40.61
C GLU G 107 14.19 -0.18 -40.22
N ASN G 108 13.66 -1.19 -39.54
CA ASN G 108 12.29 -1.15 -39.05
C ASN G 108 12.19 -0.23 -37.83
N ILE G 109 11.44 0.85 -37.97
CA ILE G 109 11.30 1.86 -36.93
C ILE G 109 10.70 1.29 -35.65
N ALA G 110 9.68 0.45 -35.79
CA ALA G 110 9.05 -0.18 -34.63
C ALA G 110 10.05 -1.05 -33.88
N GLU G 111 10.89 -1.76 -34.62
CA GLU G 111 11.88 -2.65 -34.02
C GLU G 111 12.97 -1.88 -33.29
N SER G 112 13.30 -0.68 -33.80
CA SER G 112 14.34 0.14 -33.20
C SER G 112 13.91 0.71 -31.85
N LEU G 113 12.64 1.13 -31.75
CA LEU G 113 12.11 1.67 -30.51
C LEU G 113 12.11 0.63 -29.39
N VAL G 114 11.63 -0.56 -29.72
CA VAL G 114 11.55 -1.65 -28.75
C VAL G 114 12.93 -2.11 -28.30
N ALA G 115 13.88 -2.08 -29.22
CA ALA G 115 15.24 -2.52 -28.94
C ALA G 115 15.98 -1.55 -28.01
N GLU G 116 15.40 -0.37 -27.82
CA GLU G 116 16.02 0.64 -26.96
C GLU G 116 15.17 0.94 -25.73
N GLY G 117 14.16 0.11 -25.50
CA GLY G 117 13.29 0.27 -24.34
C GLY G 117 12.45 1.52 -24.40
N LEU G 118 12.06 1.90 -25.61
CA LEU G 118 11.26 3.11 -25.82
C LEU G 118 9.83 2.76 -26.21
N ALA G 119 9.55 1.46 -26.34
CA ALA G 119 8.22 0.99 -26.68
C ALA G 119 8.07 -0.49 -26.34
N THR G 120 6.83 -0.91 -26.07
CA THR G 120 6.53 -2.32 -25.80
C THR G 120 5.65 -2.93 -26.87
N ARG G 121 5.76 -4.24 -27.03
CA ARG G 121 4.84 -4.98 -27.87
C ARG G 121 3.45 -4.96 -27.26
N ARG G 122 2.45 -4.68 -28.08
CA ARG G 122 1.07 -4.77 -27.63
C ARG G 122 0.75 -6.22 -27.32
N GLU G 123 -0.29 -6.46 -26.52
CA GLU G 123 -0.67 -7.82 -26.19
C GLU G 123 -1.67 -8.34 -27.22
N GLY G 124 -1.48 -9.58 -27.65
CA GLY G 124 -2.27 -10.17 -28.71
C GLY G 124 -1.36 -10.65 -29.82
N ARG G 126 0.82 -13.23 -32.01
CA ARG G 126 0.79 -14.60 -32.50
C ARG G 126 2.21 -15.12 -32.65
N ALA G 127 2.50 -16.26 -32.03
CA ALA G 127 3.88 -16.72 -31.88
C ALA G 127 4.48 -17.31 -33.15
N ASN G 128 3.71 -17.34 -34.24
CA ASN G 128 4.23 -17.85 -35.50
C ASN G 128 4.32 -16.76 -36.57
N ASN G 129 4.49 -15.52 -36.12
CA ASN G 129 4.69 -14.40 -37.02
C ASN G 129 6.14 -13.93 -36.93
N PRO G 130 6.89 -14.06 -38.04
CA PRO G 130 8.29 -13.64 -38.11
C PRO G 130 8.45 -12.18 -37.73
N GLU G 131 7.51 -11.37 -38.21
CA GLU G 131 7.43 -9.95 -37.88
C GLU G 131 7.46 -9.75 -36.36
N GLN G 132 6.64 -10.51 -35.67
CA GLN G 132 6.36 -10.29 -34.25
C GLN G 132 7.36 -11.00 -33.35
N ASN G 133 8.06 -11.97 -33.93
CA ASN G 133 9.13 -12.67 -33.22
C ASN G 133 10.37 -11.79 -33.11
N ARG G 134 10.59 -10.94 -34.11
CA ARG G 134 11.71 -10.03 -34.11
C ARG G 134 11.57 -8.99 -33.01
N LEU G 135 10.34 -8.52 -32.79
CA LEU G 135 10.06 -7.53 -31.77
C LEU G 135 10.32 -8.10 -30.37
N SER G 136 9.99 -9.37 -30.18
CA SER G 136 10.22 -10.05 -28.91
C SER G 136 11.71 -10.14 -28.61
N GLU G 137 12.49 -10.45 -29.64
CA GLU G 137 13.96 -10.51 -29.51
C GLU G 137 14.51 -9.14 -29.13
N CYS G 138 14.00 -8.10 -29.78
CA CYS G 138 14.38 -6.73 -29.48
C CYS G 138 14.03 -6.37 -28.04
N GLU G 139 12.79 -6.69 -27.66
CA GLU G 139 12.32 -6.45 -26.31
C GLU G 139 13.14 -7.24 -25.30
N GLU G 140 13.47 -8.48 -25.67
CA GLU G 140 14.28 -9.35 -24.84
C GLU G 140 15.66 -8.76 -24.60
N GLN G 141 16.27 -8.27 -25.67
CA GLN G 141 17.61 -7.71 -25.59
C GLN G 141 17.60 -6.32 -24.94
N ALA G 142 16.41 -5.72 -24.89
CA ALA G 142 16.25 -4.43 -24.23
C ALA G 142 16.22 -4.60 -22.72
N LYS G 143 15.52 -5.63 -22.26
CA LYS G 143 15.44 -5.93 -20.83
C LYS G 143 16.81 -6.35 -20.30
N ALA G 144 17.52 -7.17 -21.06
CA ALA G 144 18.81 -7.70 -20.64
C ALA G 144 19.86 -6.60 -20.53
N ALA G 145 19.76 -5.60 -21.39
CA ALA G 145 20.68 -4.47 -21.37
C ALA G 145 20.15 -3.35 -20.48
N LYS G 146 18.93 -3.55 -19.97
CA LYS G 146 18.26 -2.56 -19.12
C LYS G 146 18.18 -1.19 -19.77
N LYS G 147 17.73 -1.16 -21.02
CA LYS G 147 17.61 0.08 -21.77
C LYS G 147 16.25 0.74 -21.56
N GLY G 148 16.25 2.07 -21.50
CA GLY G 148 15.03 2.84 -21.42
C GLY G 148 14.13 2.50 -20.24
N TRP G 150 13.28 -0.28 -19.16
CA TRP G 150 13.72 -1.46 -18.44
C TRP G 150 14.87 -1.14 -17.49
N SER G 151 15.26 0.13 -17.46
CA SER G 151 16.29 0.58 -16.54
C SER G 151 15.74 0.67 -15.12
N GLU G 152 16.63 0.78 -14.14
CA GLU G 152 16.22 0.83 -12.74
C GLU G 152 15.50 2.13 -12.40
N GLY G 153 14.32 2.00 -11.83
CA GLY G 153 13.55 3.17 -11.40
C GLY G 153 12.25 3.35 -12.15
N ASN G 154 11.51 4.39 -11.80
CA ASN G 154 10.25 4.69 -12.46
C ASN G 154 10.44 5.42 -13.78
N GLY G 155 11.55 6.14 -13.90
CA GLY G 155 11.86 6.88 -15.10
C GLY G 155 11.25 8.26 -15.11
N SER G 156 11.01 8.81 -13.92
CA SER G 156 10.38 10.12 -13.78
C SER G 156 11.31 11.25 -14.21
N HIS G 157 12.58 10.92 -14.45
CA HIS G 157 13.56 11.91 -14.88
C HIS G 157 13.42 12.21 -16.38
N THR G 158 12.62 11.40 -17.07
CA THR G 158 12.38 11.59 -18.49
C THR G 158 11.13 12.45 -18.71
N ILE G 159 10.40 12.69 -17.61
CA ILE G 159 9.21 13.54 -17.67
C ILE G 159 9.61 15.02 -17.64
N ARG G 160 9.28 15.73 -18.71
CA ARG G 160 9.59 17.15 -18.80
C ARG G 160 8.67 17.98 -17.91
N ASP G 161 9.25 18.92 -17.18
CA ASP G 161 8.45 19.93 -16.51
C ASP G 161 8.18 21.04 -17.51
N LEU G 162 7.21 20.80 -18.40
CA LEU G 162 6.88 21.74 -19.46
C LEU G 162 6.36 23.06 -18.91
N LYS G 163 6.92 24.15 -19.42
CA LYS G 163 6.52 25.49 -18.99
C LYS G 163 5.98 26.26 -20.19
N TYR G 164 4.65 26.37 -20.26
CA TYR G 164 3.99 27.03 -21.38
C TYR G 164 3.95 28.54 -21.22
N THR G 165 4.61 29.04 -20.17
CA THR G 165 4.54 30.47 -19.85
C THR G 165 5.80 30.96 -19.14
N ILE G 166 6.32 32.09 -19.61
CA ILE G 166 7.44 32.77 -18.96
C ILE G 166 6.92 33.90 -18.07
N GLU G 167 7.42 33.98 -16.84
CA GLU G 167 6.94 34.99 -15.90
C GLU G 167 7.42 36.39 -16.27
N ASN G 168 8.70 36.51 -16.58
CA ASN G 168 9.26 37.79 -17.00
C ASN G 168 10.06 37.64 -18.29
N PRO G 169 9.36 37.63 -19.43
CA PRO G 169 9.94 37.44 -20.76
C PRO G 169 11.10 38.38 -21.04
N ARG G 170 11.00 39.60 -20.53
CA ARG G 170 12.05 40.60 -20.72
C ARG G 170 13.32 40.21 -19.96
N HIS G 171 13.13 39.65 -18.77
CA HIS G 171 14.25 39.20 -17.95
C HIS G 171 14.83 37.89 -18.49
N PHE G 172 13.95 37.03 -19.00
CA PHE G 172 14.37 35.74 -19.54
C PHE G 172 15.27 35.91 -20.77
N VAL G 173 14.89 36.83 -21.65
CA VAL G 173 15.64 37.08 -22.87
C VAL G 173 16.98 37.75 -22.57
N ASP G 174 16.97 38.73 -21.67
CA ASP G 174 18.17 39.46 -21.31
C ASP G 174 19.21 38.56 -20.64
N SER G 175 18.74 37.60 -19.87
CA SER G 175 19.64 36.72 -19.10
C SER G 175 20.45 35.78 -19.98
N HIS G 176 20.07 35.67 -21.26
CA HIS G 176 20.78 34.81 -22.19
C HIS G 176 21.81 35.60 -23.02
N HIS G 177 21.77 36.93 -22.89
CA HIS G 177 22.75 37.82 -23.52
C HIS G 177 22.95 37.57 -25.01
N GLN G 178 21.84 37.29 -25.71
CA GLN G 178 21.86 37.05 -27.15
C GLN G 178 22.84 35.94 -27.54
N LYS G 179 23.01 34.97 -26.65
CA LYS G 179 23.84 33.81 -26.93
C LYS G 179 22.95 32.66 -27.38
N PRO G 180 23.37 31.95 -28.44
CA PRO G 180 22.59 30.88 -29.08
C PRO G 180 22.03 29.86 -28.10
N VAL G 181 20.71 29.62 -28.18
CA VAL G 181 20.05 28.68 -27.31
C VAL G 181 19.55 27.47 -28.09
N ASN G 182 19.94 26.28 -27.64
CA ASN G 182 19.49 25.04 -28.27
C ASN G 182 17.98 24.88 -28.15
N ALA G 183 17.33 24.62 -29.28
CA ALA G 183 15.87 24.53 -29.30
C ALA G 183 15.35 23.57 -30.35
N ILE G 184 14.06 23.29 -30.28
CA ILE G 184 13.38 22.46 -31.27
C ILE G 184 12.15 23.18 -31.81
N ILE G 185 12.13 23.42 -33.12
CA ILE G 185 10.95 24.01 -33.75
C ILE G 185 9.82 22.99 -33.74
N GLU G 186 8.78 23.25 -32.95
CA GLU G 186 7.71 22.29 -32.75
C GLU G 186 6.56 22.47 -33.73
N HIS G 187 6.21 23.73 -34.00
N HIS G 187 6.23 23.73 -34.02
CA HIS G 187 5.13 24.05 -34.92
CA HIS G 187 5.12 24.03 -34.92
C HIS G 187 5.44 25.32 -35.70
C HIS G 187 5.35 25.35 -35.66
N VAL G 188 4.86 25.44 -36.89
CA VAL G 188 5.02 26.63 -37.69
C VAL G 188 3.65 27.26 -37.96
N ARG G 189 3.38 28.40 -37.33
CA ARG G 189 2.13 29.12 -37.55
C ARG G 189 2.12 29.74 -38.94
N ASP G 190 3.18 30.48 -39.25
CA ASP G 190 3.41 30.98 -40.60
C ASP G 190 4.91 31.15 -40.82
N GLY G 191 5.28 31.52 -42.04
CA GLY G 191 6.67 31.56 -42.47
C GLY G 191 7.67 32.22 -41.53
N SER G 192 7.22 33.17 -40.74
CA SER G 192 8.12 33.92 -39.86
C SER G 192 7.75 33.80 -38.39
N VAL G 193 6.75 32.96 -38.09
CA VAL G 193 6.33 32.74 -36.72
C VAL G 193 6.27 31.26 -36.38
N VAL G 194 7.06 30.84 -35.41
CA VAL G 194 7.15 29.43 -35.05
C VAL G 194 6.96 29.19 -33.55
N ARG G 195 6.62 27.95 -33.20
CA ARG G 195 6.57 27.52 -31.80
C ARG G 195 7.81 26.69 -31.51
N ALA G 196 8.57 27.11 -30.50
CA ALA G 196 9.84 26.46 -30.21
C ALA G 196 9.93 25.95 -28.78
N LEU G 197 10.54 24.78 -28.61
CA LEU G 197 10.84 24.25 -27.28
C LEU G 197 12.26 24.60 -26.90
N LEU G 198 12.41 25.43 -25.86
CA LEU G 198 13.73 25.92 -25.47
C LEU G 198 14.41 25.02 -24.45
N LEU G 199 15.63 24.59 -24.77
CA LEU G 199 16.44 23.81 -23.85
C LEU G 199 17.27 24.75 -22.97
N PRO G 200 17.65 24.31 -21.77
CA PRO G 200 17.41 22.99 -21.17
C PRO G 200 16.17 22.88 -20.29
N ASP G 201 15.53 24.01 -19.96
CA ASP G 201 14.43 24.00 -19.00
C ASP G 201 13.06 23.75 -19.64
N TYR G 202 13.08 23.37 -20.92
CA TYR G 202 11.87 22.98 -21.65
C TYR G 202 10.78 24.06 -21.65
N TYR G 203 11.12 25.24 -22.14
CA TYR G 203 10.14 26.30 -22.33
C TYR G 203 9.50 26.19 -23.71
N LEU G 204 8.18 26.15 -23.76
CA LEU G 204 7.46 26.16 -25.04
C LEU G 204 7.02 27.58 -25.37
N VAL G 205 7.78 28.25 -26.24
CA VAL G 205 7.56 29.66 -26.52
C VAL G 205 7.18 29.92 -27.98
N THR G 206 6.75 31.15 -28.24
CA THR G 206 6.48 31.61 -29.60
C THR G 206 7.59 32.53 -30.07
N VAL G 207 8.25 32.16 -31.17
CA VAL G 207 9.34 32.96 -31.71
C VAL G 207 8.97 33.50 -33.08
N LEU G 209 10.37 35.81 -36.29
CA LEU G 209 11.62 36.27 -36.89
C LEU G 209 11.73 37.79 -36.89
N SER G 210 12.82 38.29 -36.34
CA SER G 210 13.06 39.72 -36.24
C SER G 210 13.51 40.31 -37.57
N GLY G 211 13.00 41.50 -37.88
CA GLY G 211 13.42 42.21 -39.08
C GLY G 211 12.57 41.94 -40.31
N ILE G 212 11.80 40.86 -40.29
CA ILE G 212 10.97 40.49 -41.43
C ILE G 212 9.53 40.18 -41.05
N LYS G 213 8.70 39.94 -42.07
CA LYS G 213 7.31 39.57 -41.87
C LYS G 213 6.79 38.79 -43.07
N CYS G 214 6.21 37.62 -42.80
CA CYS G 214 5.61 36.80 -43.84
C CYS G 214 4.11 37.05 -43.91
N PRO G 215 3.49 36.72 -45.05
CA PRO G 215 2.03 36.77 -45.15
C PRO G 215 1.39 35.90 -44.06
N THR G 216 0.26 36.35 -43.51
CA THR G 216 -0.33 35.65 -42.38
C THR G 216 -1.74 35.15 -42.67
N PHE G 217 -2.38 34.61 -41.63
CA PHE G 217 -3.72 34.08 -41.73
C PHE G 217 -4.68 34.90 -40.87
N ARG G 218 -5.86 35.20 -41.42
CA ARG G 218 -6.91 35.84 -40.63
C ARG G 218 -7.86 34.77 -40.10
N ARG G 219 -7.95 34.67 -38.78
CA ARG G 219 -8.71 33.61 -38.12
C ARG G 219 -10.16 33.53 -38.59
N GLU G 220 -10.58 32.33 -38.97
CA GLU G 220 -11.92 32.07 -39.48
C GLU G 220 -12.24 32.95 -40.69
N THR G 226 -8.42 32.03 -43.16
CA THR G 226 -8.37 32.92 -44.32
C THR G 226 -6.95 33.43 -44.53
N PRO G 227 -6.24 32.84 -45.52
CA PRO G 227 -4.83 33.16 -45.78
C PRO G 227 -4.62 34.35 -46.71
N GLU G 228 -3.62 35.17 -46.39
CA GLU G 228 -3.16 36.22 -47.29
C GLU G 228 -2.44 35.57 -48.48
N PRO G 229 -2.22 36.32 -49.56
CA PRO G 229 -1.44 35.77 -50.68
C PRO G 229 -0.06 35.28 -50.25
N PHE G 230 0.28 34.05 -50.63
CA PHE G 230 1.57 33.41 -50.34
C PHE G 230 1.77 33.07 -48.86
N ALA G 231 0.69 33.05 -48.08
CA ALA G 231 0.78 32.69 -46.68
C ALA G 231 1.06 31.20 -46.50
N ALA G 232 0.33 30.38 -47.25
CA ALA G 232 0.49 28.93 -47.17
C ALA G 232 1.82 28.48 -47.77
N GLU G 233 2.28 29.22 -48.78
CA GLU G 233 3.52 28.89 -49.46
C GLU G 233 4.74 29.23 -48.62
N ALA G 234 4.65 30.35 -47.90
CA ALA G 234 5.73 30.78 -47.01
C ALA G 234 5.83 29.85 -45.80
N LYS G 235 4.67 29.44 -45.29
CA LYS G 235 4.61 28.53 -44.15
C LYS G 235 5.23 27.17 -44.51
N PHE G 236 4.95 26.70 -45.72
CA PHE G 236 5.50 25.43 -46.17
C PHE G 236 7.00 25.54 -46.40
N PHE G 237 7.45 26.73 -46.80
CA PHE G 237 8.86 26.98 -47.01
C PHE G 237 9.64 26.83 -45.70
N THR G 238 9.01 27.24 -44.61
CA THR G 238 9.62 27.16 -43.28
C THR G 238 9.44 25.77 -42.68
N GLU G 239 8.27 25.19 -42.88
CA GLU G 239 7.97 23.85 -42.36
C GLU G 239 8.91 22.79 -42.96
N SER G 240 9.08 22.84 -44.28
CA SER G 240 9.86 21.81 -44.96
C SER G 240 11.35 21.91 -44.67
N ARG G 241 11.75 22.90 -43.88
CA ARG G 241 13.16 23.11 -43.58
C ARG G 241 13.48 23.07 -42.09
N LEU G 242 12.55 23.51 -41.25
CA LEU G 242 12.84 23.66 -39.83
C LEU G 242 11.91 22.89 -38.89
N LEU G 243 10.80 22.37 -39.40
CA LEU G 243 9.83 21.69 -38.55
C LEU G 243 10.43 20.46 -37.89
N GLN G 244 10.40 20.45 -36.55
CA GLN G 244 10.99 19.40 -35.73
C GLN G 244 12.48 19.22 -36.01
N ARG G 245 13.13 20.30 -36.41
CA ARG G 245 14.57 20.32 -36.58
C ARG G 245 15.26 20.85 -35.32
N ASP G 246 16.43 20.29 -35.01
CA ASP G 246 17.27 20.86 -33.96
C ASP G 246 17.89 22.15 -34.49
N VAL G 247 17.64 23.25 -33.78
CA VAL G 247 18.14 24.55 -34.20
C VAL G 247 18.75 25.32 -33.02
N GLN G 248 19.41 26.42 -33.34
CA GLN G 248 19.87 27.36 -32.33
C GLN G 248 19.18 28.70 -32.53
N ILE G 249 18.45 29.15 -31.52
CA ILE G 249 17.71 30.40 -31.61
C ILE G 249 18.37 31.51 -30.79
N ILE G 250 18.54 32.67 -31.41
CA ILE G 250 19.07 33.83 -30.71
C ILE G 250 17.93 34.68 -30.16
N LEU G 251 17.69 34.59 -28.86
CA LEU G 251 16.67 35.40 -28.22
C LEU G 251 17.10 36.86 -28.20
N GLU G 252 16.59 37.63 -29.15
CA GLU G 252 17.06 39.00 -29.37
C GLU G 252 16.22 40.03 -28.62
N SER G 253 14.90 39.85 -28.61
CA SER G 253 14.02 40.72 -27.86
C SER G 253 12.70 40.02 -27.57
N CYS G 254 11.68 40.79 -27.18
CA CYS G 254 10.38 40.22 -26.85
C CYS G 254 9.26 41.25 -26.83
N HIS G 255 8.03 40.76 -26.92
CA HIS G 255 6.84 41.57 -26.74
C HIS G 255 5.73 40.63 -26.29
N ASN G 256 5.17 40.90 -25.10
CA ASN G 256 4.26 39.98 -24.42
C ASN G 256 4.97 38.64 -24.17
N GLN G 257 4.30 37.55 -24.53
CA GLN G 257 4.90 36.22 -24.39
C GLN G 257 5.70 35.85 -25.63
N ASN G 258 5.61 36.69 -26.66
CA ASN G 258 6.33 36.45 -27.90
C ASN G 258 7.79 36.86 -27.82
N ILE G 259 8.63 36.19 -28.59
CA ILE G 259 10.07 36.45 -28.58
C ILE G 259 10.58 36.79 -29.97
N LEU G 260 11.24 37.94 -30.09
CA LEU G 260 11.90 38.31 -31.34
C LEU G 260 13.23 37.61 -31.42
N GLY G 261 13.43 36.81 -32.47
CA GLY G 261 14.65 36.02 -32.57
C GLY G 261 15.13 35.70 -33.97
N THR G 262 16.27 35.03 -34.04
CA THR G 262 16.85 34.58 -35.29
C THR G 262 17.23 33.10 -35.19
N ILE G 263 16.58 32.28 -36.01
CA ILE G 263 16.83 30.85 -35.99
C ILE G 263 18.09 30.50 -36.78
N LEU G 264 18.95 29.68 -36.19
CA LEU G 264 20.19 29.28 -36.84
C LEU G 264 20.22 27.79 -37.14
N HIS G 265 20.60 27.45 -38.37
CA HIS G 265 20.73 26.06 -38.80
C HIS G 265 21.91 25.95 -39.75
N PRO G 266 22.65 24.82 -39.68
CA PRO G 266 23.81 24.58 -40.54
C PRO G 266 23.56 24.81 -42.04
N ASN G 267 22.32 24.61 -42.48
CA ASN G 267 22.00 24.76 -43.90
C ASN G 267 21.71 26.20 -44.31
N GLY G 268 21.52 27.08 -43.33
CA GLY G 268 21.33 28.49 -43.63
C GLY G 268 20.40 29.25 -42.70
N ASN G 269 20.37 30.57 -42.89
CA ASN G 269 19.49 31.46 -42.13
C ASN G 269 18.14 31.56 -42.81
N ILE G 270 17.10 31.09 -42.12
CA ILE G 270 15.75 31.08 -42.69
C ILE G 270 15.23 32.50 -42.92
N THR G 271 15.75 33.45 -42.16
CA THR G 271 15.34 34.85 -42.29
C THR G 271 15.79 35.42 -43.63
N GLU G 272 17.02 35.13 -44.02
CA GLU G 272 17.56 35.59 -45.29
C GLU G 272 16.90 34.89 -46.48
N LEU G 273 16.68 33.59 -46.33
CA LEU G 273 16.11 32.78 -47.39
C LEU G 273 14.70 33.20 -47.76
N LEU G 274 13.89 33.52 -46.75
CA LEU G 274 12.52 33.97 -46.97
C LEU G 274 12.48 35.25 -47.79
N LEU G 275 13.39 36.17 -47.48
CA LEU G 275 13.47 37.44 -48.20
C LEU G 275 13.94 37.24 -49.64
N LYS G 276 14.99 36.45 -49.80
CA LYS G 276 15.60 36.25 -51.11
C LYS G 276 14.70 35.41 -52.01
N GLU G 277 13.75 34.70 -51.40
CA GLU G 277 12.76 33.94 -52.17
C GLU G 277 11.47 34.73 -52.33
N GLY G 278 11.40 35.90 -51.70
CA GLY G 278 10.25 36.76 -51.81
C GLY G 278 9.03 36.24 -51.05
N PHE G 279 9.28 35.51 -49.97
CA PHE G 279 8.20 35.04 -49.10
C PHE G 279 8.01 35.97 -47.92
N ALA G 280 8.84 37.01 -47.84
CA ALA G 280 8.81 37.93 -46.71
C ALA G 280 9.35 39.29 -47.11
N ARG G 281 8.97 40.31 -46.33
CA ARG G 281 9.45 41.66 -46.56
C ARG G 281 10.16 42.19 -45.31
N CYS G 282 11.14 43.05 -45.52
CA CYS G 282 11.84 43.68 -44.41
C CYS G 282 10.89 44.55 -43.61
N VAL G 283 11.07 44.57 -42.31
CA VAL G 283 10.21 45.32 -41.40
C VAL G 283 11.06 46.26 -40.55
N ASP G 284 10.66 47.52 -40.50
CA ASP G 284 11.51 48.56 -39.93
C ASP G 284 11.44 48.68 -38.41
N TRP G 285 10.34 48.26 -37.80
CA TRP G 285 10.20 48.45 -36.36
C TRP G 285 11.04 47.45 -35.57
N SER G 286 11.42 46.35 -36.21
CA SER G 286 12.21 45.31 -35.53
C SER G 286 13.52 45.02 -36.25
N ILE G 287 13.88 45.85 -37.21
CA ILE G 287 15.09 45.64 -38.00
C ILE G 287 16.34 45.83 -37.14
N ALA G 288 16.22 46.56 -36.05
CA ALA G 288 17.34 46.80 -35.14
C ALA G 288 17.56 45.62 -34.21
N VAL G 289 16.48 44.89 -33.95
CA VAL G 289 16.53 43.72 -33.07
C VAL G 289 17.40 42.62 -33.68
N TYR G 290 17.42 42.55 -35.01
CA TYR G 290 18.23 41.59 -35.74
C TYR G 290 19.72 41.81 -35.46
N THR G 291 20.43 40.73 -35.15
CA THR G 291 21.82 40.83 -34.70
C THR G 291 22.83 40.25 -35.69
N ARG G 292 22.35 39.72 -36.82
CA ARG G 292 23.22 39.05 -37.77
C ARG G 292 23.51 39.90 -39.01
N GLY G 293 23.34 41.21 -38.88
CA GLY G 293 23.60 42.13 -39.98
C GLY G 293 22.36 42.53 -40.73
N ALA G 294 21.88 43.75 -40.48
CA ALA G 294 20.65 44.24 -41.08
C ALA G 294 20.80 44.48 -42.59
N GLU G 295 22.01 44.85 -43.00
CA GLU G 295 22.29 45.10 -44.41
C GLU G 295 22.11 43.83 -45.24
N LYS G 296 22.36 42.68 -44.62
CA LYS G 296 22.19 41.40 -45.29
C LYS G 296 20.73 41.13 -45.61
N LEU G 297 19.84 41.65 -44.77
CA LEU G 297 18.40 41.47 -44.98
C LEU G 297 17.90 42.37 -46.10
N ARG G 298 18.43 43.59 -46.17
CA ARG G 298 18.07 44.52 -47.23
C ARG G 298 18.48 43.98 -48.59
N ALA G 299 19.69 43.43 -48.67
CA ALA G 299 20.21 42.88 -49.91
C ALA G 299 19.38 41.69 -50.38
N ALA G 300 18.95 40.87 -49.43
CA ALA G 300 18.13 39.71 -49.75
C ALA G 300 16.75 40.12 -50.27
N GLU G 301 16.16 41.12 -49.61
CA GLU G 301 14.84 41.61 -50.00
C GLU G 301 14.89 42.35 -51.33
N ARG G 302 16.01 43.02 -51.58
CA ARG G 302 16.21 43.75 -52.83
C ARG G 302 16.38 42.77 -53.98
N PHE G 303 17.06 41.67 -53.70
CA PHE G 303 17.28 40.60 -54.67
C PHE G 303 15.96 40.08 -55.25
N ALA G 304 14.95 39.98 -54.39
CA ALA G 304 13.64 39.47 -54.80
C ALA G 304 12.77 40.57 -55.41
N LYS G 305 12.94 41.79 -54.93
CA LYS G 305 12.18 42.92 -55.45
C LYS G 305 12.56 43.21 -56.90
N GLU G 306 13.86 43.18 -57.18
CA GLU G 306 14.37 43.46 -58.51
C GLU G 306 13.99 42.39 -59.53
N ARG G 307 13.57 41.23 -59.03
CA ARG G 307 13.17 40.13 -59.89
C ARG G 307 11.66 39.87 -59.82
N ARG G 308 10.97 40.75 -59.11
CA ARG G 308 9.51 40.66 -58.97
C ARG G 308 9.06 39.29 -58.47
N LEU G 309 9.71 38.81 -57.41
CA LEU G 309 9.45 37.46 -56.91
C LEU G 309 8.26 37.38 -55.97
N ARG G 310 7.28 36.56 -56.35
CA ARG G 310 6.16 36.18 -55.49
C ARG G 310 5.39 37.34 -54.87
N ILE G 311 5.85 37.89 -53.75
CA ILE G 311 5.14 39.02 -53.16
C ILE G 311 5.55 40.32 -53.83
N TRP G 312 6.47 40.21 -54.79
CA TRP G 312 6.93 41.37 -55.54
C TRP G 312 6.49 41.30 -57.00
N ARG G 313 5.62 40.34 -57.31
CA ARG G 313 5.15 40.14 -58.69
C ARG G 313 4.38 41.35 -59.20
N ASP G 314 3.71 42.05 -58.30
CA ASP G 314 2.91 43.21 -58.66
C ASP G 314 3.54 44.50 -58.13
N TYR G 315 4.86 44.50 -58.02
CA TYR G 315 5.58 45.68 -57.53
C TYR G 315 5.72 46.73 -58.62
N VAL G 316 5.53 47.99 -58.25
CA VAL G 316 5.62 49.09 -59.18
C VAL G 316 6.86 49.92 -58.93
N ALA G 317 7.89 49.73 -59.76
CA ALA G 317 9.14 50.45 -59.61
C ALA G 317 9.02 51.88 -60.10
N PRO G 318 9.74 52.81 -59.44
CA PRO G 318 9.75 54.23 -59.84
C PRO G 318 10.28 54.43 -61.26
N ASN H 27 9.05 27.31 -62.86
CA ASN H 27 8.31 26.35 -62.05
C ASN H 27 7.55 27.03 -60.90
N SER H 28 7.46 26.36 -59.76
CA SER H 28 6.39 26.63 -58.79
C SER H 28 6.74 27.47 -57.56
N ASP H 29 5.70 27.70 -56.75
CA ASP H 29 5.79 28.51 -55.54
C ASP H 29 5.83 27.65 -54.27
N TRP H 30 5.78 26.34 -54.43
CA TRP H 30 5.87 25.43 -53.30
C TRP H 30 7.24 24.77 -53.27
N ASN H 31 8.19 25.44 -52.60
CA ASN H 31 9.57 25.02 -52.62
C ASN H 31 9.97 24.16 -51.42
N ALA H 32 10.18 22.87 -51.69
CA ALA H 32 10.80 21.98 -50.73
C ALA H 32 12.31 22.01 -50.98
N PRO H 33 13.11 21.96 -49.90
CA PRO H 33 14.56 22.08 -50.05
C PRO H 33 15.18 20.93 -50.84
N ALA H 34 16.16 21.24 -51.68
CA ALA H 34 16.90 20.21 -52.40
C ALA H 34 17.71 19.37 -51.42
N GLU H 35 18.50 20.05 -50.60
CA GLU H 35 19.20 19.43 -49.49
C GLU H 35 18.19 19.05 -48.41
N GLU H 36 18.36 17.88 -47.81
CA GLU H 36 17.53 17.55 -46.66
C GLU H 36 18.08 18.27 -45.43
N TRP H 37 17.20 18.98 -44.72
CA TRP H 37 17.61 19.67 -43.50
C TRP H 37 17.44 18.74 -42.32
N GLY H 38 18.37 17.78 -42.20
CA GLY H 38 18.27 16.76 -41.16
C GLY H 38 18.86 17.20 -39.84
N ASN H 39 18.67 16.36 -38.83
CA ASN H 39 19.23 16.61 -37.50
C ASN H 39 20.56 15.88 -37.33
N TRP H 40 21.18 15.54 -38.47
CA TRP H 40 22.41 14.77 -38.49
C TRP H 40 23.40 15.28 -39.52
N VAL H 41 24.65 14.84 -39.39
CA VAL H 41 25.68 15.16 -40.36
C VAL H 41 26.87 14.22 -40.22
N PRO I 3 21.40 -19.96 -21.37
CA PRO I 3 21.17 -21.33 -20.96
C PRO I 3 20.24 -21.37 -19.76
N THR I 4 19.37 -20.38 -19.67
CA THR I 4 18.41 -20.24 -18.61
C THR I 4 17.54 -21.46 -18.39
N VAL I 5 17.38 -21.86 -17.14
CA VAL I 5 16.44 -22.91 -16.81
C VAL I 5 15.07 -22.26 -16.61
N GLN I 6 14.08 -22.77 -17.32
CA GLN I 6 12.71 -22.27 -17.20
C GLN I 6 11.82 -23.42 -16.77
N ARG I 7 10.70 -23.10 -16.13
CA ARG I 7 9.83 -24.14 -15.59
C ARG I 7 8.39 -23.97 -16.05
N GLY I 8 7.65 -25.08 -16.02
CA GLY I 8 6.25 -25.07 -16.40
C GLY I 8 5.60 -26.42 -16.22
N ILE I 9 4.36 -26.53 -16.67
CA ILE I 9 3.60 -27.78 -16.57
C ILE I 9 3.30 -28.32 -17.97
N ILE I 10 3.47 -29.62 -18.15
CA ILE I 10 3.17 -30.26 -19.42
C ILE I 10 1.69 -30.18 -19.74
N LYS I 11 1.34 -29.42 -20.76
CA LYS I 11 -0.05 -29.28 -21.18
C LYS I 11 -0.50 -30.49 -21.98
N VAL I 13 1.15 -33.76 -25.05
CA VAL I 13 2.25 -34.35 -25.81
C VAL I 13 1.83 -34.46 -27.28
N LEU I 14 2.74 -34.06 -28.17
CA LEU I 14 2.43 -34.02 -29.60
C LEU I 14 3.12 -35.13 -30.39
N SER I 15 2.78 -35.21 -31.67
CA SER I 15 3.41 -36.14 -32.60
C SER I 15 4.90 -35.85 -32.71
N GLY I 16 5.68 -36.90 -33.00
CA GLY I 16 7.13 -36.76 -33.08
C GLY I 16 7.73 -36.44 -31.73
N CYS I 17 6.96 -36.71 -30.67
CA CYS I 17 7.36 -36.44 -29.29
C CYS I 17 7.71 -34.98 -29.07
N ALA I 18 6.85 -34.09 -29.52
CA ALA I 18 6.96 -32.67 -29.21
C ALA I 18 6.12 -32.38 -27.96
N ILE I 19 6.49 -31.32 -27.24
CA ILE I 19 5.84 -31.04 -25.96
C ILE I 19 5.39 -29.59 -25.85
N ILE I 20 4.17 -29.38 -25.39
CA ILE I 20 3.67 -28.04 -25.08
C ILE I 20 3.72 -27.79 -23.57
N VAL I 21 4.50 -26.79 -23.16
CA VAL I 21 4.64 -26.44 -21.76
C VAL I 21 3.92 -25.14 -21.45
N ARG I 22 3.12 -25.14 -20.37
CA ARG I 22 2.43 -23.93 -19.95
C ARG I 22 2.90 -23.48 -18.58
N GLY I 23 2.60 -22.22 -18.25
CA GLY I 23 2.92 -21.69 -16.93
C GLY I 23 1.63 -21.42 -16.16
N GLN I 24 1.73 -20.64 -15.09
CA GLN I 24 0.56 -20.28 -14.31
C GLN I 24 -0.18 -19.13 -14.96
N PRO I 25 -1.52 -19.11 -14.83
CA PRO I 25 -2.30 -17.96 -15.28
C PRO I 25 -2.13 -16.78 -14.33
N ARG I 26 -1.73 -15.63 -14.86
CA ARG I 26 -1.54 -14.43 -14.05
C ARG I 26 -2.75 -13.51 -14.15
N GLY I 27 -3.94 -14.09 -14.05
CA GLY I 27 -5.17 -13.35 -14.21
C GLY I 27 -5.69 -13.45 -15.64
N GLY I 28 -4.84 -13.99 -16.52
CA GLY I 28 -5.21 -14.18 -17.91
C GLY I 28 -4.72 -15.51 -18.45
N PRO I 29 -4.74 -15.66 -19.78
CA PRO I 29 -4.29 -16.90 -20.45
C PRO I 29 -2.83 -17.21 -20.14
N PRO I 30 -2.57 -18.40 -19.57
CA PRO I 30 -1.20 -18.81 -19.24
C PRO I 30 -0.35 -18.97 -20.49
N PRO I 31 0.93 -18.58 -20.42
CA PRO I 31 1.86 -18.69 -21.56
C PRO I 31 2.00 -20.13 -22.05
N GLU I 32 2.15 -20.30 -23.35
CA GLU I 32 2.34 -21.63 -23.93
C GLU I 32 3.55 -21.67 -24.86
N ARG I 33 4.31 -22.75 -24.78
CA ARG I 33 5.50 -22.92 -25.60
C ARG I 33 5.59 -24.33 -26.15
N GLN I 34 5.64 -24.46 -27.47
CA GLN I 34 5.91 -25.77 -28.07
C GLN I 34 7.40 -26.03 -28.06
N ILE I 35 7.80 -27.12 -27.41
CA ILE I 35 9.21 -27.46 -27.29
C ILE I 35 9.54 -28.77 -27.98
N ASN I 36 10.15 -28.69 -29.15
CA ASN I 36 10.65 -29.87 -29.84
C ASN I 36 11.93 -30.36 -29.19
N LEU I 37 12.00 -31.67 -28.93
CA LEU I 37 13.16 -32.24 -28.26
C LEU I 37 14.38 -32.23 -29.17
N SER I 38 15.51 -31.80 -28.61
CA SER I 38 16.74 -31.66 -29.38
C SER I 38 17.44 -32.99 -29.63
N ASN I 39 18.14 -33.06 -30.77
CA ASN I 39 19.05 -34.16 -31.09
C ASN I 39 18.41 -35.53 -31.28
N ILE I 40 17.09 -35.62 -31.18
CA ILE I 40 16.43 -36.90 -31.37
C ILE I 40 15.33 -36.86 -32.42
N ARG I 41 14.97 -38.03 -32.94
CA ARG I 41 13.93 -38.16 -33.95
C ARG I 41 12.92 -39.23 -33.56
N ALA I 42 11.66 -38.83 -33.43
CA ALA I 42 10.60 -39.77 -33.09
C ALA I 42 9.67 -40.01 -34.28
N GLY I 43 8.92 -41.10 -34.23
CA GLY I 43 8.01 -41.44 -35.30
C GLY I 43 6.86 -40.45 -35.44
N ASN I 44 6.25 -40.42 -36.62
CA ASN I 44 5.14 -39.52 -36.88
C ASN I 44 3.79 -40.17 -36.60
N LEU I 45 2.98 -39.51 -35.77
CA LEU I 45 1.64 -39.98 -35.47
C LEU I 45 0.75 -39.87 -36.70
N ALA I 46 -0.35 -40.61 -36.70
CA ALA I 46 -1.33 -40.51 -37.76
C ALA I 46 -1.93 -39.11 -37.78
N ARG I 47 -2.21 -38.60 -38.99
CA ARG I 47 -2.76 -37.27 -39.14
C ARG I 47 -3.99 -37.28 -40.04
N ARG I 48 -5.11 -36.80 -39.51
CA ARG I 48 -6.33 -36.70 -40.29
C ARG I 48 -6.33 -35.40 -41.10
N ALA I 49 -6.52 -35.53 -42.41
CA ALA I 49 -6.49 -34.37 -43.30
C ALA I 49 -7.68 -33.46 -43.06
N ALA I 50 -7.40 -32.20 -42.74
CA ALA I 50 -8.45 -31.21 -42.53
C ALA I 50 -8.47 -30.19 -43.66
N ALA I 51 -9.23 -29.11 -43.47
CA ALA I 51 -9.32 -28.05 -44.47
C ALA I 51 -8.55 -26.82 -44.00
N THR I 52 -8.03 -26.89 -42.79
CA THR I 52 -7.28 -25.77 -42.22
C THR I 52 -5.82 -25.78 -42.68
N GLN I 53 -5.36 -26.95 -43.14
CA GLN I 53 -3.99 -27.09 -43.62
C GLN I 53 -3.93 -28.03 -44.84
N PRO I 54 -2.94 -27.83 -45.71
CA PRO I 54 -2.80 -28.67 -46.91
C PRO I 54 -2.26 -30.06 -46.61
N ASP I 55 -3.10 -30.92 -46.04
CA ASP I 55 -2.70 -32.28 -45.69
C ASP I 55 -2.99 -33.25 -46.83
N ALA I 56 -3.92 -32.87 -47.70
CA ALA I 56 -4.27 -33.61 -48.92
C ALA I 56 -4.89 -34.98 -48.67
N LYS I 57 -4.40 -35.69 -47.65
CA LYS I 57 -4.76 -37.08 -47.46
C LYS I 57 -4.47 -37.54 -46.03
N ASP I 58 -5.26 -38.50 -45.55
CA ASP I 58 -5.02 -39.07 -44.22
C ASP I 58 -3.77 -39.92 -44.21
N THR I 59 -2.93 -39.75 -43.19
CA THR I 59 -1.73 -40.53 -43.03
C THR I 59 -1.81 -41.39 -41.78
N PRO I 60 -1.32 -42.63 -41.87
CA PRO I 60 -1.35 -43.56 -40.72
C PRO I 60 -0.20 -43.31 -39.74
N ASP I 61 -0.18 -44.10 -38.67
CA ASP I 61 0.92 -44.05 -37.72
C ASP I 61 2.18 -44.67 -38.31
N GLU I 62 3.33 -44.09 -38.02
CA GLU I 62 4.60 -44.77 -38.26
C GLU I 62 4.79 -45.79 -37.14
N PRO I 63 5.56 -46.85 -37.39
CA PRO I 63 5.83 -47.82 -36.33
C PRO I 63 6.43 -47.16 -35.08
N TRP I 64 5.89 -47.51 -33.92
CA TRP I 64 6.36 -47.04 -32.62
C TRP I 64 6.18 -45.54 -32.40
N ALA I 65 5.37 -44.91 -33.25
CA ALA I 65 5.07 -43.50 -33.08
C ALA I 65 4.08 -43.28 -31.94
N PHE I 66 3.05 -44.12 -31.92
CA PHE I 66 2.03 -44.04 -30.88
C PHE I 66 2.50 -44.51 -29.50
N PRO I 67 3.26 -45.64 -29.44
CA PRO I 67 3.84 -45.97 -28.14
C PRO I 67 4.78 -44.88 -27.61
N ALA I 68 5.42 -44.17 -28.53
CA ALA I 68 6.31 -43.07 -28.15
C ALA I 68 5.52 -41.95 -27.46
N ARG I 69 4.35 -41.65 -27.99
CA ARG I 69 3.51 -40.60 -27.40
C ARG I 69 2.96 -41.06 -26.05
N GLU I 70 2.49 -42.29 -25.99
CA GLU I 70 1.90 -42.85 -24.78
C GLU I 70 2.94 -42.90 -23.66
N PHE I 71 4.19 -43.16 -24.03
CA PHE I 71 5.30 -43.15 -23.09
C PHE I 71 5.43 -41.77 -22.44
N LEU I 72 5.40 -40.74 -23.26
CA LEU I 72 5.50 -39.37 -22.78
C LEU I 72 4.23 -38.92 -22.06
N ARG I 73 3.09 -39.32 -22.61
CA ARG I 73 1.80 -38.95 -22.02
C ARG I 73 1.65 -39.54 -20.62
N LYS I 74 2.18 -40.74 -20.44
CA LYS I 74 2.09 -41.43 -19.16
C LYS I 74 2.98 -40.78 -18.10
N LYS I 75 4.15 -40.29 -18.52
CA LYS I 75 5.15 -39.79 -17.59
C LYS I 75 5.11 -38.28 -17.37
N LEU I 76 4.52 -37.54 -18.31
CA LEU I 76 4.64 -36.08 -18.27
C LEU I 76 3.34 -35.32 -18.01
N ILE I 77 2.22 -35.84 -18.49
CA ILE I 77 0.94 -35.13 -18.41
C ILE I 77 0.56 -34.77 -16.98
N GLY I 78 0.44 -33.47 -16.72
CA GLY I 78 0.12 -32.97 -15.39
C GLY I 78 1.36 -32.69 -14.58
N LYS I 79 2.39 -33.50 -14.80
CA LYS I 79 3.67 -33.34 -14.09
C LYS I 79 4.34 -32.04 -14.47
N GLU I 80 5.08 -31.47 -13.52
CA GLU I 80 5.81 -30.23 -13.76
C GLU I 80 7.25 -30.53 -14.16
N VAL I 81 7.76 -29.78 -15.13
CA VAL I 81 9.12 -29.98 -15.62
C VAL I 81 9.94 -28.70 -15.63
N CYS I 82 11.22 -28.83 -15.91
CA CYS I 82 12.09 -27.69 -16.18
C CYS I 82 12.72 -27.91 -17.55
N PHE I 83 13.06 -26.83 -18.24
CA PHE I 83 13.57 -26.97 -19.60
C PHE I 83 14.55 -25.87 -20.00
N THR I 84 15.32 -26.15 -21.05
CA THR I 84 16.24 -25.19 -21.65
C THR I 84 15.94 -25.06 -23.14
N ILE I 85 16.30 -23.92 -23.71
CA ILE I 85 16.09 -23.69 -25.14
C ILE I 85 17.43 -23.53 -25.86
N GLU I 86 17.80 -24.53 -26.65
CA GLU I 86 19.05 -24.48 -27.39
C GLU I 86 18.91 -23.64 -28.66
N ASN I 87 17.83 -23.86 -29.38
CA ASN I 87 17.58 -23.15 -30.62
C ASN I 87 16.18 -22.58 -30.72
N LYS I 88 16.07 -21.29 -31.04
CA LYS I 88 14.82 -20.74 -31.51
C LYS I 88 15.08 -20.04 -32.84
N THR I 89 14.09 -20.11 -33.73
CA THR I 89 14.25 -19.68 -35.10
C THR I 89 12.93 -18.98 -35.52
N PRO I 90 12.94 -18.22 -36.64
CA PRO I 90 11.82 -17.33 -36.98
C PRO I 90 10.42 -17.97 -37.01
N GLN I 91 10.35 -19.26 -37.32
CA GLN I 91 9.06 -19.95 -37.40
C GLN I 91 8.37 -19.97 -36.03
N GLY I 92 9.17 -19.86 -34.98
CA GLY I 92 8.67 -19.96 -33.62
C GLY I 92 8.83 -21.38 -33.13
N ARG I 93 9.60 -22.17 -33.88
CA ARG I 93 9.85 -23.57 -33.54
C ARG I 93 11.04 -23.71 -32.61
N GLU I 94 10.77 -23.59 -31.31
CA GLU I 94 11.82 -23.71 -30.30
C GLU I 94 12.30 -25.16 -30.14
N TYR I 95 13.61 -25.32 -30.00
CA TYR I 95 14.20 -26.63 -29.70
C TYR I 95 14.92 -26.56 -28.36
N GLY I 96 15.05 -27.70 -27.70
CA GLY I 96 15.71 -27.75 -26.41
C GLY I 96 15.62 -29.09 -25.72
N ILE I 98 14.13 -31.19 -22.04
CA ILE I 98 13.18 -31.15 -20.94
C ILE I 98 13.56 -32.17 -19.86
N TYR I 99 13.50 -31.73 -18.61
CA TYR I 99 13.85 -32.61 -17.49
C TYR I 99 12.65 -32.82 -16.57
N LEU I 100 12.37 -34.07 -16.26
CA LEU I 100 11.25 -34.42 -15.39
C LEU I 100 11.63 -34.24 -13.92
N GLY I 101 11.17 -33.15 -13.32
CA GLY I 101 11.47 -32.85 -11.94
C GLY I 101 11.64 -31.37 -11.70
N LYS I 102 12.65 -31.02 -10.92
CA LYS I 102 12.91 -29.63 -10.58
C LYS I 102 14.31 -29.20 -11.02
N ASP I 103 15.17 -30.16 -11.31
CA ASP I 103 16.55 -29.85 -11.66
C ASP I 103 16.89 -30.32 -13.08
N THR I 104 18.00 -29.82 -13.61
CA THR I 104 18.49 -30.26 -14.91
C THR I 104 19.18 -31.62 -14.77
N ASN I 105 19.30 -32.09 -13.53
CA ASN I 105 19.83 -33.42 -13.25
C ASN I 105 18.73 -34.42 -12.98
N GLY I 106 17.50 -34.02 -13.28
CA GLY I 106 16.36 -34.92 -13.22
C GLY I 106 16.35 -35.82 -14.44
N GLU I 107 15.26 -36.55 -14.64
CA GLU I 107 15.17 -37.46 -15.78
C GLU I 107 15.12 -36.70 -17.10
N ASN I 108 16.07 -36.97 -17.97
CA ASN I 108 16.08 -36.37 -19.30
C ASN I 108 15.13 -37.13 -20.23
N ILE I 109 14.10 -36.44 -20.72
CA ILE I 109 13.08 -37.05 -21.55
C ILE I 109 13.66 -37.60 -22.85
N ALA I 110 14.55 -36.83 -23.47
CA ALA I 110 15.19 -37.25 -24.71
C ALA I 110 15.95 -38.55 -24.52
N GLU I 111 16.71 -38.64 -23.44
CA GLU I 111 17.49 -39.83 -23.13
C GLU I 111 16.58 -41.02 -22.83
N SER I 112 15.46 -40.76 -22.19
CA SER I 112 14.50 -41.82 -21.85
C SER I 112 13.88 -42.41 -23.11
N LEU I 113 13.49 -41.55 -24.04
CA LEU I 113 12.90 -41.98 -25.30
C LEU I 113 13.84 -42.88 -26.10
N VAL I 114 15.10 -42.46 -26.19
CA VAL I 114 16.10 -43.20 -26.94
C VAL I 114 16.43 -44.53 -26.25
N ALA I 115 16.41 -44.53 -24.92
CA ALA I 115 16.76 -45.71 -24.14
C ALA I 115 15.77 -46.85 -24.33
N GLU I 116 14.52 -46.52 -24.62
CA GLU I 116 13.49 -47.55 -24.76
C GLU I 116 13.19 -47.87 -26.22
N GLY I 117 14.02 -47.33 -27.12
CA GLY I 117 13.85 -47.59 -28.54
C GLY I 117 12.62 -46.91 -29.11
N LEU I 118 12.28 -45.74 -28.56
CA LEU I 118 11.14 -44.98 -29.05
C LEU I 118 11.59 -43.77 -29.85
N ALA I 119 12.91 -43.57 -29.91
CA ALA I 119 13.49 -42.47 -30.65
C ALA I 119 14.98 -42.72 -30.92
N THR I 120 15.50 -42.10 -31.97
CA THR I 120 16.91 -42.21 -32.30
C THR I 120 17.55 -40.83 -32.40
N ARG I 121 18.87 -40.78 -32.23
CA ARG I 121 19.61 -39.53 -32.38
C ARG I 121 19.62 -39.09 -33.84
N ARG I 122 19.70 -37.77 -34.06
CA ARG I 122 19.77 -37.24 -35.41
C ARG I 122 20.99 -37.76 -36.17
N ASN I 128 31.12 -34.56 -31.16
CA ASN I 128 29.88 -34.40 -30.41
C ASN I 128 30.13 -33.84 -29.01
N ASN I 129 29.04 -33.56 -28.29
CA ASN I 129 29.11 -32.95 -26.98
C ASN I 129 28.57 -33.89 -25.89
N PRO I 130 28.89 -33.60 -24.60
CA PRO I 130 28.51 -34.48 -23.48
C PRO I 130 27.07 -34.99 -23.44
N GLU I 131 26.15 -34.38 -24.19
CA GLU I 131 24.78 -34.87 -24.22
C GLU I 131 24.53 -35.76 -25.45
N GLN I 132 25.22 -35.47 -26.55
CA GLN I 132 25.14 -36.32 -27.73
C GLN I 132 25.87 -37.63 -27.46
N ASN I 133 26.79 -37.59 -26.50
CA ASN I 133 27.52 -38.78 -26.07
C ASN I 133 26.61 -39.75 -25.33
N ARG I 134 25.82 -39.23 -24.40
CA ARG I 134 24.94 -40.06 -23.59
C ARG I 134 23.78 -40.61 -24.39
N LEU I 135 23.30 -39.84 -25.37
CA LEU I 135 22.24 -40.31 -26.26
C LEU I 135 22.73 -41.51 -27.08
N SER I 136 24.02 -41.52 -27.37
CA SER I 136 24.63 -42.58 -28.17
C SER I 136 24.70 -43.89 -27.40
N GLU I 137 25.01 -43.82 -26.11
CA GLU I 137 25.07 -45.02 -25.28
C GLU I 137 23.67 -45.46 -24.87
N CYS I 138 22.74 -44.51 -24.84
CA CYS I 138 21.34 -44.81 -24.60
C CYS I 138 20.77 -45.61 -25.75
N GLU I 139 21.12 -45.22 -26.98
CA GLU I 139 20.63 -45.93 -28.15
C GLU I 139 21.20 -47.34 -28.19
N GLU I 140 22.52 -47.43 -28.09
CA GLU I 140 23.21 -48.73 -28.09
C GLU I 140 22.68 -49.65 -27.00
N GLN I 141 22.24 -49.05 -25.90
CA GLN I 141 21.59 -49.79 -24.82
C GLN I 141 20.29 -50.41 -25.32
N ALA I 142 19.57 -49.66 -26.15
CA ALA I 142 18.28 -50.08 -26.66
C ALA I 142 18.39 -51.14 -27.75
N LYS I 143 19.38 -51.00 -28.64
CA LYS I 143 19.56 -51.98 -29.71
C LYS I 143 19.95 -53.34 -29.15
N ALA I 144 20.80 -53.35 -28.13
CA ALA I 144 21.23 -54.59 -27.50
C ALA I 144 20.04 -55.31 -26.87
N ALA I 145 19.23 -54.56 -26.11
CA ALA I 145 18.06 -55.11 -25.46
C ALA I 145 16.94 -55.36 -26.47
N LYS I 146 17.11 -54.82 -27.67
CA LYS I 146 16.13 -54.93 -28.76
C LYS I 146 14.78 -54.36 -28.34
N LYS I 147 14.80 -53.16 -27.79
CA LYS I 147 13.58 -52.46 -27.37
C LYS I 147 12.97 -51.65 -28.51
N GLY I 148 11.65 -51.64 -28.56
CA GLY I 148 10.92 -50.80 -29.51
C GLY I 148 11.25 -51.02 -30.96
N TRP I 150 13.91 -51.49 -32.29
CA TRP I 150 15.03 -52.42 -32.47
C TRP I 150 14.58 -53.86 -32.31
N SER I 151 13.27 -54.06 -32.28
CA SER I 151 12.69 -55.40 -32.14
C SER I 151 12.68 -56.13 -33.47
N GLU I 152 12.30 -57.41 -33.43
CA GLU I 152 12.11 -58.16 -34.66
C GLU I 152 10.84 -57.70 -35.36
N GLY I 153 10.71 -58.03 -36.64
CA GLY I 153 9.52 -57.67 -37.39
C GLY I 153 9.45 -56.20 -37.76
N ASN I 154 8.40 -55.83 -38.46
CA ASN I 154 8.22 -54.46 -38.94
C ASN I 154 7.63 -53.53 -37.87
N GLY I 155 7.17 -54.12 -36.77
CA GLY I 155 6.57 -53.34 -35.69
C GLY I 155 5.24 -52.73 -36.08
N SER I 156 4.58 -53.35 -37.06
CA SER I 156 3.31 -52.83 -37.57
C SER I 156 2.16 -53.03 -36.60
N HIS I 157 2.41 -53.78 -35.53
CA HIS I 157 1.39 -54.03 -34.52
C HIS I 157 1.20 -52.79 -33.63
N THR I 158 2.12 -51.84 -33.76
CA THR I 158 2.06 -50.61 -32.98
C THR I 158 1.29 -49.53 -33.72
N ILE I 159 0.86 -49.83 -34.94
CA ILE I 159 0.14 -48.88 -35.77
C ILE I 159 -1.37 -48.98 -35.53
N ARG I 160 -1.96 -47.88 -35.08
CA ARG I 160 -3.39 -47.85 -34.76
C ARG I 160 -4.27 -47.93 -36.01
N ASP I 161 -5.29 -48.77 -35.94
CA ASP I 161 -6.32 -48.79 -36.98
C ASP I 161 -7.39 -47.75 -36.63
N LEU I 162 -7.02 -46.48 -36.77
CA LEU I 162 -7.90 -45.38 -36.40
C LEU I 162 -9.19 -45.35 -37.21
N LYS I 163 -10.31 -45.24 -36.51
CA LYS I 163 -11.62 -45.15 -37.15
C LYS I 163 -12.23 -43.80 -36.86
N TYR I 164 -12.18 -42.90 -37.83
CA TYR I 164 -12.62 -41.53 -37.63
C TYR I 164 -14.14 -41.38 -37.71
N THR I 165 -14.81 -42.43 -38.16
CA THR I 165 -16.28 -42.43 -38.23
C THR I 165 -16.85 -43.71 -37.66
N ILE I 166 -18.12 -43.63 -37.24
CA ILE I 166 -18.85 -44.81 -36.78
C ILE I 166 -20.07 -45.02 -37.67
N GLU I 167 -20.21 -46.21 -38.22
CA GLU I 167 -21.29 -46.50 -39.16
C GLU I 167 -22.67 -46.36 -38.51
N ASN I 168 -22.86 -47.03 -37.37
CA ASN I 168 -24.13 -46.98 -36.66
C ASN I 168 -23.96 -46.52 -35.22
N PRO I 169 -23.90 -45.20 -35.01
CA PRO I 169 -23.69 -44.59 -33.70
C PRO I 169 -24.72 -45.02 -32.66
N ARG I 170 -26.00 -45.03 -33.03
CA ARG I 170 -27.06 -45.42 -32.10
C ARG I 170 -26.91 -46.88 -31.67
N HIS I 171 -26.47 -47.73 -32.60
CA HIS I 171 -26.21 -49.12 -32.28
C HIS I 171 -24.93 -49.26 -31.48
N PHE I 172 -23.93 -48.46 -31.84
CA PHE I 172 -22.64 -48.48 -31.16
C PHE I 172 -22.79 -48.10 -29.69
N VAL I 173 -23.57 -47.06 -29.44
CA VAL I 173 -23.79 -46.57 -28.08
C VAL I 173 -24.61 -47.55 -27.24
N ASP I 174 -25.68 -48.08 -27.83
CA ASP I 174 -26.54 -49.03 -27.13
C ASP I 174 -25.80 -50.32 -26.79
N SER I 175 -24.88 -50.72 -27.65
CA SER I 175 -24.16 -51.98 -27.50
C SER I 175 -23.25 -52.00 -26.26
N HIS I 176 -22.94 -50.83 -25.73
CA HIS I 176 -22.09 -50.73 -24.54
C HIS I 176 -22.94 -50.63 -23.27
N HIS I 177 -24.25 -50.45 -23.46
CA HIS I 177 -25.22 -50.45 -22.37
C HIS I 177 -24.84 -49.52 -21.22
N GLN I 178 -24.34 -48.34 -21.57
CA GLN I 178 -23.97 -47.31 -20.60
C GLN I 178 -22.94 -47.79 -19.58
N LYS I 179 -22.15 -48.79 -19.97
CA LYS I 179 -21.02 -49.23 -19.15
C LYS I 179 -19.78 -48.44 -19.56
N PRO I 180 -19.02 -47.95 -18.57
CA PRO I 180 -17.83 -47.12 -18.79
C PRO I 180 -16.86 -47.67 -19.83
N VAL I 181 -16.29 -46.76 -20.62
CA VAL I 181 -15.36 -47.13 -21.68
C VAL I 181 -14.04 -46.39 -21.49
N ASN I 182 -12.93 -47.13 -21.42
CA ASN I 182 -11.61 -46.53 -21.31
C ASN I 182 -11.30 -45.67 -22.53
N ALA I 183 -10.79 -44.47 -22.29
CA ALA I 183 -10.54 -43.55 -23.38
C ALA I 183 -9.46 -42.51 -23.04
N ILE I 184 -9.02 -41.79 -24.07
CA ILE I 184 -8.08 -40.70 -23.90
C ILE I 184 -8.67 -39.41 -24.46
N ILE I 185 -8.68 -38.35 -23.67
CA ILE I 185 -9.12 -37.05 -24.15
C ILE I 185 -8.05 -36.45 -25.04
N GLU I 186 -8.28 -36.45 -26.35
CA GLU I 186 -7.28 -35.99 -27.30
C GLU I 186 -7.33 -34.48 -27.53
N HIS I 187 -8.53 -33.92 -27.54
CA HIS I 187 -8.69 -32.47 -27.74
C HIS I 187 -9.84 -31.91 -26.94
N VAL I 188 -9.83 -30.60 -26.74
CA VAL I 188 -10.93 -29.90 -26.08
C VAL I 188 -11.42 -28.75 -26.96
N ARG I 189 -12.55 -28.94 -27.61
CA ARG I 189 -13.16 -27.90 -28.44
C ARG I 189 -13.53 -26.71 -27.57
N ASP I 190 -14.42 -26.94 -26.62
CA ASP I 190 -14.72 -25.97 -25.57
C ASP I 190 -14.98 -26.73 -24.28
N GLY I 191 -15.33 -26.01 -23.22
CA GLY I 191 -15.45 -26.58 -21.89
C GLY I 191 -16.27 -27.85 -21.76
N SER I 192 -17.26 -28.04 -22.63
CA SER I 192 -18.16 -29.18 -22.50
C SER I 192 -18.09 -30.14 -23.69
N VAL I 193 -17.29 -29.80 -24.69
CA VAL I 193 -17.14 -30.66 -25.86
C VAL I 193 -15.68 -31.06 -26.06
N VAL I 194 -15.43 -32.36 -26.15
CA VAL I 194 -14.07 -32.87 -26.31
C VAL I 194 -13.96 -33.88 -27.44
N ARG I 195 -12.72 -34.19 -27.81
CA ARG I 195 -12.42 -35.27 -28.75
C ARG I 195 -11.78 -36.42 -27.98
N ALA I 196 -12.36 -37.61 -28.09
CA ALA I 196 -11.90 -38.74 -27.29
C ALA I 196 -11.48 -39.93 -28.14
N LEU I 197 -10.39 -40.58 -27.74
CA LEU I 197 -9.94 -41.80 -28.39
C LEU I 197 -10.42 -43.01 -27.59
N LEU I 198 -11.44 -43.69 -28.09
CA LEU I 198 -12.05 -44.81 -27.39
C LEU I 198 -11.21 -46.08 -27.52
N LEU I 199 -10.97 -46.74 -26.39
CA LEU I 199 -10.18 -47.96 -26.36
C LEU I 199 -11.06 -49.20 -26.29
N PRO I 200 -10.59 -50.34 -26.81
CA PRO I 200 -9.27 -50.58 -27.40
C PRO I 200 -9.22 -50.48 -28.93
N ASP I 201 -10.32 -50.15 -29.58
CA ASP I 201 -10.39 -50.19 -31.04
C ASP I 201 -10.07 -48.85 -31.71
N TYR I 202 -9.67 -47.87 -30.90
CA TYR I 202 -9.22 -46.57 -31.40
C TYR I 202 -10.24 -45.84 -32.25
N TYR I 203 -11.44 -45.64 -31.70
CA TYR I 203 -12.43 -44.77 -32.30
C TYR I 203 -12.16 -43.33 -31.89
N LEU I 204 -11.89 -42.46 -32.84
CA LEU I 204 -11.73 -41.05 -32.54
C LEU I 204 -13.06 -40.34 -32.70
N VAL I 205 -13.73 -40.08 -31.57
CA VAL I 205 -15.07 -39.53 -31.59
C VAL I 205 -15.15 -38.17 -30.91
N THR I 206 -16.24 -37.46 -31.17
CA THR I 206 -16.55 -36.22 -30.47
C THR I 206 -17.54 -36.53 -29.36
N VAL I 207 -17.24 -36.05 -28.15
CA VAL I 207 -18.11 -36.31 -27.01
C VAL I 207 -18.59 -35.01 -26.37
N LEU I 209 -20.76 -33.32 -23.25
CA LEU I 209 -21.23 -33.63 -21.90
C LEU I 209 -22.74 -33.52 -21.80
N SER I 210 -23.36 -34.54 -21.24
CA SER I 210 -24.82 -34.59 -21.13
C SER I 210 -25.37 -33.59 -20.13
N GLY I 211 -26.50 -32.98 -20.48
CA GLY I 211 -27.24 -32.15 -19.55
C GLY I 211 -26.67 -30.78 -19.26
N ILE I 212 -25.51 -30.45 -19.83
CA ILE I 212 -24.91 -29.14 -19.62
C ILE I 212 -24.42 -28.51 -20.92
N LYS I 213 -23.99 -27.26 -20.81
CA LYS I 213 -23.43 -26.54 -21.95
C LYS I 213 -22.54 -25.39 -21.48
N CYS I 214 -21.31 -25.35 -21.99
CA CYS I 214 -20.39 -24.26 -21.71
C CYS I 214 -20.48 -23.20 -22.80
N PRO I 215 -20.05 -21.96 -22.51
CA PRO I 215 -19.96 -20.93 -23.55
C PRO I 215 -19.10 -21.39 -24.72
N THR I 216 -19.46 -21.00 -25.93
CA THR I 216 -18.81 -21.54 -27.12
C THR I 216 -18.06 -20.50 -27.95
N PHE I 217 -17.36 -20.99 -28.97
CA PHE I 217 -16.69 -20.13 -29.93
C PHE I 217 -17.49 -20.11 -31.24
N ARG I 218 -18.02 -18.95 -31.60
CA ARG I 218 -18.82 -18.84 -32.81
C ARG I 218 -17.95 -18.51 -34.02
N ARG I 219 -18.32 -19.06 -35.18
CA ARG I 219 -17.60 -18.80 -36.42
C ARG I 219 -18.43 -17.94 -37.36
N GLY I 223 -14.44 -16.08 -42.08
CA GLY I 223 -14.97 -16.69 -40.87
C GLY I 223 -14.02 -16.56 -39.70
N SER I 224 -14.28 -15.57 -38.85
CA SER I 224 -13.43 -15.32 -37.69
C SER I 224 -14.04 -15.90 -36.42
N GLU I 225 -13.18 -16.48 -35.57
CA GLU I 225 -13.64 -17.07 -34.32
C GLU I 225 -13.95 -15.99 -33.28
N THR I 226 -15.01 -16.21 -32.52
CA THR I 226 -15.42 -15.28 -31.46
C THR I 226 -15.98 -16.05 -30.28
N PRO I 227 -15.41 -15.83 -29.08
CA PRO I 227 -15.85 -16.56 -27.89
C PRO I 227 -16.91 -15.83 -27.08
N GLU I 228 -17.88 -16.59 -26.57
CA GLU I 228 -18.83 -16.06 -25.60
C GLU I 228 -18.08 -15.76 -24.30
N PRO I 229 -18.67 -14.95 -23.41
CA PRO I 229 -18.04 -14.73 -22.11
C PRO I 229 -17.75 -16.04 -21.37
N PHE I 230 -16.53 -16.16 -20.83
CA PHE I 230 -16.09 -17.34 -20.08
C PHE I 230 -15.99 -18.60 -20.93
N ALA I 231 -15.88 -18.45 -22.24
CA ALA I 231 -15.72 -19.59 -23.12
C ALA I 231 -14.29 -20.12 -23.07
N ALA I 232 -13.33 -19.24 -23.31
CA ALA I 232 -11.92 -19.60 -23.26
C ALA I 232 -11.52 -20.04 -21.85
N GLU I 233 -12.20 -19.48 -20.86
CA GLU I 233 -11.96 -19.83 -19.46
C GLU I 233 -12.45 -21.25 -19.16
N ALA I 234 -13.68 -21.55 -19.59
CA ALA I 234 -14.27 -22.86 -19.36
C ALA I 234 -13.48 -23.94 -20.12
N LYS I 235 -13.01 -23.60 -21.30
CA LYS I 235 -12.19 -24.51 -22.10
C LYS I 235 -10.92 -24.87 -21.37
N PHE I 236 -10.26 -23.86 -20.80
CA PHE I 236 -9.03 -24.06 -20.05
C PHE I 236 -9.25 -24.89 -18.79
N PHE I 237 -10.37 -24.63 -18.12
CA PHE I 237 -10.73 -25.35 -16.90
C PHE I 237 -10.78 -26.86 -17.14
N THR I 238 -11.39 -27.25 -18.26
CA THR I 238 -11.49 -28.65 -18.63
C THR I 238 -10.17 -29.15 -19.22
N GLU I 239 -9.54 -28.31 -20.03
CA GLU I 239 -8.30 -28.66 -20.72
C GLU I 239 -7.17 -28.95 -19.74
N SER I 240 -7.03 -28.12 -18.72
CA SER I 240 -5.94 -28.26 -17.76
C SER I 240 -6.15 -29.41 -16.78
N ARG I 241 -7.26 -30.13 -16.94
CA ARG I 241 -7.60 -31.23 -16.04
C ARG I 241 -7.76 -32.56 -16.76
N LEU I 242 -8.20 -32.53 -18.01
CA LEU I 242 -8.56 -33.77 -18.70
C LEU I 242 -7.78 -34.02 -20.00
N LEU I 243 -7.13 -33.00 -20.54
CA LEU I 243 -6.44 -33.15 -21.82
C LEU I 243 -5.34 -34.21 -21.75
N GLN I 244 -5.45 -35.21 -22.63
CA GLN I 244 -4.53 -36.33 -22.69
C GLN I 244 -4.44 -37.07 -21.36
N ARG I 245 -5.58 -37.16 -20.68
CA ARG I 245 -5.70 -37.96 -19.46
C ARG I 245 -6.38 -39.28 -19.74
N ASP I 246 -5.98 -40.32 -19.02
CA ASP I 246 -6.72 -41.57 -19.04
C ASP I 246 -8.03 -41.39 -18.30
N VAL I 247 -9.14 -41.65 -18.98
CA VAL I 247 -10.45 -41.47 -18.40
C VAL I 247 -11.39 -42.62 -18.77
N GLN I 248 -12.57 -42.62 -18.16
CA GLN I 248 -13.62 -43.54 -18.56
C GLN I 248 -14.85 -42.74 -18.97
N ILE I 249 -15.48 -43.15 -20.06
CA ILE I 249 -16.62 -42.42 -20.61
C ILE I 249 -17.87 -43.30 -20.68
N ILE I 250 -18.97 -42.78 -20.15
CA ILE I 250 -20.25 -43.44 -20.25
C ILE I 250 -20.99 -42.98 -21.50
N LEU I 251 -21.01 -43.84 -22.53
CA LEU I 251 -21.71 -43.50 -23.76
C LEU I 251 -23.22 -43.54 -23.52
N GLU I 252 -23.77 -42.41 -23.13
CA GLU I 252 -25.17 -42.35 -22.69
C GLU I 252 -26.16 -42.25 -23.85
N SER I 253 -25.85 -41.39 -24.82
CA SER I 253 -26.68 -41.25 -26.01
C SER I 253 -25.85 -40.70 -27.16
N CYS I 254 -26.51 -40.31 -28.24
CA CYS I 254 -25.78 -39.78 -29.38
C CYS I 254 -26.68 -38.99 -30.29
N HIS I 255 -26.08 -38.14 -31.10
CA HIS I 255 -26.76 -37.60 -32.27
C HIS I 255 -25.76 -37.06 -33.29
N ASN I 256 -26.01 -37.53 -34.52
CA ASN I 256 -25.06 -37.67 -35.61
C ASN I 256 -23.86 -38.49 -35.16
N GLN I 257 -22.66 -38.07 -35.58
CA GLN I 257 -21.45 -38.75 -35.16
C GLN I 257 -21.04 -38.26 -33.78
N ASN I 258 -21.77 -37.30 -33.24
CA ASN I 258 -21.51 -36.79 -31.90
C ASN I 258 -22.12 -37.70 -30.83
N ILE I 259 -21.36 -37.94 -29.78
CA ILE I 259 -21.81 -38.80 -28.68
C ILE I 259 -22.03 -37.98 -27.41
N LEU I 260 -23.15 -38.22 -26.75
CA LEU I 260 -23.42 -37.58 -25.46
C LEU I 260 -23.04 -38.53 -24.33
N GLY I 261 -22.23 -38.05 -23.40
CA GLY I 261 -21.79 -38.89 -22.30
C GLY I 261 -21.23 -38.14 -21.11
N THR I 262 -20.70 -38.91 -20.15
CA THR I 262 -20.12 -38.35 -18.95
C THR I 262 -18.69 -38.86 -18.77
N ILE I 263 -17.76 -37.94 -18.55
CA ILE I 263 -16.36 -38.29 -18.38
C ILE I 263 -16.04 -38.58 -16.91
N LEU I 264 -15.51 -39.77 -16.65
CA LEU I 264 -15.18 -40.18 -15.29
C LEU I 264 -13.67 -40.14 -15.05
N HIS I 265 -13.28 -39.45 -13.99
CA HIS I 265 -11.87 -39.38 -13.58
C HIS I 265 -11.78 -39.42 -12.06
N PRO I 266 -10.77 -40.11 -11.52
CA PRO I 266 -10.57 -40.24 -10.07
C PRO I 266 -10.63 -38.91 -9.31
N ASN I 267 -10.18 -37.82 -9.94
CA ASN I 267 -10.16 -36.53 -9.27
C ASN I 267 -11.51 -35.81 -9.33
N GLY I 268 -12.49 -36.40 -10.03
CA GLY I 268 -13.83 -35.86 -10.03
C GLY I 268 -14.61 -35.94 -11.33
N ASN I 269 -15.88 -35.57 -11.25
CA ASN I 269 -16.75 -35.49 -12.41
C ASN I 269 -16.72 -34.08 -12.98
N ILE I 270 -16.11 -33.92 -14.15
CA ILE I 270 -15.89 -32.59 -14.74
C ILE I 270 -17.21 -31.86 -15.02
N THR I 271 -18.29 -32.62 -15.21
CA THR I 271 -19.60 -32.04 -15.44
C THR I 271 -20.11 -31.31 -14.21
N GLU I 272 -20.03 -31.97 -13.06
CA GLU I 272 -20.44 -31.37 -11.79
C GLU I 272 -19.54 -30.20 -11.43
N LEU I 273 -18.25 -30.33 -11.74
CA LEU I 273 -17.29 -29.27 -11.42
C LEU I 273 -17.55 -28.00 -12.22
N LEU I 274 -17.79 -28.16 -13.53
CA LEU I 274 -18.07 -27.04 -14.40
C LEU I 274 -19.30 -26.25 -13.92
N LEU I 275 -20.31 -26.97 -13.44
CA LEU I 275 -21.53 -26.35 -12.95
C LEU I 275 -21.31 -25.58 -11.65
N LYS I 276 -20.67 -26.23 -10.69
CA LYS I 276 -20.40 -25.62 -9.39
C LYS I 276 -19.50 -24.39 -9.51
N GLU I 277 -18.56 -24.44 -10.45
CA GLU I 277 -17.65 -23.32 -10.68
C GLU I 277 -18.34 -22.21 -11.46
N GLY I 278 -19.43 -22.55 -12.13
CA GLY I 278 -20.19 -21.58 -12.89
C GLY I 278 -19.68 -21.39 -14.31
N PHE I 279 -19.03 -22.42 -14.85
CA PHE I 279 -18.54 -22.38 -16.22
C PHE I 279 -19.54 -22.99 -17.18
N ALA I 280 -20.64 -23.51 -16.65
CA ALA I 280 -21.64 -24.17 -17.47
C ALA I 280 -23.04 -24.02 -16.87
N ARG I 281 -24.04 -24.23 -17.70
CA ARG I 281 -25.43 -24.16 -17.27
C ARG I 281 -26.13 -25.48 -17.53
N CYS I 282 -27.15 -25.79 -16.73
CA CYS I 282 -27.95 -26.99 -16.97
C CYS I 282 -28.74 -26.85 -18.25
N VAL I 283 -28.82 -27.94 -19.00
CA VAL I 283 -29.49 -27.93 -20.29
C VAL I 283 -30.59 -28.99 -20.32
N ASP I 284 -31.78 -28.59 -20.72
CA ASP I 284 -32.98 -29.40 -20.51
C ASP I 284 -33.21 -30.49 -21.57
N TRP I 285 -32.71 -30.29 -22.78
CA TRP I 285 -32.99 -31.25 -23.85
C TRP I 285 -32.20 -32.54 -23.69
N SER I 286 -31.11 -32.50 -22.93
CA SER I 286 -30.25 -33.68 -22.79
C SER I 286 -30.06 -34.10 -21.34
N ILE I 287 -30.75 -33.43 -20.41
CA ILE I 287 -30.58 -33.72 -18.99
C ILE I 287 -31.11 -35.10 -18.62
N ALA I 288 -32.00 -35.64 -19.45
CA ALA I 288 -32.61 -36.92 -19.18
C ALA I 288 -31.65 -38.08 -19.49
N VAL I 289 -30.66 -37.82 -20.33
CA VAL I 289 -29.73 -38.86 -20.74
C VAL I 289 -28.56 -38.97 -19.78
N TYR I 290 -28.41 -37.97 -18.92
CA TYR I 290 -27.39 -38.01 -17.86
C TYR I 290 -27.72 -39.12 -16.88
N THR I 291 -26.77 -40.03 -16.67
CA THR I 291 -27.03 -41.25 -15.92
C THR I 291 -26.57 -41.20 -14.47
N ARG I 292 -25.77 -40.20 -14.12
CA ARG I 292 -25.19 -40.13 -12.78
C ARG I 292 -25.92 -39.13 -11.87
N GLY I 293 -27.25 -39.23 -11.84
CA GLY I 293 -28.05 -38.38 -10.98
C GLY I 293 -28.20 -36.97 -11.53
N ALA I 294 -29.24 -36.77 -12.34
CA ALA I 294 -29.49 -35.47 -12.94
C ALA I 294 -29.82 -34.42 -11.88
N GLU I 295 -30.39 -34.87 -10.76
CA GLU I 295 -30.76 -33.98 -9.67
C GLU I 295 -29.54 -33.32 -9.05
N LYS I 296 -28.40 -34.00 -9.11
CA LYS I 296 -27.16 -33.47 -8.55
C LYS I 296 -26.58 -32.36 -9.43
N LEU I 297 -26.93 -32.37 -10.70
CA LEU I 297 -26.52 -31.32 -11.61
C LEU I 297 -27.20 -30.01 -11.26
N ARG I 298 -28.50 -30.09 -10.96
CA ARG I 298 -29.27 -28.93 -10.55
C ARG I 298 -28.67 -28.28 -9.30
N ALA I 299 -28.33 -29.12 -8.33
CA ALA I 299 -27.72 -28.65 -7.09
C ALA I 299 -26.38 -28.00 -7.36
N ALA I 300 -25.66 -28.52 -8.34
CA ALA I 300 -24.36 -27.98 -8.73
C ALA I 300 -24.53 -26.61 -9.39
N GLU I 301 -25.62 -26.45 -10.14
CA GLU I 301 -25.87 -25.19 -10.82
C GLU I 301 -26.36 -24.11 -9.84
N ARG I 302 -27.21 -24.51 -8.91
CA ARG I 302 -27.68 -23.60 -7.88
C ARG I 302 -26.52 -23.01 -7.10
N PHE I 303 -25.57 -23.86 -6.74
CA PHE I 303 -24.38 -23.48 -6.00
C PHE I 303 -23.69 -22.25 -6.62
N ALA I 304 -23.47 -22.30 -7.92
CA ALA I 304 -22.83 -21.21 -8.63
C ALA I 304 -23.78 -20.02 -8.79
N LYS I 305 -25.06 -20.31 -8.93
CA LYS I 305 -26.06 -19.27 -9.12
C LYS I 305 -26.34 -18.52 -7.83
N GLU I 306 -26.36 -19.24 -6.72
CA GLU I 306 -26.60 -18.63 -5.41
C GLU I 306 -25.41 -17.79 -4.95
N ARG I 307 -24.26 -18.02 -5.58
CA ARG I 307 -23.04 -17.33 -5.19
C ARG I 307 -22.53 -16.42 -6.31
N ARG I 308 -23.31 -16.35 -7.40
CA ARG I 308 -23.00 -15.47 -8.52
C ARG I 308 -21.60 -15.71 -9.07
N LEU I 309 -21.35 -16.94 -9.52
CA LEU I 309 -20.03 -17.31 -10.02
C LEU I 309 -19.94 -17.25 -11.54
N ARG I 310 -18.89 -16.58 -12.03
CA ARG I 310 -18.60 -16.47 -13.46
C ARG I 310 -19.81 -16.03 -14.30
N ILE I 311 -20.45 -16.98 -14.97
CA ILE I 311 -21.55 -16.66 -15.87
C ILE I 311 -22.81 -16.22 -15.13
N TRP I 312 -22.80 -16.41 -13.81
CA TRP I 312 -23.94 -16.00 -12.99
C TRP I 312 -23.68 -14.72 -12.21
N ARG I 313 -22.67 -13.95 -12.64
CA ARG I 313 -22.27 -12.76 -11.90
C ARG I 313 -23.21 -11.59 -12.09
N ASP I 314 -23.82 -11.48 -13.27
CA ASP I 314 -24.81 -10.45 -13.52
C ASP I 314 -26.22 -11.02 -13.45
N TYR I 315 -26.37 -12.10 -12.69
CA TYR I 315 -27.65 -12.80 -12.60
C TYR I 315 -28.72 -11.96 -11.89
N VAL I 316 -29.92 -12.00 -12.43
CA VAL I 316 -31.03 -11.17 -11.95
C VAL I 316 -31.98 -11.96 -11.07
N ALA I 317 -31.94 -11.70 -9.76
CA ALA I 317 -32.83 -12.36 -8.81
C ALA I 317 -34.29 -11.99 -9.09
N PRO I 318 -35.18 -12.99 -9.11
CA PRO I 318 -36.59 -12.81 -9.47
C PRO I 318 -37.51 -12.48 -8.30
N THR I 319 -37.10 -12.83 -7.08
CA THR I 319 -37.96 -12.73 -5.90
C THR I 319 -39.32 -13.37 -6.15
N SER J 28 -8.92 -14.14 -9.96
CA SER J 28 -9.35 -14.11 -11.35
C SER J 28 -10.02 -15.42 -11.74
N ASP J 29 -10.26 -15.61 -13.04
CA ASP J 29 -11.19 -16.66 -13.49
C ASP J 29 -10.55 -17.80 -14.28
N TRP J 30 -9.26 -17.71 -14.59
CA TRP J 30 -8.58 -18.82 -15.22
C TRP J 30 -8.17 -19.84 -14.16
N ASN J 31 -9.06 -20.80 -13.92
CA ASN J 31 -8.94 -21.72 -12.80
C ASN J 31 -8.14 -22.98 -13.13
N ALA J 32 -6.81 -22.89 -12.98
CA ALA J 32 -5.94 -24.04 -13.11
C ALA J 32 -6.16 -24.99 -11.93
N PRO J 33 -5.89 -26.29 -12.11
CA PRO J 33 -6.12 -27.25 -11.03
C PRO J 33 -5.07 -27.14 -9.92
N ALA J 34 -5.48 -27.45 -8.69
CA ALA J 34 -4.56 -27.43 -7.56
C ALA J 34 -3.68 -28.68 -7.56
N GLU J 35 -4.33 -29.85 -7.58
CA GLU J 35 -3.60 -31.11 -7.63
C GLU J 35 -3.20 -31.44 -9.06
N GLU J 36 -2.31 -32.42 -9.20
CA GLU J 36 -1.97 -32.95 -10.52
C GLU J 36 -3.05 -33.93 -10.98
N TRP J 37 -3.57 -33.71 -12.17
CA TRP J 37 -4.48 -34.67 -12.79
C TRP J 37 -3.68 -35.59 -13.69
N GLY J 38 -2.62 -36.17 -13.13
CA GLY J 38 -1.69 -36.98 -13.91
C GLY J 38 -2.20 -38.37 -14.22
N ASN J 39 -1.42 -39.12 -15.00
CA ASN J 39 -1.78 -40.47 -15.39
C ASN J 39 -1.02 -41.51 -14.56
N TRP J 40 -0.33 -41.04 -13.53
CA TRP J 40 0.41 -41.92 -12.63
C TRP J 40 -0.06 -41.76 -11.19
#